data_2XA6
#
_entry.id   2XA6
#
_cell.length_a   1.000
_cell.length_b   1.000
_cell.length_c   1.000
_cell.angle_alpha   90.00
_cell.angle_beta   90.00
_cell.angle_gamma   90.00
#
_symmetry.space_group_name_H-M   'P 1'
#
_entity_poly.entity_id   1
_entity_poly.type   'polypeptide(L)'
_entity_poly.pdbx_seq_one_letter_code
;GAMEPENKYLPELMAEKDSLDPSFTHAMQLLTAEIEKIQKG
;
_entity_poly.pdbx_strand_id   A,B
#
# COMPACT_ATOMS: atom_id res chain seq x y z
N PRO A 5 -4.04 -11.54 11.29
CA PRO A 5 -3.31 -11.34 12.54
C PRO A 5 -2.01 -10.59 12.34
N GLU A 6 -1.80 -9.61 13.21
CA GLU A 6 -0.69 -8.67 13.13
C GLU A 6 0.65 -9.39 13.15
N ASN A 7 0.74 -10.42 13.98
CA ASN A 7 2.00 -11.13 14.16
C ASN A 7 2.51 -11.74 12.86
N LYS A 8 1.60 -12.25 12.03
CA LYS A 8 1.98 -12.80 10.74
C LYS A 8 1.88 -11.75 9.65
N TYR A 9 0.97 -10.81 9.82
CA TYR A 9 0.72 -9.74 8.88
C TYR A 9 1.95 -8.84 8.71
N LEU A 10 2.70 -8.64 9.79
CA LEU A 10 3.86 -7.75 9.78
C LEU A 10 4.96 -8.26 8.82
N PRO A 11 5.42 -9.51 8.95
CA PRO A 11 6.42 -10.07 8.03
C PRO A 11 5.91 -10.14 6.59
N GLU A 12 4.61 -10.29 6.43
CA GLU A 12 4.01 -10.25 5.11
C GLU A 12 4.24 -8.88 4.47
N LEU A 13 4.00 -7.85 5.26
CA LEU A 13 4.17 -6.47 4.80
C LEU A 13 5.62 -6.20 4.42
N MET A 14 6.54 -6.62 5.28
CA MET A 14 7.96 -6.40 5.05
C MET A 14 8.43 -7.16 3.80
N ALA A 15 7.89 -8.34 3.57
CA ALA A 15 8.27 -9.14 2.41
C ALA A 15 7.76 -8.48 1.12
N GLU A 16 6.50 -8.07 1.13
CA GLU A 16 5.94 -7.37 -0.03
C GLU A 16 6.64 -6.02 -0.22
N LYS A 17 6.86 -5.36 0.90
CA LYS A 17 7.55 -4.07 0.89
C LYS A 17 8.92 -4.19 0.21
N ASP A 18 9.73 -5.11 0.69
CA ASP A 18 11.11 -5.22 0.21
C ASP A 18 11.20 -5.87 -1.16
N SER A 19 10.08 -6.41 -1.64
CA SER A 19 10.05 -7.03 -2.95
C SER A 19 9.37 -6.12 -3.98
N LEU A 20 8.62 -5.14 -3.49
CA LEU A 20 7.85 -4.26 -4.35
C LEU A 20 8.77 -3.27 -5.04
N ASP A 21 8.44 -2.96 -6.29
CA ASP A 21 9.24 -2.03 -7.10
C ASP A 21 9.06 -0.60 -6.60
N PRO A 22 10.18 0.14 -6.42
CA PRO A 22 10.17 1.51 -5.89
C PRO A 22 9.43 2.49 -6.81
N SER A 23 9.21 2.10 -8.07
CA SER A 23 8.50 2.95 -9.01
C SER A 23 7.07 3.21 -8.54
N PHE A 24 6.57 2.34 -7.67
CA PHE A 24 5.27 2.51 -7.06
C PHE A 24 5.43 3.23 -5.74
N THR A 25 5.53 4.55 -5.81
CA THR A 25 5.81 5.37 -4.64
C THR A 25 4.75 5.19 -3.56
N HIS A 26 3.48 5.33 -3.93
CA HIS A 26 2.40 5.30 -2.97
C HIS A 26 2.21 3.89 -2.42
N ALA A 27 2.30 2.89 -3.29
CA ALA A 27 2.23 1.49 -2.88
C ALA A 27 3.33 1.17 -1.88
N MET A 28 4.50 1.70 -2.15
CA MET A 28 5.66 1.53 -1.28
C MET A 28 5.48 2.31 0.01
N GLN A 29 4.89 3.48 -0.10
CA GLN A 29 4.65 4.33 1.07
C GLN A 29 3.61 3.71 1.99
N LEU A 30 2.54 3.19 1.43
CA LEU A 30 1.47 2.61 2.23
C LEU A 30 1.95 1.34 2.95
N LEU A 31 2.80 0.57 2.28
CA LEU A 31 3.41 -0.62 2.88
C LEU A 31 4.31 -0.21 4.03
N THR A 32 5.01 0.89 3.83
CA THR A 32 5.94 1.38 4.83
C THR A 32 5.19 1.80 6.09
N ALA A 33 4.12 2.57 5.86
CA ALA A 33 3.34 3.12 6.96
C ALA A 33 2.68 2.04 7.80
N GLU A 34 2.07 1.05 7.14
CA GLU A 34 1.38 -0.02 7.84
C GLU A 34 2.35 -0.79 8.74
N ILE A 35 3.56 -0.98 8.25
CA ILE A 35 4.59 -1.67 9.02
C ILE A 35 4.92 -0.87 10.26
N GLU A 36 5.02 0.45 10.10
CA GLU A 36 5.30 1.35 11.21
C GLU A 36 4.26 1.19 12.31
N LYS A 37 3.00 1.05 11.90
CA LYS A 37 1.89 0.95 12.84
C LYS A 37 1.97 -0.33 13.67
N ILE A 38 2.30 -1.43 13.03
CA ILE A 38 2.49 -2.69 13.74
C ILE A 38 3.74 -2.64 14.59
N GLN A 39 4.80 -2.06 14.03
CA GLN A 39 6.07 -1.93 14.75
C GLN A 39 5.90 -1.12 16.03
N LYS A 40 5.13 -0.04 15.95
CA LYS A 40 4.92 0.82 17.11
C LYS A 40 3.87 0.22 18.05
N GLY A 41 2.85 -0.40 17.47
CA GLY A 41 1.77 -0.95 18.26
C GLY A 41 0.89 0.14 18.84
N PRO B 5 -1.50 16.33 -2.86
CA PRO B 5 -2.88 16.70 -3.10
C PRO B 5 -3.73 15.54 -3.62
N GLU B 6 -4.90 15.41 -3.02
CA GLU B 6 -5.81 14.28 -3.26
C GLU B 6 -6.21 14.18 -4.72
N ASN B 7 -6.44 15.33 -5.34
CA ASN B 7 -6.91 15.37 -6.72
C ASN B 7 -5.93 14.68 -7.67
N LYS B 8 -4.63 14.85 -7.44
CA LYS B 8 -3.63 14.22 -8.27
C LYS B 8 -3.21 12.89 -7.67
N TYR B 9 -3.27 12.79 -6.34
CA TYR B 9 -2.90 11.61 -5.60
C TYR B 9 -3.77 10.40 -5.98
N LEU B 10 -5.04 10.64 -6.24
CA LEU B 10 -5.99 9.59 -6.54
C LEU B 10 -5.63 8.82 -7.82
N PRO B 11 -5.43 9.50 -8.96
CA PRO B 11 -5.02 8.84 -10.19
C PRO B 11 -3.66 8.17 -10.07
N GLU B 12 -2.81 8.71 -9.20
CA GLU B 12 -1.53 8.08 -8.93
C GLU B 12 -1.74 6.71 -8.30
N LEU B 13 -2.66 6.66 -7.33
CA LEU B 13 -2.97 5.43 -6.64
C LEU B 13 -3.54 4.39 -7.60
N MET B 14 -4.48 4.83 -8.43
CA MET B 14 -5.12 3.92 -9.39
C MET B 14 -4.11 3.40 -10.41
N ALA B 15 -3.16 4.24 -10.81
CA ALA B 15 -2.15 3.81 -11.77
C ALA B 15 -1.20 2.79 -11.15
N GLU B 16 -0.74 3.06 -9.93
CA GLU B 16 0.11 2.12 -9.22
C GLU B 16 -0.68 0.85 -8.91
N LYS B 17 -1.90 1.06 -8.48
CA LYS B 17 -2.79 -0.06 -8.17
C LYS B 17 -2.94 -1.01 -9.36
N ASP B 18 -3.30 -0.47 -10.50
CA ASP B 18 -3.62 -1.28 -11.66
C ASP B 18 -2.36 -1.80 -12.36
N SER B 19 -1.20 -1.30 -11.93
CA SER B 19 0.07 -1.75 -12.50
C SER B 19 0.80 -2.70 -11.55
N LEU B 20 0.40 -2.68 -10.28
CA LEU B 20 1.06 -3.46 -9.26
C LEU B 20 0.70 -4.93 -9.40
N ASP B 21 1.67 -5.80 -9.12
CA ASP B 21 1.47 -7.24 -9.24
C ASP B 21 0.58 -7.75 -8.10
N PRO B 22 -0.44 -8.57 -8.43
CA PRO B 22 -1.41 -9.10 -7.45
C PRO B 22 -0.77 -10.00 -6.40
N SER B 23 0.45 -10.47 -6.66
CA SER B 23 1.16 -11.32 -5.71
C SER B 23 1.43 -10.56 -4.42
N PHE B 24 1.39 -9.24 -4.50
CA PHE B 24 1.54 -8.40 -3.31
C PHE B 24 0.16 -8.07 -2.77
N THR B 25 -0.40 -8.99 -2.00
CA THR B 25 -1.75 -8.86 -1.51
C THR B 25 -1.95 -7.60 -0.69
N HIS B 26 -1.10 -7.39 0.29
CA HIS B 26 -1.24 -6.28 1.21
C HIS B 26 -0.97 -4.96 0.52
N ALA B 27 0.06 -4.93 -0.32
CA ALA B 27 0.38 -3.74 -1.11
C ALA B 27 -0.79 -3.37 -2.00
N MET B 28 -1.41 -4.38 -2.57
CA MET B 28 -2.57 -4.20 -3.42
C MET B 28 -3.78 -3.78 -2.60
N GLN B 29 -3.90 -4.34 -1.41
CA GLN B 29 -5.01 -4.03 -0.51
C GLN B 29 -4.90 -2.58 -0.01
N LEU B 30 -3.72 -2.16 0.37
CA LEU B 30 -3.54 -0.82 0.91
C LEU B 30 -3.77 0.24 -0.17
N LEU B 31 -3.36 -0.07 -1.40
CA LEU B 31 -3.63 0.82 -2.54
C LEU B 31 -5.12 0.92 -2.79
N THR B 32 -5.79 -0.21 -2.62
CA THR B 32 -7.22 -0.26 -2.87
C THR B 32 -7.96 0.60 -1.84
N ALA B 33 -7.59 0.43 -0.58
CA ALA B 33 -8.25 1.11 0.52
C ALA B 33 -8.08 2.63 0.42
N GLU B 34 -6.85 3.09 0.14
CA GLU B 34 -6.58 4.52 0.07
C GLU B 34 -7.41 5.18 -1.03
N ILE B 35 -7.57 4.46 -2.14
CA ILE B 35 -8.38 4.95 -3.23
C ILE B 35 -9.83 5.10 -2.79
N GLU B 36 -10.31 4.13 -2.03
CA GLU B 36 -11.67 4.16 -1.50
C GLU B 36 -11.90 5.41 -0.67
N LYS B 37 -10.89 5.77 0.12
CA LYS B 37 -10.98 6.91 1.03
C LYS B 37 -11.11 8.22 0.24
N ILE B 38 -10.32 8.36 -0.81
CA ILE B 38 -10.42 9.54 -1.66
C ILE B 38 -11.72 9.53 -2.45
N GLN B 39 -12.09 8.36 -2.95
CA GLN B 39 -13.32 8.19 -3.70
C GLN B 39 -14.54 8.58 -2.87
N LYS B 40 -14.55 8.18 -1.61
CA LYS B 40 -15.67 8.48 -0.72
C LYS B 40 -15.58 9.91 -0.20
N GLY B 41 -14.36 10.35 0.10
CA GLY B 41 -14.17 11.67 0.65
C GLY B 41 -14.62 11.75 2.09
N PRO A 5 -4.10 -11.49 12.21
CA PRO A 5 -3.19 -11.21 13.32
C PRO A 5 -2.03 -10.33 12.88
N GLU A 6 -1.92 -9.15 13.48
CA GLU A 6 -0.91 -8.18 13.11
C GLU A 6 0.49 -8.76 13.29
N ASN A 7 0.60 -9.75 14.17
CA ASN A 7 1.88 -10.41 14.43
C ASN A 7 2.39 -11.12 13.18
N LYS A 8 1.48 -11.65 12.37
CA LYS A 8 1.84 -12.33 11.14
C LYS A 8 1.68 -11.41 9.95
N TYR A 9 0.76 -10.46 10.06
CA TYR A 9 0.51 -9.47 9.03
C TYR A 9 1.74 -8.57 8.80
N LEU A 10 2.52 -8.35 9.85
CA LEU A 10 3.69 -7.47 9.78
C LEU A 10 4.77 -8.00 8.84
N PRO A 11 5.27 -9.25 9.02
CA PRO A 11 6.31 -9.82 8.16
C PRO A 11 5.86 -9.92 6.71
N GLU A 12 4.56 -10.09 6.51
CA GLU A 12 4.01 -10.07 5.17
C GLU A 12 4.23 -8.72 4.51
N LEU A 13 3.97 -7.67 5.28
CA LEU A 13 4.11 -6.30 4.78
C LEU A 13 5.56 -6.01 4.39
N MET A 14 6.48 -6.40 5.26
CA MET A 14 7.90 -6.16 5.02
C MET A 14 8.39 -6.95 3.80
N ALA A 15 7.84 -8.13 3.59
CA ALA A 15 8.23 -8.95 2.44
C ALA A 15 7.74 -8.34 1.14
N GLU A 16 6.47 -7.94 1.12
CA GLU A 16 5.91 -7.27 -0.05
C GLU A 16 6.60 -5.92 -0.25
N LYS A 17 6.86 -5.27 0.87
CA LYS A 17 7.58 -3.99 0.84
C LYS A 17 8.97 -4.16 0.23
N ASP A 18 9.70 -5.16 0.72
CA ASP A 18 11.07 -5.40 0.25
C ASP A 18 11.08 -5.83 -1.22
N SER A 19 10.02 -6.49 -1.65
CA SER A 19 9.95 -7.05 -2.99
C SER A 19 9.34 -6.06 -4.00
N LEU A 20 8.57 -5.12 -3.51
CA LEU A 20 7.85 -4.19 -4.38
C LEU A 20 8.84 -3.26 -5.09
N ASP A 21 8.53 -2.94 -6.34
CA ASP A 21 9.39 -2.06 -7.14
C ASP A 21 9.19 -0.61 -6.73
N PRO A 22 10.30 0.13 -6.56
CA PRO A 22 10.29 1.52 -6.07
C PRO A 22 9.52 2.49 -6.96
N SER A 23 9.26 2.09 -8.21
CA SER A 23 8.52 2.94 -9.14
C SER A 23 7.10 3.20 -8.63
N PHE A 24 6.63 2.34 -7.74
CA PHE A 24 5.32 2.52 -7.11
C PHE A 24 5.50 3.23 -5.79
N THR A 25 5.56 4.55 -5.84
CA THR A 25 5.84 5.35 -4.67
C THR A 25 4.81 5.14 -3.57
N HIS A 26 3.54 5.31 -3.91
CA HIS A 26 2.48 5.26 -2.92
C HIS A 26 2.26 3.85 -2.40
N ALA A 27 2.35 2.87 -3.29
CA ALA A 27 2.26 1.47 -2.90
C ALA A 27 3.35 1.12 -1.89
N MET A 28 4.55 1.62 -2.16
CA MET A 28 5.67 1.40 -1.28
C MET A 28 5.52 2.19 0.01
N GLN A 29 4.91 3.36 -0.12
CA GLN A 29 4.66 4.24 1.02
C GLN A 29 3.61 3.64 1.96
N LEU A 30 2.53 3.13 1.41
CA LEU A 30 1.45 2.60 2.24
C LEU A 30 1.89 1.33 2.95
N LEU A 31 2.72 0.53 2.29
CA LEU A 31 3.31 -0.66 2.89
C LEU A 31 4.18 -0.26 4.06
N THR A 32 4.89 0.84 3.89
CA THR A 32 5.82 1.30 4.90
C THR A 32 5.07 1.79 6.14
N ALA A 33 4.03 2.58 5.90
CA ALA A 33 3.25 3.17 6.97
C ALA A 33 2.60 2.10 7.85
N GLU A 34 2.01 1.09 7.22
CA GLU A 34 1.34 0.02 7.95
C GLU A 34 2.33 -0.74 8.82
N ILE A 35 3.54 -0.89 8.32
CA ILE A 35 4.61 -1.53 9.09
C ILE A 35 4.97 -0.69 10.32
N GLU A 36 5.05 0.63 10.12
CA GLU A 36 5.29 1.56 11.21
C GLU A 36 4.20 1.43 12.26
N LYS A 37 3.00 1.22 11.77
CA LYS A 37 1.80 1.09 12.60
C LYS A 37 1.88 -0.13 13.51
N ILE A 38 2.22 -1.28 12.96
CA ILE A 38 2.32 -2.50 13.75
C ILE A 38 3.52 -2.45 14.68
N GLN A 39 4.63 -1.94 14.17
CA GLN A 39 5.88 -1.90 14.94
C GLN A 39 5.80 -0.93 16.11
N LYS A 40 4.99 0.12 15.99
CA LYS A 40 4.84 1.08 17.09
C LYS A 40 3.94 0.52 18.18
N GLY A 41 3.09 -0.43 17.82
CA GLY A 41 2.21 -1.04 18.77
C GLY A 41 0.76 -0.72 18.50
N PRO B 5 -2.15 16.92 -2.61
CA PRO B 5 -3.56 17.08 -2.97
C PRO B 5 -4.19 15.74 -3.34
N GLU B 6 -5.20 15.35 -2.57
CA GLU B 6 -5.86 14.06 -2.74
C GLU B 6 -6.45 13.94 -4.15
N ASN B 7 -6.75 15.10 -4.74
CA ASN B 7 -7.30 15.15 -6.09
C ASN B 7 -6.32 14.57 -7.11
N LYS B 8 -5.03 14.76 -6.88
CA LYS B 8 -4.01 14.24 -7.77
C LYS B 8 -3.43 12.95 -7.22
N TYR B 9 -3.45 12.81 -5.90
CA TYR B 9 -2.98 11.62 -5.21
C TYR B 9 -3.81 10.39 -5.59
N LEU B 10 -5.09 10.60 -5.88
CA LEU B 10 -6.01 9.51 -6.20
C LEU B 10 -5.64 8.77 -7.49
N PRO B 11 -5.49 9.47 -8.64
CA PRO B 11 -5.13 8.83 -9.92
C PRO B 11 -3.77 8.14 -9.84
N GLU B 12 -2.89 8.66 -9.01
CA GLU B 12 -1.60 8.03 -8.78
C GLU B 12 -1.81 6.65 -8.16
N LEU B 13 -2.71 6.58 -7.18
CA LEU B 13 -2.99 5.34 -6.48
C LEU B 13 -3.56 4.29 -7.41
N MET B 14 -4.51 4.71 -8.24
CA MET B 14 -5.14 3.80 -9.18
C MET B 14 -4.15 3.31 -10.23
N ALA B 15 -3.21 4.15 -10.62
CA ALA B 15 -2.21 3.76 -11.60
C ALA B 15 -1.24 2.72 -11.02
N GLU B 16 -0.76 3.00 -9.80
CA GLU B 16 0.12 2.05 -9.13
C GLU B 16 -0.66 0.78 -8.80
N LYS B 17 -1.90 0.98 -8.41
CA LYS B 17 -2.78 -0.14 -8.13
C LYS B 17 -2.96 -1.02 -9.37
N ASP B 18 -3.28 -0.39 -10.49
CA ASP B 18 -3.51 -1.11 -11.74
C ASP B 18 -2.25 -1.80 -12.23
N SER B 19 -1.10 -1.21 -11.93
CA SER B 19 0.17 -1.70 -12.43
C SER B 19 0.82 -2.72 -11.49
N LEU B 20 0.44 -2.68 -10.22
CA LEU B 20 1.06 -3.52 -9.20
C LEU B 20 0.69 -4.99 -9.44
N ASP B 21 1.65 -5.87 -9.18
CA ASP B 21 1.43 -7.30 -9.37
C ASP B 21 0.60 -7.88 -8.23
N PRO B 22 -0.40 -8.71 -8.55
CA PRO B 22 -1.37 -9.26 -7.57
C PRO B 22 -0.71 -10.14 -6.49
N SER B 23 0.52 -10.58 -6.74
CA SER B 23 1.23 -11.40 -5.76
C SER B 23 1.46 -10.64 -4.46
N PHE B 24 1.39 -9.32 -4.54
CA PHE B 24 1.52 -8.47 -3.35
C PHE B 24 0.14 -8.13 -2.82
N THR B 25 -0.42 -9.02 -2.04
CA THR B 25 -1.78 -8.89 -1.57
C THR B 25 -1.99 -7.60 -0.77
N HIS B 26 -1.16 -7.40 0.24
CA HIS B 26 -1.33 -6.27 1.15
C HIS B 26 -1.02 -4.95 0.46
N ALA B 27 0.02 -4.95 -0.37
CA ALA B 27 0.37 -3.77 -1.14
C ALA B 27 -0.78 -3.36 -2.04
N MET B 28 -1.40 -4.36 -2.65
CA MET B 28 -2.53 -4.12 -3.52
C MET B 28 -3.76 -3.73 -2.71
N GLN B 29 -3.86 -4.29 -1.51
CA GLN B 29 -4.96 -4.00 -0.60
C GLN B 29 -4.87 -2.57 -0.09
N LEU B 30 -3.70 -2.14 0.34
CA LEU B 30 -3.53 -0.82 0.91
C LEU B 30 -3.75 0.27 -0.14
N LEU B 31 -3.34 -0.02 -1.36
CA LEU B 31 -3.57 0.89 -2.49
C LEU B 31 -5.07 1.02 -2.73
N THR B 32 -5.76 -0.08 -2.57
CA THR B 32 -7.19 -0.11 -2.83
C THR B 32 -7.94 0.69 -1.78
N ALA B 33 -7.57 0.49 -0.51
CA ALA B 33 -8.23 1.14 0.60
C ALA B 33 -8.11 2.66 0.53
N GLU B 34 -6.90 3.14 0.23
CA GLU B 34 -6.65 4.57 0.15
C GLU B 34 -7.49 5.20 -0.97
N ILE B 35 -7.66 4.46 -2.05
CA ILE B 35 -8.50 4.90 -3.15
C ILE B 35 -9.95 5.02 -2.69
N GLU B 36 -10.41 4.02 -1.93
CA GLU B 36 -11.75 4.04 -1.37
C GLU B 36 -11.93 5.27 -0.49
N LYS B 37 -10.86 5.60 0.21
CA LYS B 37 -10.82 6.72 1.14
C LYS B 37 -11.02 8.06 0.43
N ILE B 38 -10.28 8.27 -0.66
CA ILE B 38 -10.40 9.52 -1.39
C ILE B 38 -11.73 9.58 -2.15
N GLN B 39 -12.13 8.46 -2.72
CA GLN B 39 -13.35 8.40 -3.52
C GLN B 39 -14.61 8.58 -2.67
N LYS B 40 -14.55 8.19 -1.40
CA LYS B 40 -15.70 8.35 -0.51
C LYS B 40 -15.82 9.80 -0.05
N GLY B 41 -14.72 10.52 -0.07
CA GLY B 41 -14.73 11.91 0.32
C GLY B 41 -13.91 12.15 1.58
N PRO A 5 -1.94 -15.76 11.98
CA PRO A 5 -1.51 -15.03 13.15
C PRO A 5 -1.46 -13.52 12.88
N GLU A 6 -2.11 -12.78 13.76
CA GLU A 6 -2.35 -11.35 13.53
C GLU A 6 -1.05 -10.53 13.57
N ASN A 7 -0.01 -11.05 14.21
CA ASN A 7 1.27 -10.36 14.31
C ASN A 7 2.10 -10.65 13.08
N LYS A 8 2.02 -11.89 12.59
CA LYS A 8 2.73 -12.29 11.38
C LYS A 8 2.22 -11.54 10.14
N TYR A 9 1.25 -10.66 10.34
CA TYR A 9 0.84 -9.68 9.33
C TYR A 9 2.00 -8.73 9.03
N LEU A 10 2.85 -8.53 10.03
CA LEU A 10 3.98 -7.61 9.95
C LEU A 10 5.02 -8.08 8.91
N PRO A 11 5.54 -9.33 9.00
CA PRO A 11 6.51 -9.85 8.05
C PRO A 11 5.94 -9.93 6.63
N GLU A 12 4.64 -10.10 6.52
CA GLU A 12 3.98 -10.08 5.23
C GLU A 12 4.19 -8.72 4.56
N LEU A 13 3.98 -7.68 5.34
CA LEU A 13 4.16 -6.32 4.86
C LEU A 13 5.60 -6.06 4.48
N MET A 14 6.53 -6.48 5.33
CA MET A 14 7.95 -6.27 5.07
C MET A 14 8.41 -7.04 3.83
N ALA A 15 7.87 -8.23 3.63
CA ALA A 15 8.24 -9.04 2.47
C ALA A 15 7.73 -8.41 1.18
N GLU A 16 6.46 -8.00 1.18
CA GLU A 16 5.90 -7.31 0.01
C GLU A 16 6.61 -5.98 -0.18
N LYS A 17 6.88 -5.33 0.94
CA LYS A 17 7.59 -4.06 0.92
C LYS A 17 8.95 -4.19 0.23
N ASP A 18 9.75 -5.13 0.70
CA ASP A 18 11.12 -5.26 0.20
C ASP A 18 11.17 -5.87 -1.19
N SER A 19 10.07 -6.48 -1.61
CA SER A 19 10.02 -7.10 -2.93
C SER A 19 9.32 -6.19 -3.95
N LEU A 20 8.60 -5.21 -3.46
CA LEU A 20 7.84 -4.32 -4.31
C LEU A 20 8.75 -3.35 -5.05
N ASP A 21 8.39 -3.04 -6.29
CA ASP A 21 9.18 -2.14 -7.12
C ASP A 21 9.01 -0.70 -6.65
N PRO A 22 10.14 0.01 -6.43
CA PRO A 22 10.14 1.39 -5.91
C PRO A 22 9.43 2.38 -6.84
N SER A 23 9.21 1.97 -8.09
CA SER A 23 8.51 2.82 -9.05
C SER A 23 7.09 3.12 -8.58
N PHE A 24 6.58 2.27 -7.68
CA PHE A 24 5.27 2.48 -7.09
C PHE A 24 5.43 3.20 -5.76
N THR A 25 5.51 4.52 -5.83
CA THR A 25 5.76 5.35 -4.66
C THR A 25 4.73 5.12 -3.56
N HIS A 26 3.47 5.28 -3.89
CA HIS A 26 2.41 5.21 -2.90
C HIS A 26 2.22 3.79 -2.38
N ALA A 27 2.31 2.82 -3.27
CA ALA A 27 2.24 1.42 -2.89
C ALA A 27 3.35 1.08 -1.91
N MET A 28 4.52 1.62 -2.18
CA MET A 28 5.68 1.43 -1.32
C MET A 28 5.51 2.21 -0.02
N GLN A 29 4.94 3.39 -0.14
CA GLN A 29 4.72 4.25 1.02
C GLN A 29 3.67 3.69 1.96
N LEU A 30 2.58 3.17 1.42
CA LEU A 30 1.51 2.63 2.24
C LEU A 30 1.98 1.36 2.97
N LEU A 31 2.81 0.57 2.30
CA LEU A 31 3.41 -0.61 2.91
C LEU A 31 4.30 -0.21 4.05
N THR A 32 5.01 0.90 3.86
CA THR A 32 5.92 1.39 4.86
C THR A 32 5.18 1.85 6.11
N ALA A 33 4.13 2.62 5.89
CA ALA A 33 3.36 3.21 6.97
C ALA A 33 2.69 2.14 7.84
N GLU A 34 2.08 1.14 7.20
CA GLU A 34 1.39 0.08 7.94
C GLU A 34 2.35 -0.68 8.83
N ILE A 35 3.57 -0.88 8.34
CA ILE A 35 4.60 -1.54 9.12
C ILE A 35 4.94 -0.72 10.35
N GLU A 36 5.01 0.60 10.18
CA GLU A 36 5.27 1.52 11.27
C GLU A 36 4.22 1.38 12.36
N LYS A 37 2.96 1.21 11.94
CA LYS A 37 1.83 1.05 12.86
C LYS A 37 2.02 -0.18 13.73
N ILE A 38 2.44 -1.28 13.12
CA ILE A 38 2.68 -2.51 13.87
C ILE A 38 3.94 -2.38 14.73
N GLN A 39 5.01 -1.83 14.13
CA GLN A 39 6.29 -1.71 14.81
C GLN A 39 6.22 -0.83 16.05
N LYS A 40 5.40 0.21 16.01
CA LYS A 40 5.27 1.13 17.14
C LYS A 40 4.62 0.43 18.33
N GLY A 41 3.74 -0.51 18.04
CA GLY A 41 2.98 -1.13 19.09
C GLY A 41 1.57 -0.59 19.16
N PRO B 5 -1.24 18.54 -7.06
CA PRO B 5 -2.65 18.66 -6.73
C PRO B 5 -3.11 17.52 -5.85
N GLU B 6 -3.76 17.87 -4.74
CA GLU B 6 -4.07 16.93 -3.68
C GLU B 6 -5.11 15.90 -4.10
N ASN B 7 -5.88 16.21 -5.13
CA ASN B 7 -6.92 15.29 -5.63
C ASN B 7 -6.30 14.32 -6.61
N LYS B 8 -5.37 14.81 -7.42
CA LYS B 8 -4.65 13.99 -8.39
C LYS B 8 -3.79 12.93 -7.70
N TYR B 9 -3.81 12.91 -6.37
CA TYR B 9 -3.27 11.81 -5.58
C TYR B 9 -4.04 10.52 -5.87
N LEU B 10 -5.31 10.69 -6.23
CA LEU B 10 -6.21 9.57 -6.50
C LEU B 10 -5.76 8.76 -7.72
N PRO B 11 -5.59 9.39 -8.92
CA PRO B 11 -5.14 8.67 -10.11
C PRO B 11 -3.76 8.05 -9.95
N GLU B 12 -2.93 8.65 -9.09
CA GLU B 12 -1.64 8.06 -8.78
C GLU B 12 -1.83 6.69 -8.15
N LEU B 13 -2.75 6.63 -7.20
CA LEU B 13 -3.06 5.38 -6.52
C LEU B 13 -3.61 4.35 -7.49
N MET B 14 -4.55 4.77 -8.34
CA MET B 14 -5.17 3.87 -9.30
C MET B 14 -4.15 3.36 -10.31
N ALA B 15 -3.21 4.21 -10.71
CA ALA B 15 -2.20 3.81 -11.68
C ALA B 15 -1.24 2.79 -11.08
N GLU B 16 -0.77 3.07 -9.86
CA GLU B 16 0.10 2.11 -9.17
C GLU B 16 -0.69 0.85 -8.85
N LYS B 17 -1.94 1.05 -8.47
CA LYS B 17 -2.83 -0.07 -8.17
C LYS B 17 -2.96 -1.00 -9.37
N ASP B 18 -3.31 -0.45 -10.53
CA ASP B 18 -3.60 -1.26 -11.70
C ASP B 18 -2.32 -1.81 -12.32
N SER B 19 -1.18 -1.23 -11.97
CA SER B 19 0.10 -1.67 -12.52
C SER B 19 0.83 -2.61 -11.57
N LEU B 20 0.41 -2.62 -10.31
CA LEU B 20 1.07 -3.41 -9.28
C LEU B 20 0.74 -4.89 -9.45
N ASP B 21 1.71 -5.73 -9.16
CA ASP B 21 1.55 -7.17 -9.29
C ASP B 21 0.67 -7.70 -8.15
N PRO B 22 -0.38 -8.48 -8.49
CA PRO B 22 -1.35 -9.02 -7.53
C PRO B 22 -0.71 -9.95 -6.49
N SER B 23 0.51 -10.41 -6.77
CA SER B 23 1.23 -11.27 -5.84
C SER B 23 1.47 -10.55 -4.51
N PHE B 24 1.42 -9.23 -4.55
CA PHE B 24 1.55 -8.42 -3.35
C PHE B 24 0.18 -8.08 -2.81
N THR B 25 -0.36 -8.99 -2.02
CA THR B 25 -1.72 -8.86 -1.52
C THR B 25 -1.93 -7.57 -0.73
N HIS B 26 -1.10 -7.34 0.26
CA HIS B 26 -1.27 -6.20 1.15
C HIS B 26 -0.96 -4.89 0.45
N ALA B 27 0.08 -4.90 -0.39
CA ALA B 27 0.43 -3.73 -1.19
C ALA B 27 -0.74 -3.35 -2.09
N MET B 28 -1.36 -4.36 -2.66
CA MET B 28 -2.52 -4.18 -3.52
C MET B 28 -3.73 -3.75 -2.70
N GLN B 29 -3.86 -4.33 -1.52
CA GLN B 29 -4.98 -4.03 -0.64
C GLN B 29 -4.90 -2.61 -0.08
N LEU B 30 -3.71 -2.18 0.32
CA LEU B 30 -3.55 -0.85 0.89
C LEU B 30 -3.80 0.22 -0.18
N LEU B 31 -3.37 -0.07 -1.41
CA LEU B 31 -3.64 0.83 -2.54
C LEU B 31 -5.13 0.93 -2.78
N THR B 32 -5.82 -0.19 -2.61
CA THR B 32 -7.24 -0.24 -2.85
C THR B 32 -7.98 0.60 -1.81
N ALA B 33 -7.61 0.41 -0.56
CA ALA B 33 -8.27 1.07 0.55
C ALA B 33 -8.13 2.59 0.49
N GLU B 34 -6.92 3.07 0.20
CA GLU B 34 -6.66 4.50 0.14
C GLU B 34 -7.49 5.16 -0.95
N ILE B 35 -7.67 4.44 -2.05
CA ILE B 35 -8.49 4.93 -3.14
C ILE B 35 -9.93 5.07 -2.69
N GLU B 36 -10.40 4.09 -1.91
CA GLU B 36 -11.74 4.12 -1.35
C GLU B 36 -11.96 5.36 -0.50
N LYS B 37 -10.93 5.72 0.26
CA LYS B 37 -10.97 6.90 1.14
C LYS B 37 -11.20 8.17 0.32
N ILE B 38 -10.49 8.29 -0.79
CA ILE B 38 -10.65 9.44 -1.66
C ILE B 38 -11.99 9.38 -2.40
N GLN B 39 -12.32 8.21 -2.91
CA GLN B 39 -13.53 8.02 -3.71
C GLN B 39 -14.80 8.31 -2.91
N LYS B 40 -14.79 7.96 -1.62
CA LYS B 40 -15.96 8.17 -0.77
C LYS B 40 -16.22 9.66 -0.55
N GLY B 41 -15.15 10.45 -0.55
CA GLY B 41 -15.29 11.85 -0.24
C GLY B 41 -14.84 12.15 1.18
N PRO A 5 -1.88 -16.27 12.53
CA PRO A 5 -1.52 -15.24 13.50
C PRO A 5 -1.60 -13.84 12.89
N GLU A 6 -2.38 -12.98 13.52
CA GLU A 6 -2.59 -11.62 13.04
C GLU A 6 -1.31 -10.81 13.08
N ASN A 7 -0.38 -11.19 13.96
CA ASN A 7 0.91 -10.53 14.09
C ASN A 7 1.76 -10.79 12.85
N LYS A 8 1.67 -12.00 12.34
CA LYS A 8 2.37 -12.41 11.11
C LYS A 8 2.01 -11.51 9.92
N TYR A 9 1.01 -10.65 10.07
CA TYR A 9 0.68 -9.67 9.05
C TYR A 9 1.85 -8.71 8.83
N LEU A 10 2.63 -8.48 9.89
CA LEU A 10 3.75 -7.56 9.86
C LEU A 10 4.86 -8.04 8.92
N PRO A 11 5.40 -9.28 9.10
CA PRO A 11 6.43 -9.82 8.21
C PRO A 11 5.95 -9.95 6.76
N GLU A 12 4.66 -10.15 6.59
CA GLU A 12 4.07 -10.17 5.26
C GLU A 12 4.28 -8.83 4.58
N LEU A 13 4.02 -7.76 5.33
CA LEU A 13 4.16 -6.39 4.83
C LEU A 13 5.61 -6.09 4.47
N MET A 14 6.52 -6.46 5.36
CA MET A 14 7.95 -6.21 5.13
C MET A 14 8.46 -7.00 3.92
N ALA A 15 7.91 -8.19 3.72
CA ALA A 15 8.32 -9.01 2.58
C ALA A 15 7.85 -8.39 1.26
N GLU A 16 6.59 -7.98 1.21
CA GLU A 16 6.06 -7.30 0.03
C GLU A 16 6.77 -5.97 -0.14
N LYS A 17 7.00 -5.31 0.99
CA LYS A 17 7.69 -4.04 0.98
C LYS A 17 9.08 -4.16 0.38
N ASP A 18 9.83 -5.16 0.82
CA ASP A 18 11.19 -5.36 0.33
C ASP A 18 11.21 -5.80 -1.14
N SER A 19 10.16 -6.49 -1.56
CA SER A 19 10.11 -7.08 -2.90
C SER A 19 9.44 -6.15 -3.91
N LEU A 20 8.66 -5.21 -3.43
CA LEU A 20 7.88 -4.33 -4.29
C LEU A 20 8.80 -3.33 -4.99
N ASP A 21 8.51 -3.05 -6.25
CA ASP A 21 9.33 -2.15 -7.05
C ASP A 21 9.12 -0.69 -6.63
N PRO A 22 10.22 0.06 -6.46
CA PRO A 22 10.19 1.45 -5.98
C PRO A 22 9.45 2.41 -6.91
N SER A 23 9.23 2.00 -8.16
CA SER A 23 8.50 2.82 -9.11
C SER A 23 7.08 3.06 -8.62
N PHE A 24 6.59 2.19 -7.76
CA PHE A 24 5.29 2.36 -7.14
C PHE A 24 5.46 3.06 -5.81
N THR A 25 5.56 4.38 -5.87
CA THR A 25 5.86 5.17 -4.69
C THR A 25 4.79 5.04 -3.62
N HIS A 26 3.54 5.20 -4.01
CA HIS A 26 2.44 5.20 -3.06
C HIS A 26 2.21 3.81 -2.49
N ALA A 27 2.30 2.79 -3.35
CA ALA A 27 2.21 1.40 -2.91
C ALA A 27 3.30 1.09 -1.89
N MET A 28 4.49 1.62 -2.18
CA MET A 28 5.63 1.46 -1.30
C MET A 28 5.43 2.22 0.00
N GLN A 29 4.83 3.40 -0.10
CA GLN A 29 4.58 4.22 1.07
C GLN A 29 3.53 3.60 1.98
N LEU A 30 2.46 3.08 1.39
CA LEU A 30 1.38 2.52 2.19
C LEU A 30 1.83 1.25 2.90
N LEU A 31 2.69 0.47 2.23
CA LEU A 31 3.31 -0.69 2.85
C LEU A 31 4.16 -0.26 4.03
N THR A 32 4.82 0.87 3.86
CA THR A 32 5.70 1.38 4.89
C THR A 32 4.90 1.82 6.12
N ALA A 33 3.83 2.57 5.86
CA ALA A 33 3.02 3.15 6.92
C ALA A 33 2.37 2.08 7.79
N GLU A 34 1.79 1.06 7.16
CA GLU A 34 1.14 -0.03 7.89
C GLU A 34 2.14 -0.74 8.80
N ILE A 35 3.36 -0.92 8.29
CA ILE A 35 4.41 -1.53 9.08
C ILE A 35 4.73 -0.68 10.29
N GLU A 36 4.84 0.63 10.07
CA GLU A 36 5.08 1.58 11.15
C GLU A 36 3.98 1.47 12.20
N LYS A 37 2.76 1.27 11.72
CA LYS A 37 1.59 1.20 12.57
C LYS A 37 1.64 -0.03 13.47
N ILE A 38 2.01 -1.18 12.91
CA ILE A 38 2.16 -2.40 13.69
C ILE A 38 3.37 -2.31 14.62
N GLN A 39 4.49 -1.82 14.10
CA GLN A 39 5.73 -1.71 14.87
C GLN A 39 5.54 -0.83 16.10
N LYS A 40 4.79 0.25 15.95
CA LYS A 40 4.55 1.17 17.06
C LYS A 40 3.53 0.57 18.03
N GLY A 41 2.59 -0.19 17.49
CA GLY A 41 1.50 -0.71 18.27
C GLY A 41 0.44 0.36 18.51
N PRO B 5 -1.44 19.20 -7.33
CA PRO B 5 -2.78 19.03 -6.80
C PRO B 5 -2.89 17.78 -5.93
N GLU B 6 -3.32 17.98 -4.69
CA GLU B 6 -3.44 16.90 -3.72
C GLU B 6 -4.48 15.87 -4.16
N ASN B 7 -5.43 16.30 -4.97
CA ASN B 7 -6.48 15.41 -5.48
C ASN B 7 -5.87 14.41 -6.46
N LYS B 8 -4.93 14.89 -7.26
CA LYS B 8 -4.21 14.04 -8.22
C LYS B 8 -3.50 12.85 -7.54
N TYR B 9 -3.47 12.83 -6.22
CA TYR B 9 -2.96 11.69 -5.47
C TYR B 9 -3.80 10.45 -5.75
N LEU B 10 -5.08 10.67 -6.05
CA LEU B 10 -6.03 9.59 -6.29
C LEU B 10 -5.69 8.81 -7.58
N PRO B 11 -5.58 9.48 -8.75
CA PRO B 11 -5.22 8.81 -10.01
C PRO B 11 -3.84 8.16 -9.94
N GLU B 12 -2.96 8.72 -9.11
CA GLU B 12 -1.65 8.11 -8.88
C GLU B 12 -1.83 6.72 -8.26
N LEU B 13 -2.71 6.66 -7.27
CA LEU B 13 -2.99 5.41 -6.57
C LEU B 13 -3.59 4.37 -7.50
N MET B 14 -4.56 4.80 -8.30
CA MET B 14 -5.23 3.89 -9.24
C MET B 14 -4.25 3.39 -10.30
N ALA B 15 -3.30 4.23 -10.70
CA ALA B 15 -2.31 3.84 -11.69
C ALA B 15 -1.35 2.79 -11.13
N GLU B 16 -0.85 3.04 -9.93
CA GLU B 16 0.01 2.06 -9.26
C GLU B 16 -0.80 0.80 -8.95
N LYS B 17 -2.02 1.03 -8.54
CA LYS B 17 -2.93 -0.07 -8.22
C LYS B 17 -3.14 -0.97 -9.44
N ASP B 18 -3.42 -0.38 -10.58
CA ASP B 18 -3.66 -1.14 -11.81
C ASP B 18 -2.39 -1.83 -12.31
N SER B 19 -1.25 -1.22 -12.03
CA SER B 19 0.02 -1.70 -12.56
C SER B 19 0.73 -2.66 -11.60
N LEU B 20 0.36 -2.61 -10.33
CA LEU B 20 1.02 -3.41 -9.31
C LEU B 20 0.65 -4.87 -9.46
N ASP B 21 1.62 -5.75 -9.22
CA ASP B 21 1.43 -7.18 -9.38
C ASP B 21 0.60 -7.74 -8.22
N PRO B 22 -0.41 -8.57 -8.54
CA PRO B 22 -1.35 -9.12 -7.55
C PRO B 22 -0.69 -10.02 -6.50
N SER B 23 0.54 -10.47 -6.78
CA SER B 23 1.26 -11.31 -5.85
C SER B 23 1.51 -10.55 -4.54
N PHE B 24 1.49 -9.22 -4.63
CA PHE B 24 1.62 -8.39 -3.45
C PHE B 24 0.24 -8.03 -2.93
N THR B 25 -0.33 -8.94 -2.16
CA THR B 25 -1.70 -8.80 -1.71
C THR B 25 -1.90 -7.57 -0.83
N HIS B 26 -1.02 -7.40 0.15
CA HIS B 26 -1.17 -6.32 1.10
C HIS B 26 -0.89 -4.98 0.46
N ALA B 27 0.14 -4.93 -0.39
CA ALA B 27 0.44 -3.73 -1.17
C ALA B 27 -0.74 -3.33 -2.04
N MET B 28 -1.36 -4.34 -2.62
CA MET B 28 -2.52 -4.16 -3.47
C MET B 28 -3.72 -3.72 -2.64
N GLN B 29 -3.84 -4.28 -1.45
CA GLN B 29 -4.93 -3.93 -0.55
C GLN B 29 -4.81 -2.49 -0.03
N LEU B 30 -3.60 -2.10 0.35
CA LEU B 30 -3.41 -0.77 0.91
C LEU B 30 -3.62 0.30 -0.15
N LEU B 31 -3.24 -0.01 -1.40
CA LEU B 31 -3.51 0.88 -2.53
C LEU B 31 -5.02 1.01 -2.71
N THR B 32 -5.71 -0.09 -2.50
CA THR B 32 -7.15 -0.12 -2.69
C THR B 32 -7.84 0.74 -1.63
N ALA B 33 -7.42 0.55 -0.38
CA ALA B 33 -8.04 1.22 0.75
C ALA B 33 -7.91 2.74 0.69
N GLU B 34 -6.71 3.21 0.35
CA GLU B 34 -6.45 4.65 0.25
C GLU B 34 -7.33 5.27 -0.84
N ILE B 35 -7.51 4.53 -1.93
CA ILE B 35 -8.36 4.99 -3.00
C ILE B 35 -9.80 5.10 -2.52
N GLU B 36 -10.26 4.09 -1.78
CA GLU B 36 -11.59 4.09 -1.20
C GLU B 36 -11.77 5.31 -0.30
N LYS B 37 -10.70 5.63 0.42
CA LYS B 37 -10.69 6.73 1.37
C LYS B 37 -10.87 8.07 0.67
N ILE B 38 -10.15 8.27 -0.43
CA ILE B 38 -10.29 9.49 -1.22
C ILE B 38 -11.64 9.54 -1.94
N GLN B 39 -12.02 8.41 -2.53
CA GLN B 39 -13.28 8.31 -3.28
C GLN B 39 -14.48 8.64 -2.40
N LYS B 40 -14.45 8.17 -1.15
CA LYS B 40 -15.55 8.42 -0.23
C LYS B 40 -15.50 9.86 0.28
N GLY B 41 -14.29 10.37 0.42
CA GLY B 41 -14.10 11.68 1.02
C GLY B 41 -14.19 11.60 2.53
N PRO A 5 -3.88 -12.50 10.37
CA PRO A 5 -3.75 -12.25 11.80
C PRO A 5 -2.66 -11.22 12.08
N GLU A 6 -2.83 -10.46 13.14
CA GLU A 6 -1.99 -9.29 13.38
C GLU A 6 -0.52 -9.65 13.45
N ASN A 7 -0.24 -10.68 14.24
CA ASN A 7 1.14 -11.15 14.42
C ASN A 7 1.83 -11.53 13.11
N LYS A 8 1.07 -12.11 12.19
CA LYS A 8 1.67 -12.59 10.95
C LYS A 8 1.53 -11.57 9.85
N TYR A 9 0.61 -10.63 10.02
CA TYR A 9 0.36 -9.57 9.05
C TYR A 9 1.58 -8.67 8.86
N LEU A 10 2.35 -8.48 9.93
CA LEU A 10 3.51 -7.58 9.91
C LEU A 10 4.62 -8.09 8.97
N PRO A 11 5.12 -9.33 9.14
CA PRO A 11 6.18 -9.88 8.28
C PRO A 11 5.73 -9.98 6.82
N GLU A 12 4.44 -10.14 6.61
CA GLU A 12 3.87 -10.14 5.28
C GLU A 12 4.12 -8.79 4.61
N LEU A 13 3.88 -7.72 5.36
CA LEU A 13 4.04 -6.36 4.86
C LEU A 13 5.50 -6.08 4.50
N MET A 14 6.40 -6.47 5.38
CA MET A 14 7.83 -6.23 5.17
C MET A 14 8.35 -7.03 3.97
N ALA A 15 7.80 -8.22 3.75
CA ALA A 15 8.21 -9.04 2.62
C ALA A 15 7.75 -8.43 1.29
N GLU A 16 6.49 -8.01 1.24
CA GLU A 16 5.97 -7.35 0.05
C GLU A 16 6.67 -6.00 -0.14
N LYS A 17 6.89 -5.35 0.99
CA LYS A 17 7.57 -4.06 0.99
C LYS A 17 8.97 -4.17 0.37
N ASP A 18 9.74 -5.16 0.81
CA ASP A 18 11.11 -5.32 0.32
C ASP A 18 11.13 -5.76 -1.15
N SER A 19 10.12 -6.51 -1.55
CA SER A 19 10.09 -7.10 -2.89
C SER A 19 9.39 -6.21 -3.91
N LEU A 20 8.67 -5.21 -3.44
CA LEU A 20 7.88 -4.36 -4.32
C LEU A 20 8.78 -3.38 -5.08
N ASP A 21 8.42 -3.11 -6.33
CA ASP A 21 9.20 -2.23 -7.20
C ASP A 21 9.06 -0.78 -6.75
N PRO A 22 10.18 -0.06 -6.63
CA PRO A 22 10.22 1.32 -6.12
C PRO A 22 9.46 2.31 -7.01
N SER A 23 9.18 1.92 -8.24
CA SER A 23 8.44 2.78 -9.17
C SER A 23 7.05 3.10 -8.62
N PHE A 24 6.56 2.24 -7.74
CA PHE A 24 5.26 2.43 -7.12
C PHE A 24 5.44 3.14 -5.79
N THR A 25 5.54 4.47 -5.85
CA THR A 25 5.81 5.28 -4.69
C THR A 25 4.76 5.09 -3.60
N HIS A 26 3.50 5.22 -3.98
CA HIS A 26 2.42 5.19 -3.01
C HIS A 26 2.22 3.79 -2.45
N ALA A 27 2.30 2.79 -3.32
CA ALA A 27 2.23 1.39 -2.89
C ALA A 27 3.34 1.09 -1.89
N MET A 28 4.50 1.63 -2.17
CA MET A 28 5.66 1.47 -1.31
C MET A 28 5.49 2.24 -0.01
N GLN A 29 4.89 3.42 -0.12
CA GLN A 29 4.64 4.26 1.04
C GLN A 29 3.59 3.64 1.96
N LEU A 30 2.51 3.13 1.40
CA LEU A 30 1.43 2.57 2.20
C LEU A 30 1.91 1.31 2.93
N LEU A 31 2.76 0.54 2.26
CA LEU A 31 3.39 -0.63 2.88
C LEU A 31 4.28 -0.20 4.03
N THR A 32 4.95 0.92 3.84
CA THR A 32 5.85 1.43 4.85
C THR A 32 5.08 1.86 6.09
N ALA A 33 4.01 2.62 5.86
CA ALA A 33 3.21 3.18 6.93
C ALA A 33 2.53 2.12 7.78
N GLU A 34 1.95 1.12 7.13
CA GLU A 34 1.24 0.05 7.83
C GLU A 34 2.18 -0.72 8.76
N ILE A 35 3.41 -0.89 8.31
CA ILE A 35 4.43 -1.55 9.13
C ILE A 35 4.74 -0.71 10.35
N GLU A 36 4.84 0.60 10.16
CA GLU A 36 5.05 1.54 11.25
C GLU A 36 3.92 1.43 12.25
N LYS A 37 2.72 1.24 11.72
CA LYS A 37 1.49 1.13 12.50
C LYS A 37 1.53 -0.06 13.44
N ILE A 38 1.87 -1.22 12.90
CA ILE A 38 1.93 -2.44 13.71
C ILE A 38 3.08 -2.37 14.71
N GLN A 39 4.22 -1.88 14.25
CA GLN A 39 5.42 -1.85 15.08
C GLN A 39 5.33 -0.78 16.17
N LYS A 40 4.51 0.23 15.97
CA LYS A 40 4.33 1.27 16.99
C LYS A 40 3.33 0.83 18.04
N GLY A 41 2.29 0.13 17.60
CA GLY A 41 1.23 -0.26 18.52
C GLY A 41 0.43 0.94 18.98
N PRO B 5 -0.48 16.26 -3.74
CA PRO B 5 -1.71 16.98 -3.48
C PRO B 5 -2.92 16.06 -3.59
N GLU B 6 -3.95 16.32 -2.81
CA GLU B 6 -5.05 15.38 -2.64
C GLU B 6 -5.70 15.04 -3.97
N ASN B 7 -5.99 16.08 -4.74
CA ASN B 7 -6.64 15.91 -6.04
C ASN B 7 -5.83 15.02 -6.99
N LYS B 8 -4.52 15.10 -6.93
CA LYS B 8 -3.70 14.35 -7.86
C LYS B 8 -3.24 13.04 -7.26
N TYR B 9 -3.30 12.95 -5.93
CA TYR B 9 -2.89 11.75 -5.20
C TYR B 9 -3.75 10.55 -5.56
N LEU B 10 -5.03 10.78 -5.85
CA LEU B 10 -5.97 9.71 -6.14
C LEU B 10 -5.64 8.95 -7.43
N PRO B 11 -5.49 9.64 -8.59
CA PRO B 11 -5.15 8.98 -9.86
C PRO B 11 -3.80 8.28 -9.80
N GLU B 12 -2.91 8.80 -8.97
CA GLU B 12 -1.62 8.18 -8.73
C GLU B 12 -1.82 6.79 -8.13
N LEU B 13 -2.71 6.71 -7.15
CA LEU B 13 -3.00 5.45 -6.46
C LEU B 13 -3.58 4.42 -7.42
N MET B 14 -4.54 4.86 -8.22
CA MET B 14 -5.21 3.96 -9.16
C MET B 14 -4.24 3.47 -10.25
N ALA B 15 -3.29 4.32 -10.63
CA ALA B 15 -2.31 3.92 -11.64
C ALA B 15 -1.35 2.87 -11.08
N GLU B 16 -0.83 3.11 -9.88
CA GLU B 16 0.04 2.14 -9.23
C GLU B 16 -0.75 0.87 -8.91
N LYS B 17 -1.98 1.09 -8.49
CA LYS B 17 -2.87 -0.01 -8.17
C LYS B 17 -3.07 -0.93 -9.37
N ASP B 18 -3.38 -0.36 -10.51
CA ASP B 18 -3.65 -1.15 -11.71
C ASP B 18 -2.38 -1.84 -12.23
N SER B 19 -1.24 -1.19 -12.02
CA SER B 19 0.03 -1.67 -12.56
C SER B 19 0.77 -2.61 -11.62
N LEU B 20 0.37 -2.62 -10.36
CA LEU B 20 1.06 -3.40 -9.33
C LEU B 20 0.76 -4.89 -9.49
N ASP B 21 1.77 -5.71 -9.22
CA ASP B 21 1.65 -7.16 -9.35
C ASP B 21 0.76 -7.73 -8.24
N PRO B 22 -0.21 -8.58 -8.60
CA PRO B 22 -1.19 -9.15 -7.66
C PRO B 22 -0.56 -10.03 -6.58
N SER B 23 0.67 -10.47 -6.79
CA SER B 23 1.38 -11.28 -5.81
C SER B 23 1.54 -10.53 -4.49
N PHE B 24 1.50 -9.21 -4.56
CA PHE B 24 1.61 -8.39 -3.37
C PHE B 24 0.22 -8.05 -2.86
N THR B 25 -0.34 -8.96 -2.08
CA THR B 25 -1.70 -8.84 -1.59
C THR B 25 -1.89 -7.57 -0.78
N HIS B 26 -1.03 -7.36 0.20
CA HIS B 26 -1.18 -6.26 1.13
C HIS B 26 -0.90 -4.92 0.45
N ALA B 27 0.13 -4.89 -0.39
CA ALA B 27 0.43 -3.70 -1.18
C ALA B 27 -0.74 -3.34 -2.06
N MET B 28 -1.36 -4.36 -2.62
CA MET B 28 -2.53 -4.18 -3.47
C MET B 28 -3.74 -3.76 -2.65
N GLN B 29 -3.85 -4.31 -1.46
CA GLN B 29 -4.95 -3.99 -0.56
C GLN B 29 -4.85 -2.56 -0.05
N LEU B 30 -3.65 -2.14 0.35
CA LEU B 30 -3.48 -0.80 0.90
C LEU B 30 -3.71 0.26 -0.17
N LEU B 31 -3.33 -0.05 -1.41
CA LEU B 31 -3.61 0.82 -2.54
C LEU B 31 -5.10 0.92 -2.76
N THR B 32 -5.78 -0.20 -2.56
CA THR B 32 -7.22 -0.24 -2.76
C THR B 32 -7.93 0.62 -1.73
N ALA B 33 -7.53 0.44 -0.47
CA ALA B 33 -8.17 1.11 0.65
C ALA B 33 -8.01 2.64 0.58
N GLU B 34 -6.80 3.10 0.28
CA GLU B 34 -6.51 4.53 0.22
C GLU B 34 -7.36 5.20 -0.86
N ILE B 35 -7.57 4.51 -1.96
CA ILE B 35 -8.42 5.02 -3.02
C ILE B 35 -9.86 5.15 -2.54
N GLU B 36 -10.31 4.14 -1.79
CA GLU B 36 -11.63 4.17 -1.18
C GLU B 36 -11.76 5.37 -0.27
N LYS B 37 -10.67 5.66 0.44
CA LYS B 37 -10.59 6.75 1.39
C LYS B 37 -10.80 8.11 0.72
N ILE B 38 -10.09 8.35 -0.36
CA ILE B 38 -10.20 9.61 -1.08
C ILE B 38 -11.56 9.72 -1.76
N GLN B 39 -12.02 8.63 -2.36
CA GLN B 39 -13.26 8.64 -3.12
C GLN B 39 -14.49 8.70 -2.20
N LYS B 40 -14.34 8.30 -0.95
CA LYS B 40 -15.45 8.37 -0.01
C LYS B 40 -15.55 9.76 0.61
N GLY B 41 -14.38 10.36 0.88
CA GLY B 41 -14.36 11.65 1.55
C GLY B 41 -14.80 11.52 3.00
N PRO A 5 -4.24 -11.62 12.22
CA PRO A 5 -3.35 -11.34 13.35
C PRO A 5 -2.21 -10.42 12.95
N GLU A 6 -2.13 -9.28 13.64
CA GLU A 6 -1.12 -8.26 13.36
C GLU A 6 0.29 -8.83 13.52
N ASN A 7 0.41 -9.81 14.41
CA ASN A 7 1.70 -10.45 14.67
C ASN A 7 2.25 -11.11 13.41
N LYS A 8 1.37 -11.64 12.58
CA LYS A 8 1.79 -12.27 11.33
C LYS A 8 1.59 -11.33 10.15
N TYR A 9 0.70 -10.38 10.32
CA TYR A 9 0.42 -9.34 9.33
C TYR A 9 1.67 -8.48 9.06
N LEU A 10 2.48 -8.28 10.10
CA LEU A 10 3.66 -7.42 10.01
C LEU A 10 4.70 -7.96 9.02
N PRO A 11 5.18 -9.22 9.20
CA PRO A 11 6.19 -9.80 8.31
C PRO A 11 5.71 -9.91 6.87
N GLU A 12 4.40 -10.06 6.69
CA GLU A 12 3.82 -10.07 5.37
C GLU A 12 4.07 -8.73 4.68
N LEU A 13 3.84 -7.65 5.42
CA LEU A 13 4.02 -6.30 4.89
C LEU A 13 5.47 -6.05 4.51
N MET A 14 6.39 -6.44 5.39
CA MET A 14 7.82 -6.24 5.15
C MET A 14 8.31 -7.03 3.95
N ALA A 15 7.75 -8.22 3.75
CA ALA A 15 8.16 -9.05 2.61
C ALA A 15 7.69 -8.44 1.30
N GLU A 16 6.43 -8.03 1.26
CA GLU A 16 5.90 -7.36 0.07
C GLU A 16 6.63 -6.04 -0.13
N LYS A 17 6.88 -5.39 1.00
CA LYS A 17 7.62 -4.12 0.98
C LYS A 17 8.98 -4.26 0.29
N ASP A 18 9.77 -5.23 0.73
CA ASP A 18 11.13 -5.38 0.22
C ASP A 18 11.16 -6.02 -1.16
N SER A 19 10.03 -6.57 -1.58
CA SER A 19 9.95 -7.22 -2.89
C SER A 19 9.26 -6.33 -3.91
N LEU A 20 8.62 -5.27 -3.43
CA LEU A 20 7.86 -4.38 -4.30
C LEU A 20 8.80 -3.41 -5.02
N ASP A 21 8.47 -3.10 -6.26
CA ASP A 21 9.29 -2.21 -7.07
C ASP A 21 9.08 -0.75 -6.66
N PRO A 22 10.19 0.00 -6.51
CA PRO A 22 10.17 1.38 -5.99
C PRO A 22 9.41 2.35 -6.89
N SER A 23 9.18 1.97 -8.15
CA SER A 23 8.46 2.82 -9.09
C SER A 23 7.04 3.10 -8.59
N PHE A 24 6.55 2.25 -7.70
CA PHE A 24 5.24 2.45 -7.10
C PHE A 24 5.41 3.17 -5.77
N THR A 25 5.48 4.50 -5.85
CA THR A 25 5.75 5.32 -4.69
C THR A 25 4.73 5.11 -3.59
N HIS A 26 3.46 5.28 -3.90
CA HIS A 26 2.40 5.19 -2.90
C HIS A 26 2.22 3.77 -2.39
N ALA A 27 2.32 2.80 -3.29
CA ALA A 27 2.26 1.40 -2.92
C ALA A 27 3.36 1.07 -1.93
N MET A 28 4.54 1.62 -2.21
CA MET A 28 5.69 1.44 -1.34
C MET A 28 5.51 2.22 -0.05
N GLN A 29 4.92 3.40 -0.16
CA GLN A 29 4.68 4.27 0.98
C GLN A 29 3.62 3.68 1.91
N LEU A 30 2.54 3.15 1.35
CA LEU A 30 1.47 2.59 2.17
C LEU A 30 1.94 1.34 2.90
N LEU A 31 2.78 0.55 2.22
CA LEU A 31 3.39 -0.62 2.84
C LEU A 31 4.28 -0.17 3.99
N THR A 32 4.97 0.95 3.79
CA THR A 32 5.88 1.45 4.79
C THR A 32 5.11 1.94 6.01
N ALA A 33 4.05 2.72 5.75
CA ALA A 33 3.26 3.33 6.80
C ALA A 33 2.59 2.28 7.69
N GLU A 34 1.99 1.27 7.07
CA GLU A 34 1.30 0.21 7.81
C GLU A 34 2.28 -0.51 8.73
N ILE A 35 3.50 -0.71 8.23
CA ILE A 35 4.54 -1.34 9.02
C ILE A 35 4.91 -0.47 10.21
N GLU A 36 4.99 0.83 9.98
CA GLU A 36 5.29 1.79 11.04
C GLU A 36 4.26 1.69 12.15
N LYS A 37 3.00 1.50 11.76
CA LYS A 37 1.89 1.44 12.69
C LYS A 37 2.00 0.20 13.59
N ILE A 38 2.32 -0.94 13.00
CA ILE A 38 2.48 -2.17 13.76
C ILE A 38 3.74 -2.12 14.61
N GLN A 39 4.82 -1.60 14.03
CA GLN A 39 6.11 -1.53 14.71
C GLN A 39 6.06 -0.60 15.92
N LYS A 40 5.34 0.50 15.80
CA LYS A 40 5.24 1.46 16.90
C LYS A 40 4.33 0.93 18.00
N GLY A 41 3.38 0.08 17.63
CA GLY A 41 2.47 -0.49 18.60
C GLY A 41 1.15 0.25 18.65
N PRO B 5 -2.05 17.06 -2.66
CA PRO B 5 -3.47 17.24 -2.98
C PRO B 5 -4.15 15.91 -3.29
N GLU B 6 -5.18 15.60 -2.51
CA GLU B 6 -5.91 14.35 -2.65
C GLU B 6 -6.52 14.22 -4.04
N ASN B 7 -6.82 15.36 -4.64
CA ASN B 7 -7.41 15.39 -5.98
C ASN B 7 -6.48 14.75 -7.00
N LYS B 8 -5.18 14.92 -6.81
CA LYS B 8 -4.19 14.32 -7.71
C LYS B 8 -3.61 13.05 -7.12
N TYR B 9 -3.68 12.94 -5.80
CA TYR B 9 -3.24 11.76 -5.07
C TYR B 9 -4.04 10.52 -5.48
N LEU B 10 -5.31 10.71 -5.80
CA LEU B 10 -6.21 9.61 -6.13
C LEU B 10 -5.78 8.87 -7.42
N PRO B 11 -5.62 9.58 -8.56
CA PRO B 11 -5.24 8.94 -9.82
C PRO B 11 -3.85 8.28 -9.74
N GLU B 12 -3.00 8.82 -8.89
CA GLU B 12 -1.70 8.22 -8.64
C GLU B 12 -1.88 6.81 -8.06
N LEU B 13 -2.78 6.71 -7.08
CA LEU B 13 -3.05 5.45 -6.42
C LEU B 13 -3.60 4.42 -7.40
N MET B 14 -4.57 4.85 -8.21
CA MET B 14 -5.20 3.95 -9.16
C MET B 14 -4.21 3.47 -10.23
N ALA B 15 -3.28 4.32 -10.61
CA ALA B 15 -2.29 3.94 -11.62
C ALA B 15 -1.32 2.91 -11.05
N GLU B 16 -0.82 3.16 -9.85
CA GLU B 16 0.05 2.18 -9.19
C GLU B 16 -0.73 0.91 -8.90
N LYS B 17 -1.98 1.12 -8.51
CA LYS B 17 -2.87 0.00 -8.24
C LYS B 17 -3.00 -0.94 -9.45
N ASP B 18 -3.32 -0.39 -10.61
CA ASP B 18 -3.56 -1.20 -11.79
C ASP B 18 -2.28 -1.69 -12.43
N SER B 19 -1.15 -1.15 -12.01
CA SER B 19 0.14 -1.54 -12.55
C SER B 19 0.88 -2.48 -11.61
N LEU B 20 0.40 -2.56 -10.37
CA LEU B 20 1.07 -3.37 -9.35
C LEU B 20 0.71 -4.84 -9.52
N ASP B 21 1.67 -5.70 -9.24
CA ASP B 21 1.49 -7.14 -9.39
C ASP B 21 0.67 -7.70 -8.23
N PRO B 22 -0.33 -8.55 -8.55
CA PRO B 22 -1.29 -9.09 -7.55
C PRO B 22 -0.64 -9.97 -6.49
N SER B 23 0.59 -10.43 -6.75
CA SER B 23 1.30 -11.28 -5.79
C SER B 23 1.54 -10.52 -4.48
N PHE B 24 1.48 -9.19 -4.54
CA PHE B 24 1.61 -8.37 -3.35
C PHE B 24 0.23 -8.05 -2.81
N THR B 25 -0.31 -8.96 -2.03
CA THR B 25 -1.67 -8.85 -1.51
C THR B 25 -1.88 -7.57 -0.73
N HIS B 26 -1.06 -7.33 0.28
CA HIS B 26 -1.25 -6.18 1.16
C HIS B 26 -0.93 -4.88 0.43
N ALA B 27 0.12 -4.89 -0.39
CA ALA B 27 0.45 -3.72 -1.20
C ALA B 27 -0.72 -3.35 -2.10
N MET B 28 -1.34 -4.37 -2.67
CA MET B 28 -2.50 -4.20 -3.52
C MET B 28 -3.71 -3.77 -2.69
N GLN B 29 -3.82 -4.35 -1.50
CA GLN B 29 -4.92 -4.05 -0.60
C GLN B 29 -4.83 -2.63 -0.05
N LEU B 30 -3.64 -2.19 0.33
CA LEU B 30 -3.46 -0.86 0.89
C LEU B 30 -3.71 0.20 -0.18
N LEU B 31 -3.31 -0.10 -1.41
CA LEU B 31 -3.59 0.79 -2.54
C LEU B 31 -5.09 0.88 -2.75
N THR B 32 -5.76 -0.26 -2.57
CA THR B 32 -7.19 -0.32 -2.77
C THR B 32 -7.92 0.50 -1.70
N ALA B 33 -7.51 0.29 -0.45
CA ALA B 33 -8.15 0.93 0.68
C ALA B 33 -8.03 2.45 0.64
N GLU B 34 -6.82 2.93 0.34
CA GLU B 34 -6.59 4.38 0.26
C GLU B 34 -7.47 5.00 -0.81
N ILE B 35 -7.63 4.29 -1.92
CA ILE B 35 -8.49 4.77 -2.99
C ILE B 35 -9.94 4.84 -2.52
N GLU B 36 -10.36 3.81 -1.79
CA GLU B 36 -11.71 3.77 -1.22
C GLU B 36 -11.97 4.99 -0.36
N LYS B 37 -10.96 5.38 0.40
CA LYS B 37 -11.06 6.51 1.32
C LYS B 37 -11.26 7.83 0.57
N ILE B 38 -10.50 8.02 -0.50
CA ILE B 38 -10.64 9.23 -1.31
C ILE B 38 -11.95 9.21 -2.09
N GLN B 39 -12.27 8.05 -2.65
CA GLN B 39 -13.48 7.91 -3.47
C GLN B 39 -14.74 8.12 -2.65
N LYS B 40 -14.75 7.65 -1.42
CA LYS B 40 -15.92 7.80 -0.56
C LYS B 40 -16.06 9.22 -0.06
N GLY B 41 -14.94 9.93 0.03
CA GLY B 41 -14.97 11.31 0.49
C GLY B 41 -14.63 11.44 1.96
N PRO A 5 -4.44 -11.47 11.71
CA PRO A 5 -3.78 -11.09 12.96
C PRO A 5 -2.55 -10.23 12.71
N GLU A 6 -2.48 -9.15 13.46
CA GLU A 6 -1.46 -8.12 13.31
C GLU A 6 -0.05 -8.68 13.47
N ASN A 7 0.07 -9.70 14.33
CA ASN A 7 1.37 -10.30 14.60
C ASN A 7 1.99 -10.89 13.34
N LYS A 8 1.17 -11.46 12.47
CA LYS A 8 1.68 -12.08 11.26
C LYS A 8 1.47 -11.17 10.06
N TYR A 9 0.59 -10.20 10.23
CA TYR A 9 0.34 -9.18 9.22
C TYR A 9 1.59 -8.34 8.97
N LEU A 10 2.41 -8.17 10.01
CA LEU A 10 3.61 -7.34 9.94
C LEU A 10 4.66 -7.92 8.97
N PRO A 11 5.10 -9.19 9.14
CA PRO A 11 6.11 -9.78 8.26
C PRO A 11 5.65 -9.86 6.80
N GLU A 12 4.35 -10.01 6.60
CA GLU A 12 3.79 -9.99 5.27
C GLU A 12 4.05 -8.65 4.61
N LEU A 13 3.82 -7.58 5.36
CA LEU A 13 4.01 -6.22 4.86
C LEU A 13 5.48 -5.98 4.51
N MET A 14 6.37 -6.40 5.40
CA MET A 14 7.80 -6.20 5.20
C MET A 14 8.30 -6.98 3.99
N ALA A 15 7.75 -8.18 3.77
CA ALA A 15 8.16 -8.99 2.64
C ALA A 15 7.70 -8.38 1.33
N GLU A 16 6.45 -7.96 1.27
CA GLU A 16 5.92 -7.30 0.08
C GLU A 16 6.63 -5.95 -0.11
N LYS A 17 6.85 -5.29 1.01
CA LYS A 17 7.58 -4.02 0.98
C LYS A 17 8.97 -4.19 0.40
N ASP A 18 9.69 -5.21 0.85
CA ASP A 18 11.05 -5.47 0.38
C ASP A 18 11.07 -5.89 -1.09
N SER A 19 10.02 -6.57 -1.52
CA SER A 19 10.00 -7.17 -2.86
C SER A 19 9.34 -6.25 -3.89
N LEU A 20 8.61 -5.25 -3.42
CA LEU A 20 7.84 -4.37 -4.30
C LEU A 20 8.77 -3.41 -5.03
N ASP A 21 8.42 -3.11 -6.27
CA ASP A 21 9.22 -2.22 -7.10
C ASP A 21 9.07 -0.77 -6.64
N PRO A 22 10.19 -0.05 -6.48
CA PRO A 22 10.21 1.33 -5.98
C PRO A 22 9.48 2.33 -6.88
N SER A 23 9.24 1.92 -8.14
CA SER A 23 8.54 2.79 -9.08
C SER A 23 7.12 3.08 -8.60
N PHE A 24 6.61 2.24 -7.72
CA PHE A 24 5.30 2.47 -7.12
C PHE A 24 5.47 3.20 -5.80
N THR A 25 5.56 4.51 -5.89
CA THR A 25 5.83 5.35 -4.74
C THR A 25 4.81 5.14 -3.63
N HIS A 26 3.54 5.32 -3.94
CA HIS A 26 2.50 5.27 -2.93
C HIS A 26 2.29 3.84 -2.43
N ALA A 27 2.38 2.87 -3.32
CA ALA A 27 2.29 1.47 -2.93
C ALA A 27 3.39 1.13 -1.93
N MET A 28 4.58 1.63 -2.22
CA MET A 28 5.73 1.44 -1.36
C MET A 28 5.58 2.24 -0.07
N GLN A 29 5.02 3.43 -0.20
CA GLN A 29 4.80 4.30 0.95
C GLN A 29 3.73 3.75 1.89
N LEU A 30 2.64 3.25 1.34
CA LEU A 30 1.55 2.72 2.16
C LEU A 30 1.98 1.45 2.89
N LEU A 31 2.79 0.64 2.21
CA LEU A 31 3.33 -0.57 2.82
C LEU A 31 4.24 -0.19 3.99
N THR A 32 4.98 0.88 3.79
CA THR A 32 5.93 1.31 4.79
C THR A 32 5.21 1.86 6.01
N ALA A 33 4.20 2.70 5.75
CA ALA A 33 3.43 3.34 6.80
C ALA A 33 2.68 2.32 7.67
N GLU A 34 2.04 1.34 7.02
CA GLU A 34 1.28 0.32 7.75
C GLU A 34 2.18 -0.45 8.70
N ILE A 35 3.40 -0.69 8.24
CA ILE A 35 4.40 -1.35 9.06
C ILE A 35 4.69 -0.53 10.31
N GLU A 36 4.76 0.79 10.12
CA GLU A 36 4.99 1.71 11.23
C GLU A 36 3.92 1.54 12.31
N LYS A 37 2.66 1.40 11.90
CA LYS A 37 1.56 1.21 12.86
C LYS A 37 1.82 0.00 13.74
N ILE A 38 2.15 -1.11 13.10
CA ILE A 38 2.35 -2.36 13.81
C ILE A 38 3.59 -2.29 14.71
N GLN A 39 4.64 -1.68 14.19
CA GLN A 39 5.90 -1.58 14.92
C GLN A 39 5.76 -0.67 16.14
N LYS A 40 5.01 0.42 15.97
CA LYS A 40 4.88 1.41 17.05
C LYS A 40 3.97 0.90 18.16
N GLY A 41 2.99 0.08 17.79
CA GLY A 41 2.09 -0.47 18.78
C GLY A 41 1.06 0.55 19.23
N PRO B 5 -1.62 16.73 -2.49
CA PRO B 5 -3.05 17.02 -2.54
C PRO B 5 -3.86 15.79 -2.94
N GLU B 6 -4.91 15.56 -2.18
CA GLU B 6 -5.75 14.37 -2.29
C GLU B 6 -6.35 14.24 -3.69
N ASN B 7 -6.62 15.38 -4.33
CA ASN B 7 -7.25 15.39 -5.65
C ASN B 7 -6.37 14.68 -6.67
N LYS B 8 -5.06 14.82 -6.55
CA LYS B 8 -4.16 14.22 -7.50
C LYS B 8 -3.54 12.95 -6.93
N TYR B 9 -3.61 12.82 -5.62
CA TYR B 9 -3.16 11.64 -4.92
C TYR B 9 -3.98 10.40 -5.34
N LEU B 10 -5.24 10.62 -5.69
CA LEU B 10 -6.15 9.55 -6.06
C LEU B 10 -5.72 8.83 -7.35
N PRO B 11 -5.54 9.55 -8.48
CA PRO B 11 -5.14 8.93 -9.76
C PRO B 11 -3.79 8.23 -9.66
N GLU B 12 -2.91 8.75 -8.82
CA GLU B 12 -1.63 8.11 -8.58
C GLU B 12 -1.84 6.72 -8.00
N LEU B 13 -2.74 6.64 -7.03
CA LEU B 13 -3.04 5.37 -6.37
C LEU B 13 -3.63 4.38 -7.35
N MET B 14 -4.58 4.83 -8.16
CA MET B 14 -5.24 3.97 -9.12
C MET B 14 -4.26 3.46 -10.18
N ALA B 15 -3.32 4.31 -10.57
CA ALA B 15 -2.33 3.92 -11.57
C ALA B 15 -1.37 2.88 -11.02
N GLU B 16 -0.87 3.11 -9.81
CA GLU B 16 0.01 2.14 -9.16
C GLU B 16 -0.77 0.86 -8.84
N LYS B 17 -2.01 1.07 -8.43
CA LYS B 17 -2.89 -0.05 -8.15
C LYS B 17 -3.09 -0.92 -9.39
N ASP B 18 -3.38 -0.28 -10.52
CA ASP B 18 -3.60 -0.99 -11.77
C ASP B 18 -2.34 -1.69 -12.27
N SER B 19 -1.19 -1.10 -11.99
CA SER B 19 0.07 -1.58 -12.54
C SER B 19 0.80 -2.55 -11.59
N LEU B 20 0.39 -2.56 -10.34
CA LEU B 20 1.07 -3.35 -9.33
C LEU B 20 0.74 -4.83 -9.49
N ASP B 21 1.72 -5.68 -9.22
CA ASP B 21 1.55 -7.13 -9.36
C ASP B 21 0.68 -7.67 -8.24
N PRO B 22 -0.33 -8.50 -8.59
CA PRO B 22 -1.30 -9.04 -7.63
C PRO B 22 -0.67 -9.96 -6.58
N SER B 23 0.56 -10.42 -6.83
CA SER B 23 1.26 -11.28 -5.88
C SER B 23 1.51 -10.55 -4.56
N PHE B 24 1.45 -9.22 -4.60
CA PHE B 24 1.59 -8.43 -3.40
C PHE B 24 0.21 -8.11 -2.84
N THR B 25 -0.33 -9.04 -2.06
CA THR B 25 -1.69 -8.93 -1.56
C THR B 25 -1.91 -7.65 -0.79
N HIS B 26 -1.10 -7.41 0.23
CA HIS B 26 -1.29 -6.29 1.12
C HIS B 26 -0.98 -4.98 0.43
N ALA B 27 0.06 -4.98 -0.40
CA ALA B 27 0.41 -3.80 -1.20
C ALA B 27 -0.74 -3.41 -2.10
N MET B 28 -1.36 -4.42 -2.68
CA MET B 28 -2.52 -4.23 -3.54
C MET B 28 -3.74 -3.83 -2.73
N GLN B 29 -3.85 -4.42 -1.56
CA GLN B 29 -4.97 -4.14 -0.66
C GLN B 29 -4.88 -2.73 -0.10
N LEU B 30 -3.71 -2.31 0.33
CA LEU B 30 -3.54 -0.98 0.90
C LEU B 30 -3.76 0.11 -0.15
N LEU B 31 -3.33 -0.16 -1.37
CA LEU B 31 -3.56 0.77 -2.48
C LEU B 31 -5.06 0.91 -2.73
N THR B 32 -5.74 -0.22 -2.62
CA THR B 32 -7.16 -0.24 -2.91
C THR B 32 -7.94 0.51 -1.83
N ALA B 33 -7.58 0.25 -0.58
CA ALA B 33 -8.24 0.86 0.56
C ALA B 33 -8.07 2.36 0.59
N GLU B 34 -6.84 2.84 0.35
CA GLU B 34 -6.57 4.28 0.35
C GLU B 34 -7.42 5.00 -0.69
N ILE B 35 -7.60 4.33 -1.82
CA ILE B 35 -8.44 4.86 -2.87
C ILE B 35 -9.88 5.01 -2.38
N GLU B 36 -10.33 4.04 -1.61
CA GLU B 36 -11.66 4.07 -1.03
C GLU B 36 -11.86 5.33 -0.18
N LYS B 37 -10.84 5.70 0.61
CA LYS B 37 -10.92 6.91 1.44
C LYS B 37 -11.18 8.13 0.60
N ILE B 38 -10.41 8.28 -0.47
CA ILE B 38 -10.51 9.45 -1.33
C ILE B 38 -11.84 9.45 -2.08
N GLN B 39 -12.26 8.28 -2.54
CA GLN B 39 -13.49 8.16 -3.31
C GLN B 39 -14.71 8.43 -2.44
N LYS B 40 -14.67 7.95 -1.20
CA LYS B 40 -15.83 8.09 -0.30
C LYS B 40 -15.97 9.51 0.20
N GLY B 41 -14.85 10.21 0.34
CA GLY B 41 -14.90 11.58 0.80
C GLY B 41 -15.14 11.66 2.30
N PRO A 5 -3.98 -11.74 12.39
CA PRO A 5 -3.36 -10.97 13.46
C PRO A 5 -2.10 -10.26 12.99
N GLU A 6 -1.85 -9.10 13.60
CA GLU A 6 -0.76 -8.21 13.21
C GLU A 6 0.60 -8.91 13.30
N ASN A 7 0.70 -9.91 14.16
CA ASN A 7 1.95 -10.63 14.34
C ASN A 7 2.37 -11.35 13.05
N LYS A 8 1.40 -11.84 12.30
CA LYS A 8 1.69 -12.49 11.01
C LYS A 8 1.63 -11.47 9.90
N TYR A 9 0.73 -10.51 10.04
CA TYR A 9 0.50 -9.46 9.06
C TYR A 9 1.75 -8.61 8.82
N LEU A 10 2.54 -8.38 9.88
CA LEU A 10 3.71 -7.51 9.80
C LEU A 10 4.79 -8.06 8.86
N PRO A 11 5.27 -9.31 9.05
CA PRO A 11 6.31 -9.89 8.20
C PRO A 11 5.86 -10.00 6.74
N GLU A 12 4.57 -10.18 6.54
CA GLU A 12 4.02 -10.19 5.19
C GLU A 12 4.23 -8.85 4.52
N LEU A 13 3.97 -7.79 5.27
CA LEU A 13 4.10 -6.44 4.77
C LEU A 13 5.54 -6.13 4.38
N MET A 14 6.47 -6.50 5.26
CA MET A 14 7.88 -6.25 5.02
C MET A 14 8.40 -7.06 3.83
N ALA A 15 7.87 -8.26 3.63
CA ALA A 15 8.27 -9.08 2.49
C ALA A 15 7.77 -8.47 1.17
N GLU A 16 6.50 -8.08 1.17
CA GLU A 16 5.93 -7.40 0.00
C GLU A 16 6.63 -6.06 -0.22
N LYS A 17 6.88 -5.40 0.90
CA LYS A 17 7.57 -4.11 0.86
C LYS A 17 8.95 -4.24 0.23
N ASP A 18 9.73 -5.20 0.71
CA ASP A 18 11.10 -5.38 0.23
C ASP A 18 11.12 -5.82 -1.24
N SER A 19 10.09 -6.52 -1.65
CA SER A 19 10.05 -7.10 -2.99
C SER A 19 9.33 -6.19 -4.00
N LEU A 20 8.67 -5.17 -3.50
CA LEU A 20 7.86 -4.31 -4.36
C LEU A 20 8.74 -3.32 -5.12
N ASP A 21 8.37 -3.04 -6.36
CA ASP A 21 9.13 -2.15 -7.22
C ASP A 21 8.99 -0.69 -6.76
N PRO A 22 10.13 0.02 -6.66
CA PRO A 22 10.18 1.41 -6.15
C PRO A 22 9.43 2.41 -7.02
N SER A 23 9.13 2.03 -8.26
CA SER A 23 8.40 2.89 -9.16
C SER A 23 7.00 3.16 -8.61
N PHE A 24 6.53 2.30 -7.73
CA PHE A 24 5.24 2.48 -7.09
C PHE A 24 5.41 3.20 -5.77
N THR A 25 5.49 4.51 -5.84
CA THR A 25 5.77 5.34 -4.68
C THR A 25 4.73 5.15 -3.58
N HIS A 26 3.47 5.31 -3.94
CA HIS A 26 2.40 5.27 -2.96
C HIS A 26 2.20 3.85 -2.42
N ALA A 27 2.31 2.87 -3.30
CA ALA A 27 2.24 1.46 -2.90
C ALA A 27 3.33 1.14 -1.89
N MET A 28 4.50 1.66 -2.16
CA MET A 28 5.65 1.50 -1.29
C MET A 28 5.47 2.29 0.00
N GLN A 29 4.83 3.45 -0.12
CA GLN A 29 4.57 4.30 1.03
C GLN A 29 3.54 3.66 1.96
N LEU A 30 2.45 3.15 1.40
CA LEU A 30 1.38 2.59 2.22
C LEU A 30 1.84 1.32 2.94
N LEU A 31 2.67 0.53 2.26
CA LEU A 31 3.26 -0.66 2.86
C LEU A 31 4.11 -0.26 4.05
N THR A 32 4.81 0.85 3.92
CA THR A 32 5.71 1.29 4.97
C THR A 32 4.90 1.82 6.15
N ALA A 33 3.85 2.58 5.85
CA ALA A 33 3.01 3.16 6.87
C ALA A 33 2.32 2.09 7.71
N GLU A 34 1.79 1.06 7.05
CA GLU A 34 1.12 -0.05 7.73
C GLU A 34 2.09 -0.77 8.65
N ILE A 35 3.31 -0.96 8.17
CA ILE A 35 4.35 -1.60 8.97
C ILE A 35 4.63 -0.77 10.21
N GLU A 36 4.65 0.55 10.04
CA GLU A 36 4.81 1.47 11.16
C GLU A 36 3.70 1.25 12.17
N LYS A 37 2.47 1.08 11.70
CA LYS A 37 1.31 0.96 12.58
C LYS A 37 1.49 -0.21 13.53
N ILE A 38 1.86 -1.35 12.98
CA ILE A 38 2.03 -2.56 13.76
C ILE A 38 3.20 -2.42 14.74
N GLN A 39 4.30 -1.87 14.24
CA GLN A 39 5.53 -1.76 15.02
C GLN A 39 5.46 -0.66 16.08
N LYS A 40 4.58 0.32 15.89
CA LYS A 40 4.39 1.37 16.90
C LYS A 40 3.63 0.83 18.09
N GLY A 41 2.75 -0.12 17.82
CA GLY A 41 1.86 -0.60 18.85
C GLY A 41 2.55 -1.50 19.85
N PRO B 5 -2.27 17.14 -2.89
CA PRO B 5 -3.73 17.08 -2.71
C PRO B 5 -4.31 15.80 -3.25
N GLU B 6 -5.38 15.35 -2.60
CA GLU B 6 -6.03 14.07 -2.90
C GLU B 6 -6.50 13.98 -4.34
N ASN B 7 -6.77 15.13 -4.94
CA ASN B 7 -7.23 15.17 -6.33
C ASN B 7 -6.18 14.62 -7.29
N LYS B 8 -4.91 14.85 -6.99
CA LYS B 8 -3.83 14.31 -7.81
C LYS B 8 -3.38 12.97 -7.26
N TYR B 9 -3.44 12.84 -5.95
CA TYR B 9 -3.03 11.65 -5.24
C TYR B 9 -3.85 10.42 -5.66
N LEU B 10 -5.14 10.61 -5.94
CA LEU B 10 -6.05 9.52 -6.25
C LEU B 10 -5.68 8.79 -7.56
N PRO B 11 -5.53 9.50 -8.70
CA PRO B 11 -5.17 8.87 -9.98
C PRO B 11 -3.81 8.18 -9.92
N GLU B 12 -2.92 8.72 -9.10
CA GLU B 12 -1.63 8.10 -8.89
C GLU B 12 -1.79 6.72 -8.26
N LEU B 13 -2.67 6.65 -7.28
CA LEU B 13 -2.93 5.41 -6.57
C LEU B 13 -3.52 4.36 -7.50
N MET B 14 -4.47 4.77 -8.32
CA MET B 14 -5.14 3.86 -9.24
C MET B 14 -4.17 3.38 -10.32
N ALA B 15 -3.23 4.23 -10.73
CA ALA B 15 -2.24 3.84 -11.72
C ALA B 15 -1.26 2.82 -11.14
N GLU B 16 -0.77 3.10 -9.93
CA GLU B 16 0.11 2.16 -9.24
C GLU B 16 -0.65 0.88 -8.93
N LYS B 17 -1.90 1.07 -8.52
CA LYS B 17 -2.76 -0.07 -8.21
C LYS B 17 -2.94 -0.98 -9.41
N ASP B 18 -3.29 -0.40 -10.55
CA ASP B 18 -3.56 -1.17 -11.76
C ASP B 18 -2.28 -1.86 -12.28
N SER B 19 -1.14 -1.25 -12.01
CA SER B 19 0.12 -1.73 -12.54
C SER B 19 0.86 -2.64 -11.57
N LEU B 20 0.40 -2.69 -10.33
CA LEU B 20 1.08 -3.44 -9.28
C LEU B 20 0.79 -4.94 -9.41
N ASP B 21 1.79 -5.75 -9.13
CA ASP B 21 1.66 -7.20 -9.23
C ASP B 21 0.77 -7.77 -8.13
N PRO B 22 -0.19 -8.64 -8.51
CA PRO B 22 -1.18 -9.19 -7.58
C PRO B 22 -0.58 -10.07 -6.48
N SER B 23 0.67 -10.52 -6.69
CA SER B 23 1.35 -11.32 -5.69
C SER B 23 1.54 -10.55 -4.39
N PHE B 24 1.48 -9.23 -4.48
CA PHE B 24 1.60 -8.37 -3.32
C PHE B 24 0.21 -8.06 -2.79
N THR B 25 -0.34 -8.96 -2.00
CA THR B 25 -1.70 -8.85 -1.52
C THR B 25 -1.92 -7.59 -0.70
N HIS B 26 -1.08 -7.37 0.29
CA HIS B 26 -1.24 -6.25 1.20
C HIS B 26 -0.94 -4.93 0.51
N ALA B 27 0.08 -4.92 -0.33
CA ALA B 27 0.42 -3.75 -1.13
C ALA B 27 -0.77 -3.36 -2.01
N MET B 28 -1.39 -4.37 -2.59
CA MET B 28 -2.56 -4.18 -3.43
C MET B 28 -3.76 -3.77 -2.61
N GLN B 29 -3.84 -4.31 -1.40
CA GLN B 29 -4.92 -3.99 -0.48
C GLN B 29 -4.82 -2.54 0.01
N LEU B 30 -3.64 -2.12 0.40
CA LEU B 30 -3.47 -0.79 0.96
C LEU B 30 -3.70 0.29 -0.10
N LEU B 31 -3.29 -0.01 -1.34
CA LEU B 31 -3.53 0.89 -2.46
C LEU B 31 -5.03 1.05 -2.68
N THR B 32 -5.74 -0.04 -2.49
CA THR B 32 -7.17 -0.02 -2.72
C THR B 32 -7.89 0.75 -1.61
N ALA B 33 -7.44 0.52 -0.38
CA ALA B 33 -8.02 1.18 0.78
C ALA B 33 -7.85 2.70 0.71
N GLU B 34 -6.64 3.14 0.34
CA GLU B 34 -6.34 4.56 0.23
C GLU B 34 -7.22 5.20 -0.83
N ILE B 35 -7.40 4.49 -1.94
CA ILE B 35 -8.26 4.97 -3.01
C ILE B 35 -9.68 5.13 -2.52
N GLU B 36 -10.12 4.18 -1.70
CA GLU B 36 -11.42 4.26 -1.07
C GLU B 36 -11.54 5.53 -0.24
N LYS B 37 -10.48 5.85 0.51
CA LYS B 37 -10.50 6.99 1.43
C LYS B 37 -10.81 8.27 0.67
N ILE B 38 -10.09 8.47 -0.42
CA ILE B 38 -10.25 9.67 -1.23
C ILE B 38 -11.64 9.71 -1.88
N GLN B 39 -12.06 8.57 -2.42
CA GLN B 39 -13.33 8.49 -3.16
C GLN B 39 -14.55 8.52 -2.24
N LYS B 40 -14.38 8.14 -0.97
CA LYS B 40 -15.48 8.21 0.00
C LYS B 40 -15.75 9.65 0.39
N GLY B 41 -14.71 10.45 0.38
CA GLY B 41 -14.81 11.79 0.89
C GLY B 41 -15.52 12.71 -0.08
N PRO A 5 -4.18 -11.58 11.18
CA PRO A 5 -3.54 -11.54 12.49
C PRO A 5 -2.33 -10.62 12.49
N GLU A 6 -2.31 -9.73 13.46
CA GLU A 6 -1.32 -8.66 13.53
C GLU A 6 0.10 -9.21 13.58
N ASN A 7 0.28 -10.26 14.36
CA ASN A 7 1.61 -10.84 14.53
C ASN A 7 2.15 -11.42 13.22
N LYS A 8 1.26 -11.94 12.39
CA LYS A 8 1.64 -12.50 11.10
C LYS A 8 1.61 -11.44 10.01
N TYR A 9 0.73 -10.47 10.16
CA TYR A 9 0.51 -9.41 9.19
C TYR A 9 1.77 -8.58 8.96
N LEU A 10 2.55 -8.35 10.02
CA LEU A 10 3.74 -7.50 9.94
C LEU A 10 4.81 -8.07 8.99
N PRO A 11 5.28 -9.31 9.21
CA PRO A 11 6.32 -9.91 8.35
C PRO A 11 5.87 -10.03 6.90
N GLU A 12 4.58 -10.20 6.70
CA GLU A 12 4.02 -10.22 5.37
C GLU A 12 4.24 -8.87 4.67
N LEU A 13 4.00 -7.80 5.42
CA LEU A 13 4.16 -6.44 4.88
C LEU A 13 5.61 -6.17 4.50
N MET A 14 6.52 -6.55 5.38
CA MET A 14 7.95 -6.32 5.13
C MET A 14 8.45 -7.11 3.93
N ALA A 15 7.90 -8.31 3.72
CA ALA A 15 8.31 -9.13 2.60
C ALA A 15 7.83 -8.52 1.28
N GLU A 16 6.57 -8.11 1.23
CA GLU A 16 6.02 -7.46 0.04
C GLU A 16 6.71 -6.10 -0.15
N LYS A 17 6.95 -5.45 0.97
CA LYS A 17 7.64 -4.16 0.97
C LYS A 17 8.99 -4.25 0.25
N ASP A 18 9.81 -5.20 0.67
CA ASP A 18 11.16 -5.32 0.12
C ASP A 18 11.16 -6.01 -1.25
N SER A 19 10.02 -6.52 -1.66
CA SER A 19 9.91 -7.19 -2.95
C SER A 19 9.22 -6.30 -3.97
N LEU A 20 8.59 -5.23 -3.50
CA LEU A 20 7.85 -4.32 -4.36
C LEU A 20 8.80 -3.37 -5.06
N ASP A 21 8.50 -3.04 -6.31
CA ASP A 21 9.35 -2.15 -7.11
C ASP A 21 9.15 -0.70 -6.66
N PRO A 22 10.27 0.03 -6.47
CA PRO A 22 10.26 1.42 -5.98
C PRO A 22 9.49 2.39 -6.89
N SER A 23 9.23 1.96 -8.13
CA SER A 23 8.47 2.78 -9.07
C SER A 23 7.07 3.10 -8.53
N PHE A 24 6.58 2.24 -7.64
CA PHE A 24 5.27 2.45 -7.04
C PHE A 24 5.40 3.18 -5.73
N THR A 25 5.47 4.50 -5.81
CA THR A 25 5.71 5.33 -4.65
C THR A 25 4.64 5.15 -3.58
N HIS A 26 3.39 5.25 -3.99
CA HIS A 26 2.28 5.21 -3.04
C HIS A 26 2.12 3.82 -2.45
N ALA A 27 2.22 2.82 -3.30
CA ALA A 27 2.18 1.43 -2.86
C ALA A 27 3.28 1.15 -1.86
N MET A 28 4.44 1.70 -2.14
CA MET A 28 5.61 1.55 -1.29
C MET A 28 5.43 2.34 0.02
N GLN A 29 4.81 3.51 -0.08
CA GLN A 29 4.56 4.32 1.09
C GLN A 29 3.53 3.67 2.00
N LEU A 30 2.47 3.14 1.45
CA LEU A 30 1.41 2.53 2.24
C LEU A 30 1.91 1.28 2.96
N LEU A 31 2.77 0.53 2.28
CA LEU A 31 3.41 -0.64 2.89
C LEU A 31 4.30 -0.18 4.03
N THR A 32 4.99 0.93 3.82
CA THR A 32 5.90 1.44 4.82
C THR A 32 5.14 1.89 6.06
N ALA A 33 4.07 2.64 5.83
CA ALA A 33 3.28 3.22 6.90
C ALA A 33 2.61 2.14 7.75
N GLU A 34 2.04 1.13 7.10
CA GLU A 34 1.35 0.05 7.80
C GLU A 34 2.31 -0.68 8.74
N ILE A 35 3.54 -0.86 8.27
CA ILE A 35 4.56 -1.51 9.07
C ILE A 35 4.90 -0.66 10.30
N GLU A 36 4.96 0.65 10.09
CA GLU A 36 5.22 1.59 11.19
C GLU A 36 4.15 1.45 12.27
N LYS A 37 2.91 1.27 11.84
CA LYS A 37 1.77 1.16 12.75
C LYS A 37 1.90 -0.07 13.65
N ILE A 38 2.22 -1.20 13.05
CA ILE A 38 2.37 -2.44 13.80
C ILE A 38 3.59 -2.37 14.72
N GLN A 39 4.68 -1.84 14.20
CA GLN A 39 5.94 -1.78 14.96
C GLN A 39 5.86 -0.78 16.11
N LYS A 40 5.08 0.28 15.95
CA LYS A 40 4.96 1.28 17.00
C LYS A 40 3.96 0.82 18.06
N GLY A 41 2.93 0.11 17.61
CA GLY A 41 1.88 -0.30 18.52
C GLY A 41 0.81 0.76 18.62
N PRO B 5 -1.34 16.34 -2.79
CA PRO B 5 -2.66 16.91 -3.05
C PRO B 5 -3.66 15.81 -3.37
N GLU B 6 -4.78 15.85 -2.68
CA GLU B 6 -5.79 14.80 -2.71
C GLU B 6 -6.33 14.58 -4.12
N ASN B 7 -6.55 15.67 -4.83
CA ASN B 7 -7.10 15.58 -6.19
C ASN B 7 -6.16 14.87 -7.14
N LYS B 8 -4.86 15.04 -6.92
CA LYS B 8 -3.86 14.40 -7.75
C LYS B 8 -3.47 13.04 -7.20
N TYR B 9 -3.54 12.90 -5.90
CA TYR B 9 -3.15 11.69 -5.18
C TYR B 9 -3.98 10.47 -5.63
N LEU B 10 -5.27 10.68 -5.91
CA LEU B 10 -6.17 9.60 -6.25
C LEU B 10 -5.78 8.89 -7.55
N PRO B 11 -5.64 9.61 -8.68
CA PRO B 11 -5.27 8.99 -9.97
C PRO B 11 -3.90 8.31 -9.91
N GLU B 12 -3.03 8.85 -9.08
CA GLU B 12 -1.73 8.23 -8.87
C GLU B 12 -1.90 6.84 -8.26
N LEU B 13 -2.79 6.74 -7.28
CA LEU B 13 -3.04 5.48 -6.60
C LEU B 13 -3.60 4.44 -7.55
N MET B 14 -4.57 4.86 -8.37
CA MET B 14 -5.20 3.94 -9.32
C MET B 14 -4.22 3.47 -10.38
N ALA B 15 -3.29 4.31 -10.76
CA ALA B 15 -2.30 3.93 -11.76
C ALA B 15 -1.32 2.89 -11.19
N GLU B 16 -0.82 3.14 -9.99
CA GLU B 16 0.06 2.18 -9.33
C GLU B 16 -0.72 0.91 -9.00
N LYS B 17 -1.96 1.13 -8.58
CA LYS B 17 -2.85 0.01 -8.27
C LYS B 17 -2.97 -0.97 -9.44
N ASP B 18 -3.28 -0.44 -10.62
CA ASP B 18 -3.51 -1.30 -11.78
C ASP B 18 -2.20 -1.76 -12.41
N SER B 19 -1.10 -1.21 -11.95
CA SER B 19 0.22 -1.57 -12.49
C SER B 19 0.96 -2.51 -11.53
N LEU B 20 0.46 -2.62 -10.32
CA LEU B 20 1.10 -3.43 -9.28
C LEU B 20 0.72 -4.89 -9.48
N ASP B 21 1.68 -5.78 -9.23
CA ASP B 21 1.46 -7.21 -9.39
C ASP B 21 0.62 -7.76 -8.24
N PRO B 22 -0.40 -8.58 -8.57
CA PRO B 22 -1.35 -9.13 -7.60
C PRO B 22 -0.70 -9.99 -6.52
N SER B 23 0.55 -10.42 -6.78
CA SER B 23 1.30 -11.23 -5.81
C SER B 23 1.46 -10.48 -4.48
N PHE B 24 1.41 -9.17 -4.54
CA PHE B 24 1.55 -8.34 -3.34
C PHE B 24 0.18 -8.02 -2.78
N THR B 25 -0.35 -8.93 -1.98
CA THR B 25 -1.71 -8.80 -1.47
C THR B 25 -1.89 -7.55 -0.64
N HIS B 26 -0.98 -7.34 0.31
CA HIS B 26 -1.11 -6.24 1.25
C HIS B 26 -0.88 -4.90 0.55
N ALA B 27 0.13 -4.86 -0.30
CA ALA B 27 0.41 -3.68 -1.11
C ALA B 27 -0.78 -3.32 -1.97
N MET B 28 -1.39 -4.35 -2.53
CA MET B 28 -2.56 -4.19 -3.37
C MET B 28 -3.77 -3.77 -2.55
N GLN B 29 -3.88 -4.31 -1.34
CA GLN B 29 -4.98 -3.97 -0.45
C GLN B 29 -4.87 -2.52 0.02
N LEU B 30 -3.67 -2.09 0.39
CA LEU B 30 -3.49 -0.75 0.92
C LEU B 30 -3.74 0.30 -0.17
N LEU B 31 -3.36 -0.03 -1.41
CA LEU B 31 -3.64 0.83 -2.55
C LEU B 31 -5.14 0.91 -2.77
N THR B 32 -5.81 -0.23 -2.58
CA THR B 32 -7.24 -0.29 -2.80
C THR B 32 -7.96 0.55 -1.76
N ALA B 33 -7.57 0.38 -0.50
CA ALA B 33 -8.22 1.05 0.61
C ALA B 33 -8.06 2.57 0.52
N GLU B 34 -6.85 3.03 0.21
CA GLU B 34 -6.57 4.45 0.13
C GLU B 34 -7.43 5.11 -0.94
N ILE B 35 -7.64 4.40 -2.03
CA ILE B 35 -8.49 4.89 -3.11
C ILE B 35 -9.93 5.00 -2.64
N GLU B 36 -10.38 4.02 -1.87
CA GLU B 36 -11.72 4.02 -1.30
C GLU B 36 -11.93 5.27 -0.44
N LYS B 37 -10.90 5.62 0.32
CA LYS B 37 -10.95 6.76 1.23
C LYS B 37 -11.17 8.07 0.47
N ILE B 38 -10.40 8.27 -0.60
CA ILE B 38 -10.52 9.47 -1.39
C ILE B 38 -11.85 9.52 -2.14
N GLN B 39 -12.25 8.37 -2.68
CA GLN B 39 -13.47 8.30 -3.48
C GLN B 39 -14.73 8.43 -2.62
N LYS B 40 -14.65 8.00 -1.37
CA LYS B 40 -15.80 8.10 -0.48
C LYS B 40 -15.89 9.50 0.12
N GLY B 41 -14.74 10.11 0.37
CA GLY B 41 -14.71 11.40 1.02
C GLY B 41 -14.68 11.25 2.52
N PRO A 5 -3.71 -11.85 12.31
CA PRO A 5 -2.97 -11.49 13.50
C PRO A 5 -1.82 -10.54 13.16
N GLU A 6 -1.74 -9.44 13.89
CA GLU A 6 -0.74 -8.40 13.65
C GLU A 6 0.68 -8.97 13.75
N ASN A 7 0.82 -10.01 14.57
CA ASN A 7 2.10 -10.69 14.70
C ASN A 7 2.55 -11.30 13.38
N LYS A 8 1.60 -11.80 12.58
CA LYS A 8 1.93 -12.39 11.30
C LYS A 8 1.78 -11.37 10.17
N TYR A 9 0.88 -10.43 10.37
CA TYR A 9 0.59 -9.38 9.39
C TYR A 9 1.82 -8.50 9.14
N LEU A 10 2.64 -8.31 10.16
CA LEU A 10 3.82 -7.45 10.07
C LEU A 10 4.85 -7.99 9.07
N PRO A 11 5.33 -9.25 9.23
CA PRO A 11 6.32 -9.84 8.32
C PRO A 11 5.81 -9.96 6.88
N GLU A 12 4.50 -10.12 6.73
CA GLU A 12 3.91 -10.15 5.40
C GLU A 12 4.18 -8.83 4.68
N LEU A 13 3.94 -7.75 5.42
CA LEU A 13 4.12 -6.41 4.88
C LEU A 13 5.57 -6.16 4.50
N MET A 14 6.49 -6.57 5.37
CA MET A 14 7.92 -6.37 5.14
C MET A 14 8.38 -7.13 3.89
N ALA A 15 7.82 -8.31 3.68
CA ALA A 15 8.20 -9.13 2.54
C ALA A 15 7.73 -8.51 1.23
N GLU A 16 6.48 -8.08 1.21
CA GLU A 16 5.93 -7.41 0.03
C GLU A 16 6.66 -6.07 -0.17
N LYS A 17 6.88 -5.41 0.95
CA LYS A 17 7.59 -4.13 0.94
C LYS A 17 8.96 -4.26 0.27
N ASP A 18 9.76 -5.19 0.74
CA ASP A 18 11.13 -5.31 0.26
C ASP A 18 11.21 -5.98 -1.10
N SER A 19 10.08 -6.50 -1.58
CA SER A 19 10.04 -7.13 -2.89
C SER A 19 9.35 -6.24 -3.92
N LEU A 20 8.68 -5.22 -3.44
CA LEU A 20 7.92 -4.32 -4.30
C LEU A 20 8.85 -3.31 -4.96
N ASP A 21 8.56 -2.96 -6.20
CA ASP A 21 9.39 -2.03 -6.94
C ASP A 21 9.09 -0.59 -6.53
N PRO A 22 10.14 0.21 -6.27
CA PRO A 22 10.02 1.60 -5.79
C PRO A 22 9.27 2.53 -6.76
N SER A 23 9.12 2.09 -8.02
CA SER A 23 8.41 2.91 -9.01
C SER A 23 6.96 3.13 -8.58
N PHE A 24 6.48 2.26 -7.70
CA PHE A 24 5.17 2.44 -7.10
C PHE A 24 5.34 3.14 -5.76
N THR A 25 5.43 4.46 -5.82
CA THR A 25 5.74 5.27 -4.66
C THR A 25 4.73 5.06 -3.54
N HIS A 26 3.45 5.24 -3.84
CA HIS A 26 2.42 5.16 -2.81
C HIS A 26 2.23 3.74 -2.33
N ALA A 27 2.31 2.77 -3.24
CA ALA A 27 2.23 1.36 -2.88
C ALA A 27 3.34 1.01 -1.91
N MET A 28 4.52 1.55 -2.19
CA MET A 28 5.68 1.35 -1.34
C MET A 28 5.52 2.11 -0.02
N GLN A 29 4.97 3.30 -0.15
CA GLN A 29 4.76 4.18 1.00
C GLN A 29 3.70 3.64 1.94
N LEU A 30 2.60 3.13 1.41
CA LEU A 30 1.55 2.57 2.24
C LEU A 30 2.02 1.31 2.96
N LEU A 31 2.85 0.52 2.28
CA LEU A 31 3.47 -0.65 2.90
C LEU A 31 4.39 -0.18 4.03
N THR A 32 5.09 0.92 3.78
CA THR A 32 6.00 1.45 4.76
C THR A 32 5.25 1.91 6.00
N ALA A 33 4.17 2.66 5.77
CA ALA A 33 3.37 3.24 6.83
C ALA A 33 2.70 2.17 7.68
N GLU A 34 2.11 1.17 7.04
CA GLU A 34 1.41 0.10 7.75
C GLU A 34 2.37 -0.65 8.66
N ILE A 35 3.60 -0.85 8.17
CA ILE A 35 4.63 -1.49 8.95
C ILE A 35 5.00 -0.62 10.14
N GLU A 36 5.08 0.68 9.91
CA GLU A 36 5.32 1.62 10.98
C GLU A 36 4.24 1.51 12.04
N LYS A 37 2.98 1.39 11.60
CA LYS A 37 1.84 1.35 12.49
C LYS A 37 1.96 0.20 13.47
N ILE A 38 2.29 -0.97 12.95
CA ILE A 38 2.44 -2.16 13.78
C ILE A 38 3.66 -2.04 14.69
N GLN A 39 4.75 -1.52 14.14
CA GLN A 39 6.01 -1.42 14.87
C GLN A 39 5.98 -0.30 15.92
N LYS A 40 5.14 0.72 15.72
CA LYS A 40 5.02 1.79 16.70
C LYS A 40 4.34 1.29 17.96
N GLY A 41 3.36 0.43 17.77
CA GLY A 41 2.55 0.00 18.87
C GLY A 41 3.21 -1.06 19.71
N PRO B 5 -2.34 17.05 -3.20
CA PRO B 5 -3.77 17.27 -3.35
C PRO B 5 -4.49 15.96 -3.64
N GLU B 6 -5.55 15.71 -2.89
CA GLU B 6 -6.31 14.47 -2.99
C GLU B 6 -6.88 14.30 -4.40
N ASN B 7 -7.12 15.41 -5.06
CA ASN B 7 -7.59 15.37 -6.45
C ASN B 7 -6.56 14.72 -7.37
N LYS B 8 -5.28 14.92 -7.10
CA LYS B 8 -4.23 14.33 -7.90
C LYS B 8 -3.74 13.02 -7.29
N TYR B 9 -3.82 12.94 -5.98
CA TYR B 9 -3.39 11.77 -5.22
C TYR B 9 -4.20 10.52 -5.60
N LEU B 10 -5.46 10.71 -5.95
CA LEU B 10 -6.36 9.59 -6.27
C LEU B 10 -5.91 8.86 -7.55
N PRO B 11 -5.73 9.55 -8.70
CA PRO B 11 -5.31 8.90 -9.94
C PRO B 11 -3.91 8.29 -9.85
N GLU B 12 -3.06 8.84 -8.99
CA GLU B 12 -1.75 8.25 -8.76
C GLU B 12 -1.92 6.84 -8.21
N LEU B 13 -2.80 6.73 -7.22
CA LEU B 13 -3.06 5.47 -6.55
C LEU B 13 -3.62 4.43 -7.53
N MET B 14 -4.56 4.87 -8.36
CA MET B 14 -5.20 3.97 -9.32
C MET B 14 -4.18 3.46 -10.34
N ALA B 15 -3.23 4.31 -10.72
CA ALA B 15 -2.23 3.92 -11.71
C ALA B 15 -1.27 2.88 -11.13
N GLU B 16 -0.80 3.13 -9.92
CA GLU B 16 0.07 2.18 -9.24
C GLU B 16 -0.71 0.89 -8.94
N LYS B 17 -1.94 1.11 -8.53
CA LYS B 17 -2.83 -0.02 -8.23
C LYS B 17 -2.97 -0.95 -9.42
N ASP B 18 -3.34 -0.40 -10.56
CA ASP B 18 -3.63 -1.22 -11.73
C ASP B 18 -2.36 -1.71 -12.42
N SER B 19 -1.22 -1.21 -11.99
CA SER B 19 0.06 -1.64 -12.55
C SER B 19 0.80 -2.57 -11.61
N LEU B 20 0.36 -2.62 -10.35
CA LEU B 20 1.01 -3.42 -9.33
C LEU B 20 0.61 -4.87 -9.47
N ASP B 21 1.54 -5.78 -9.21
CA ASP B 21 1.27 -7.20 -9.32
C ASP B 21 0.51 -7.72 -8.10
N PRO B 22 -0.56 -8.51 -8.33
CA PRO B 22 -1.43 -9.03 -7.28
C PRO B 22 -0.72 -9.92 -6.25
N SER B 23 0.48 -10.39 -6.59
CA SER B 23 1.25 -11.23 -5.68
C SER B 23 1.55 -10.48 -4.39
N PHE B 24 1.51 -9.15 -4.47
CA PHE B 24 1.66 -8.32 -3.29
C PHE B 24 0.27 -7.97 -2.77
N THR B 25 -0.28 -8.88 -1.99
CA THR B 25 -1.65 -8.77 -1.52
C THR B 25 -1.89 -7.48 -0.75
N HIS B 26 -1.09 -7.25 0.28
CA HIS B 26 -1.29 -6.10 1.15
C HIS B 26 -0.96 -4.80 0.42
N ALA B 27 0.09 -4.83 -0.39
CA ALA B 27 0.45 -3.66 -1.21
C ALA B 27 -0.70 -3.28 -2.13
N MET B 28 -1.32 -4.31 -2.69
CA MET B 28 -2.47 -4.14 -3.56
C MET B 28 -3.68 -3.70 -2.75
N GLN B 29 -3.82 -4.28 -1.59
CA GLN B 29 -4.94 -4.02 -0.70
C GLN B 29 -4.88 -2.60 -0.13
N LEU B 30 -3.70 -2.16 0.28
CA LEU B 30 -3.55 -0.83 0.83
C LEU B 30 -3.80 0.23 -0.25
N LEU B 31 -3.38 -0.06 -1.48
CA LEU B 31 -3.68 0.81 -2.61
C LEU B 31 -5.18 0.86 -2.84
N THR B 32 -5.81 -0.29 -2.67
CA THR B 32 -7.24 -0.39 -2.87
C THR B 32 -7.98 0.44 -1.82
N ALA B 33 -7.58 0.28 -0.57
CA ALA B 33 -8.21 0.95 0.55
C ALA B 33 -8.05 2.47 0.48
N GLU B 34 -6.85 2.93 0.18
CA GLU B 34 -6.56 4.36 0.10
C GLU B 34 -7.43 5.01 -0.98
N ILE B 35 -7.60 4.30 -2.08
CA ILE B 35 -8.44 4.76 -3.16
C ILE B 35 -9.88 4.83 -2.69
N GLU B 36 -10.30 3.82 -1.95
CA GLU B 36 -11.64 3.82 -1.36
C GLU B 36 -11.82 5.04 -0.48
N LYS B 37 -10.79 5.36 0.31
CA LYS B 37 -10.87 6.46 1.27
C LYS B 37 -11.18 7.78 0.57
N ILE B 38 -10.47 8.03 -0.52
CA ILE B 38 -10.67 9.25 -1.28
C ILE B 38 -12.02 9.24 -1.98
N GLN B 39 -12.38 8.09 -2.53
CA GLN B 39 -13.62 7.95 -3.30
C GLN B 39 -14.86 7.93 -2.40
N LYS B 40 -14.70 7.52 -1.15
CA LYS B 40 -15.83 7.53 -0.21
C LYS B 40 -16.23 8.94 0.13
N GLY B 41 -15.23 9.79 0.29
CA GLY B 41 -15.46 11.12 0.77
C GLY B 41 -15.96 12.05 -0.30
N PRO A 5 -2.56 -14.75 11.09
CA PRO A 5 -2.52 -14.33 12.48
C PRO A 5 -2.08 -12.87 12.60
N GLU A 6 -2.45 -12.26 13.71
CA GLU A 6 -2.44 -10.81 13.86
C GLU A 6 -1.05 -10.22 13.73
N ASN A 7 -0.03 -10.94 14.20
CA ASN A 7 1.32 -10.42 14.18
C ASN A 7 1.99 -10.72 12.85
N LYS A 8 1.80 -11.95 12.36
CA LYS A 8 2.35 -12.39 11.07
C LYS A 8 1.89 -11.49 9.91
N TYR A 9 0.94 -10.61 10.17
CA TYR A 9 0.55 -9.58 9.23
C TYR A 9 1.75 -8.66 8.93
N LEU A 10 2.61 -8.48 9.93
CA LEU A 10 3.76 -7.59 9.83
C LEU A 10 4.81 -8.11 8.82
N PRO A 11 5.29 -9.37 8.95
CA PRO A 11 6.27 -9.92 8.02
C PRO A 11 5.73 -10.00 6.59
N GLU A 12 4.43 -10.16 6.45
CA GLU A 12 3.81 -10.12 5.13
C GLU A 12 4.05 -8.75 4.49
N LEU A 13 3.82 -7.71 5.28
CA LEU A 13 3.99 -6.34 4.81
C LEU A 13 5.44 -6.07 4.43
N MET A 14 6.36 -6.50 5.28
CA MET A 14 7.80 -6.28 5.04
C MET A 14 8.28 -7.03 3.81
N ALA A 15 7.73 -8.22 3.58
CA ALA A 15 8.12 -9.02 2.42
C ALA A 15 7.64 -8.37 1.13
N GLU A 16 6.38 -7.95 1.12
CA GLU A 16 5.83 -7.25 -0.04
C GLU A 16 6.52 -5.90 -0.22
N LYS A 17 6.72 -5.24 0.92
CA LYS A 17 7.38 -3.94 0.91
C LYS A 17 8.76 -4.00 0.27
N ASP A 18 9.59 -4.91 0.74
CA ASP A 18 10.98 -4.97 0.29
C ASP A 18 11.12 -5.66 -1.07
N SER A 19 10.03 -6.23 -1.56
CA SER A 19 10.05 -6.89 -2.86
C SER A 19 9.35 -6.04 -3.93
N LEU A 20 8.61 -5.03 -3.48
CA LEU A 20 7.83 -4.19 -4.38
C LEU A 20 8.72 -3.25 -5.18
N ASP A 21 8.35 -3.01 -6.44
CA ASP A 21 9.13 -2.14 -7.31
C ASP A 21 9.00 -0.68 -6.87
N PRO A 22 10.14 0.01 -6.73
CA PRO A 22 10.18 1.40 -6.23
C PRO A 22 9.43 2.38 -7.12
N SER A 23 9.13 1.98 -8.35
CA SER A 23 8.36 2.81 -9.26
C SER A 23 6.98 3.10 -8.67
N PHE A 24 6.52 2.22 -7.80
CA PHE A 24 5.23 2.40 -7.14
C PHE A 24 5.43 3.08 -5.80
N THR A 25 5.54 4.39 -5.84
CA THR A 25 5.89 5.18 -4.66
C THR A 25 4.87 5.01 -3.55
N HIS A 26 3.59 5.21 -3.86
CA HIS A 26 2.55 5.17 -2.85
C HIS A 26 2.34 3.76 -2.35
N ALA A 27 2.42 2.79 -3.26
CA ALA A 27 2.32 1.39 -2.89
C ALA A 27 3.40 1.01 -1.89
N MET A 28 4.59 1.50 -2.15
CA MET A 28 5.72 1.27 -1.27
C MET A 28 5.56 2.05 0.02
N GLN A 29 5.00 3.24 -0.10
CA GLN A 29 4.78 4.13 1.04
C GLN A 29 3.72 3.57 1.98
N LEU A 30 2.60 3.10 1.44
CA LEU A 30 1.52 2.59 2.26
C LEU A 30 1.94 1.32 2.99
N LEU A 31 2.75 0.49 2.31
CA LEU A 31 3.30 -0.71 2.93
C LEU A 31 4.20 -0.31 4.08
N THR A 32 4.94 0.75 3.89
CA THR A 32 5.87 1.22 4.91
C THR A 32 5.11 1.73 6.13
N ALA A 33 4.09 2.54 5.86
CA ALA A 33 3.30 3.17 6.90
C ALA A 33 2.59 2.15 7.78
N GLU A 34 2.01 1.12 7.16
CA GLU A 34 1.30 0.09 7.92
C GLU A 34 2.26 -0.68 8.81
N ILE A 35 3.46 -0.92 8.29
CA ILE A 35 4.49 -1.58 9.06
C ILE A 35 4.85 -0.76 10.28
N GLU A 36 4.92 0.56 10.07
CA GLU A 36 5.17 1.49 11.15
C GLU A 36 4.14 1.31 12.25
N LYS A 37 2.87 1.21 11.88
CA LYS A 37 1.79 1.14 12.86
C LYS A 37 1.96 -0.07 13.77
N ILE A 38 2.23 -1.22 13.16
CA ILE A 38 2.38 -2.46 13.91
C ILE A 38 3.59 -2.40 14.82
N GLN A 39 4.68 -1.87 14.30
CA GLN A 39 5.93 -1.79 15.05
C GLN A 39 5.89 -0.70 16.12
N LYS A 40 5.33 0.46 15.77
CA LYS A 40 5.35 1.61 16.68
C LYS A 40 4.30 1.47 17.79
N GLY A 41 3.14 0.95 17.43
CA GLY A 41 2.06 0.83 18.40
C GLY A 41 1.15 2.04 18.36
N PRO B 5 -0.80 17.61 -6.08
CA PRO B 5 -2.03 18.22 -5.65
C PRO B 5 -2.96 17.19 -5.02
N GLU B 6 -3.87 17.67 -4.18
CA GLU B 6 -4.60 16.84 -3.23
C GLU B 6 -5.47 15.80 -3.92
N ASN B 7 -6.02 16.12 -5.07
CA ASN B 7 -6.92 15.22 -5.76
C ASN B 7 -6.13 14.26 -6.63
N LYS B 8 -5.14 14.79 -7.36
CA LYS B 8 -4.27 14.01 -8.23
C LYS B 8 -3.55 12.89 -7.47
N TYR B 9 -3.63 12.91 -6.15
CA TYR B 9 -3.16 11.80 -5.33
C TYR B 9 -3.94 10.52 -5.67
N LEU B 10 -5.20 10.69 -6.05
CA LEU B 10 -6.10 9.56 -6.35
C LEU B 10 -5.65 8.79 -7.61
N PRO B 11 -5.46 9.47 -8.78
CA PRO B 11 -5.02 8.79 -10.00
C PRO B 11 -3.64 8.15 -9.85
N GLU B 12 -2.81 8.71 -8.98
CA GLU B 12 -1.53 8.10 -8.70
C GLU B 12 -1.74 6.72 -8.07
N LEU B 13 -2.65 6.67 -7.11
CA LEU B 13 -2.97 5.43 -6.42
C LEU B 13 -3.53 4.40 -7.38
N MET B 14 -4.47 4.82 -8.23
CA MET B 14 -5.10 3.91 -9.19
C MET B 14 -4.10 3.39 -10.21
N ALA B 15 -3.15 4.23 -10.60
CA ALA B 15 -2.15 3.82 -11.57
C ALA B 15 -1.20 2.78 -10.97
N GLU B 16 -0.74 3.04 -9.76
CA GLU B 16 0.12 2.08 -9.07
C GLU B 16 -0.67 0.82 -8.73
N LYS B 17 -1.90 1.06 -8.30
CA LYS B 17 -2.79 -0.05 -7.94
C LYS B 17 -2.97 -1.02 -9.10
N ASP B 18 -3.37 -0.50 -10.24
CA ASP B 18 -3.71 -1.35 -11.38
C ASP B 18 -2.47 -1.85 -12.12
N SER B 19 -1.31 -1.34 -11.75
CA SER B 19 -0.06 -1.76 -12.37
C SER B 19 0.74 -2.70 -11.46
N LEU B 20 0.36 -2.74 -10.19
CA LEU B 20 1.07 -3.50 -9.18
C LEU B 20 0.82 -4.99 -9.36
N ASP B 21 1.85 -5.80 -9.10
CA ASP B 21 1.74 -7.25 -9.24
C ASP B 21 0.85 -7.83 -8.14
N PRO B 22 -0.12 -8.67 -8.51
CA PRO B 22 -1.11 -9.25 -7.59
C PRO B 22 -0.47 -10.12 -6.49
N SER B 23 0.76 -10.54 -6.72
CA SER B 23 1.49 -11.31 -5.72
C SER B 23 1.62 -10.53 -4.41
N PHE B 24 1.58 -9.21 -4.52
CA PHE B 24 1.66 -8.34 -3.36
C PHE B 24 0.27 -8.00 -2.87
N THR B 25 -0.31 -8.91 -2.11
CA THR B 25 -1.69 -8.79 -1.70
C THR B 25 -1.95 -7.52 -0.88
N HIS B 26 -1.16 -7.32 0.16
CA HIS B 26 -1.37 -6.19 1.05
C HIS B 26 -1.03 -4.87 0.36
N ALA B 27 0.02 -4.89 -0.46
CA ALA B 27 0.40 -3.72 -1.24
C ALA B 27 -0.75 -3.30 -2.15
N MET B 28 -1.37 -4.29 -2.76
CA MET B 28 -2.50 -4.05 -3.63
C MET B 28 -3.73 -3.63 -2.82
N GLN B 29 -3.84 -4.23 -1.64
CA GLN B 29 -4.97 -3.96 -0.75
C GLN B 29 -4.91 -2.55 -0.18
N LEU B 30 -3.73 -2.13 0.27
CA LEU B 30 -3.58 -0.81 0.86
C LEU B 30 -3.80 0.29 -0.18
N LEU B 31 -3.36 0.02 -1.40
CA LEU B 31 -3.58 0.94 -2.52
C LEU B 31 -5.08 1.06 -2.77
N THR B 32 -5.77 -0.06 -2.65
CA THR B 32 -7.19 -0.09 -2.90
C THR B 32 -7.94 0.69 -1.83
N ALA B 33 -7.57 0.45 -0.58
CA ALA B 33 -8.21 1.07 0.57
C ALA B 33 -8.08 2.59 0.55
N GLU B 34 -6.88 3.08 0.23
CA GLU B 34 -6.66 4.52 0.20
C GLU B 34 -7.49 5.18 -0.89
N ILE B 35 -7.61 4.48 -2.01
CA ILE B 35 -8.43 4.96 -3.11
C ILE B 35 -9.87 5.05 -2.67
N GLU B 36 -10.30 4.07 -1.89
CA GLU B 36 -11.63 4.07 -1.33
C GLU B 36 -11.87 5.33 -0.53
N LYS B 37 -10.90 5.69 0.31
CA LYS B 37 -11.06 6.84 1.22
C LYS B 37 -11.30 8.12 0.43
N ILE B 38 -10.51 8.33 -0.61
CA ILE B 38 -10.62 9.54 -1.42
C ILE B 38 -11.95 9.57 -2.16
N GLN B 39 -12.33 8.43 -2.70
CA GLN B 39 -13.56 8.34 -3.48
C GLN B 39 -14.80 8.36 -2.59
N LYS B 40 -14.75 7.65 -1.47
CA LYS B 40 -15.93 7.50 -0.61
C LYS B 40 -16.16 8.75 0.23
N GLY B 41 -15.09 9.35 0.72
CA GLY B 41 -15.21 10.50 1.58
C GLY B 41 -15.25 10.10 3.05
N PRO A 5 -2.15 -14.22 10.09
CA PRO A 5 -1.97 -14.17 11.54
C PRO A 5 -1.85 -12.73 12.00
N GLU A 6 -2.46 -12.43 13.12
CA GLU A 6 -2.70 -11.05 13.53
C GLU A 6 -1.41 -10.27 13.78
N ASN A 7 -0.38 -10.94 14.27
CA ASN A 7 0.93 -10.32 14.45
C ASN A 7 1.78 -10.48 13.20
N LYS A 8 1.81 -11.70 12.69
CA LYS A 8 2.60 -12.02 11.50
C LYS A 8 1.98 -11.46 10.21
N TYR A 9 1.02 -10.57 10.36
CA TYR A 9 0.61 -9.67 9.29
C TYR A 9 1.77 -8.73 8.96
N LEU A 10 2.60 -8.50 9.97
CA LEU A 10 3.73 -7.58 9.87
C LEU A 10 4.80 -8.07 8.88
N PRO A 11 5.34 -9.30 9.03
CA PRO A 11 6.35 -9.85 8.11
C PRO A 11 5.84 -9.95 6.68
N GLU A 12 4.54 -10.13 6.52
CA GLU A 12 3.94 -10.14 5.19
C GLU A 12 4.15 -8.78 4.52
N LEU A 13 3.91 -7.74 5.29
CA LEU A 13 4.08 -6.38 4.80
C LEU A 13 5.52 -6.12 4.42
N MET A 14 6.44 -6.53 5.29
CA MET A 14 7.87 -6.31 5.05
C MET A 14 8.35 -7.08 3.82
N ALA A 15 7.81 -8.27 3.60
CA ALA A 15 8.20 -9.07 2.45
C ALA A 15 7.72 -8.43 1.15
N GLU A 16 6.46 -8.01 1.14
CA GLU A 16 5.91 -7.32 -0.03
C GLU A 16 6.63 -5.98 -0.21
N LYS A 17 6.86 -5.34 0.92
CA LYS A 17 7.58 -4.06 0.91
C LYS A 17 8.95 -4.17 0.27
N ASP A 18 9.74 -5.11 0.74
CA ASP A 18 11.13 -5.24 0.29
C ASP A 18 11.22 -5.87 -1.09
N SER A 19 10.11 -6.39 -1.60
CA SER A 19 10.09 -7.01 -2.91
C SER A 19 9.44 -6.09 -3.95
N LEU A 20 8.63 -5.15 -3.48
CA LEU A 20 7.88 -4.26 -4.36
C LEU A 20 8.84 -3.27 -5.04
N ASP A 21 8.55 -2.95 -6.29
CA ASP A 21 9.39 -2.03 -7.06
C ASP A 21 9.13 -0.58 -6.65
N PRO A 22 10.22 0.19 -6.46
CA PRO A 22 10.16 1.58 -5.97
C PRO A 22 9.41 2.52 -6.90
N SER A 23 9.19 2.11 -8.14
CA SER A 23 8.46 2.95 -9.10
C SER A 23 7.03 3.20 -8.63
N PHE A 24 6.55 2.34 -7.74
CA PHE A 24 5.24 2.51 -7.13
C PHE A 24 5.41 3.22 -5.80
N THR A 25 5.49 4.54 -5.85
CA THR A 25 5.77 5.35 -4.68
C THR A 25 4.75 5.12 -3.57
N HIS A 26 3.47 5.28 -3.88
CA HIS A 26 2.43 5.22 -2.88
C HIS A 26 2.24 3.79 -2.38
N ALA A 27 2.33 2.82 -3.28
CA ALA A 27 2.27 1.41 -2.90
C ALA A 27 3.37 1.07 -1.91
N MET A 28 4.54 1.61 -2.18
CA MET A 28 5.70 1.43 -1.33
C MET A 28 5.53 2.20 -0.02
N GLN A 29 4.96 3.37 -0.14
CA GLN A 29 4.73 4.23 1.01
C GLN A 29 3.67 3.66 1.96
N LEU A 30 2.58 3.15 1.41
CA LEU A 30 1.51 2.60 2.23
C LEU A 30 1.96 1.34 2.95
N LEU A 31 2.80 0.54 2.26
CA LEU A 31 3.38 -0.66 2.86
C LEU A 31 4.28 -0.25 4.02
N THR A 32 4.98 0.86 3.84
CA THR A 32 5.90 1.33 4.85
C THR A 32 5.14 1.78 6.09
N ALA A 33 4.09 2.56 5.87
CA ALA A 33 3.32 3.14 6.96
C ALA A 33 2.65 2.09 7.83
N GLU A 34 2.04 1.09 7.21
CA GLU A 34 1.35 0.03 7.94
C GLU A 34 2.35 -0.74 8.81
N ILE A 35 3.55 -0.90 8.29
CA ILE A 35 4.62 -1.55 9.04
C ILE A 35 5.01 -0.71 10.26
N GLU A 36 5.11 0.60 10.06
CA GLU A 36 5.39 1.53 11.13
C GLU A 36 4.30 1.44 12.19
N LYS A 37 3.08 1.27 11.71
CA LYS A 37 1.89 1.19 12.55
C LYS A 37 1.96 0.00 13.50
N ILE A 38 2.33 -1.16 12.99
CA ILE A 38 2.46 -2.35 13.82
C ILE A 38 3.69 -2.27 14.73
N GLN A 39 4.81 -1.82 14.17
CA GLN A 39 6.07 -1.80 14.89
C GLN A 39 6.13 -0.71 15.97
N LYS A 40 5.32 0.32 15.82
CA LYS A 40 5.29 1.39 16.81
C LYS A 40 4.60 0.91 18.09
N GLY A 41 3.69 -0.04 17.94
CA GLY A 41 2.92 -0.49 19.07
C GLY A 41 1.63 0.28 19.21
N PRO B 5 -0.40 16.45 -6.16
CA PRO B 5 -1.60 17.28 -6.05
C PRO B 5 -2.62 16.60 -5.15
N GLU B 6 -3.27 17.40 -4.34
CA GLU B 6 -4.04 16.89 -3.22
C GLU B 6 -5.22 16.02 -3.64
N ASN B 7 -5.83 16.33 -4.77
CA ASN B 7 -6.90 15.50 -5.32
C ASN B 7 -6.32 14.43 -6.24
N LYS B 8 -5.44 14.86 -7.13
CA LYS B 8 -4.81 13.95 -8.09
C LYS B 8 -3.78 13.02 -7.45
N TYR B 9 -3.77 12.96 -6.14
CA TYR B 9 -3.15 11.88 -5.39
C TYR B 9 -3.89 10.56 -5.70
N LEU B 10 -5.17 10.73 -6.03
CA LEU B 10 -6.07 9.61 -6.30
C LEU B 10 -5.66 8.82 -7.56
N PRO B 11 -5.51 9.47 -8.75
CA PRO B 11 -5.11 8.79 -9.98
C PRO B 11 -3.74 8.14 -9.87
N GLU B 12 -2.88 8.70 -9.03
CA GLU B 12 -1.58 8.10 -8.78
C GLU B 12 -1.76 6.72 -8.16
N LEU B 13 -2.66 6.66 -7.19
CA LEU B 13 -2.96 5.41 -6.50
C LEU B 13 -3.52 4.39 -7.47
N MET B 14 -4.46 4.83 -8.30
CA MET B 14 -5.12 3.93 -9.26
C MET B 14 -4.11 3.41 -10.28
N ALA B 15 -3.16 4.25 -10.68
CA ALA B 15 -2.16 3.84 -11.66
C ALA B 15 -1.20 2.81 -11.07
N GLU B 16 -0.74 3.06 -9.85
CA GLU B 16 0.12 2.10 -9.17
C GLU B 16 -0.68 0.83 -8.87
N LYS B 17 -1.91 1.05 -8.46
CA LYS B 17 -2.81 -0.06 -8.16
C LYS B 17 -2.98 -0.99 -9.36
N ASP B 18 -3.34 -0.43 -10.50
CA ASP B 18 -3.66 -1.23 -11.68
C ASP B 18 -2.40 -1.76 -12.35
N SER B 19 -1.24 -1.29 -11.92
CA SER B 19 0.02 -1.74 -12.50
C SER B 19 0.73 -2.72 -11.57
N LEU B 20 0.41 -2.67 -10.29
CA LEU B 20 1.05 -3.48 -9.27
C LEU B 20 0.66 -4.95 -9.44
N ASP B 21 1.60 -5.84 -9.19
CA ASP B 21 1.36 -7.28 -9.34
C ASP B 21 0.57 -7.82 -8.15
N PRO B 22 -0.46 -8.65 -8.44
CA PRO B 22 -1.39 -9.18 -7.42
C PRO B 22 -0.72 -10.06 -6.37
N SER B 23 0.50 -10.51 -6.65
CA SER B 23 1.24 -11.36 -5.71
C SER B 23 1.50 -10.60 -4.40
N PHE B 24 1.45 -9.28 -4.48
CA PHE B 24 1.58 -8.44 -3.30
C PHE B 24 0.20 -8.09 -2.78
N THR B 25 -0.36 -9.00 -2.00
CA THR B 25 -1.72 -8.86 -1.50
C THR B 25 -1.93 -7.56 -0.74
N HIS B 26 -1.12 -7.34 0.27
CA HIS B 26 -1.31 -6.20 1.15
C HIS B 26 -0.98 -4.89 0.44
N ALA B 27 0.05 -4.90 -0.38
CA ALA B 27 0.41 -3.74 -1.19
C ALA B 27 -0.75 -3.35 -2.09
N MET B 28 -1.37 -4.37 -2.66
CA MET B 28 -2.52 -4.19 -3.53
C MET B 28 -3.73 -3.74 -2.72
N GLN B 29 -3.86 -4.32 -1.54
CA GLN B 29 -4.97 -4.03 -0.65
C GLN B 29 -4.89 -2.61 -0.09
N LEU B 30 -3.71 -2.18 0.31
CA LEU B 30 -3.55 -0.85 0.88
C LEU B 30 -3.77 0.23 -0.19
N LEU B 31 -3.34 -0.06 -1.41
CA LEU B 31 -3.60 0.83 -2.55
C LEU B 31 -5.09 0.94 -2.78
N THR B 32 -5.78 -0.17 -2.62
CA THR B 32 -7.21 -0.20 -2.87
C THR B 32 -7.94 0.64 -1.84
N ALA B 33 -7.57 0.45 -0.57
CA ALA B 33 -8.24 1.11 0.54
C ALA B 33 -8.10 2.63 0.49
N GLU B 34 -6.89 3.11 0.21
CA GLU B 34 -6.65 4.56 0.13
C GLU B 34 -7.47 5.18 -0.98
N ILE B 35 -7.64 4.44 -2.07
CA ILE B 35 -8.46 4.88 -3.18
C ILE B 35 -9.93 4.98 -2.75
N GLU B 36 -10.39 3.97 -2.01
CA GLU B 36 -11.74 3.96 -1.47
C GLU B 36 -11.93 5.17 -0.56
N LYS B 37 -10.87 5.48 0.18
CA LYS B 37 -10.86 6.58 1.14
C LYS B 37 -11.11 7.92 0.45
N ILE B 38 -10.42 8.16 -0.66
CA ILE B 38 -10.60 9.39 -1.41
C ILE B 38 -11.93 9.41 -2.14
N GLN B 39 -12.27 8.30 -2.77
CA GLN B 39 -13.47 8.23 -3.61
C GLN B 39 -14.76 8.20 -2.79
N LYS B 40 -14.68 7.79 -1.54
CA LYS B 40 -15.87 7.78 -0.68
C LYS B 40 -16.28 9.19 -0.29
N GLY B 41 -15.29 10.09 -0.24
CA GLY B 41 -15.55 11.44 0.20
C GLY B 41 -15.33 11.58 1.68
N PRO A 5 -4.64 -10.85 11.30
CA PRO A 5 -3.92 -10.61 12.55
C PRO A 5 -2.61 -9.87 12.31
N GLU A 6 -2.41 -8.78 13.04
CA GLU A 6 -1.26 -7.90 12.83
C GLU A 6 0.07 -8.62 13.05
N ASN A 7 0.07 -9.62 13.93
CA ASN A 7 1.28 -10.38 14.20
C ASN A 7 1.75 -11.14 12.95
N LYS A 8 0.79 -11.59 12.15
CA LYS A 8 1.07 -12.23 10.87
C LYS A 8 1.19 -11.20 9.76
N TYR A 9 0.35 -10.20 9.85
CA TYR A 9 0.24 -9.14 8.86
C TYR A 9 1.55 -8.37 8.69
N LEU A 10 2.28 -8.16 9.78
CA LEU A 10 3.50 -7.35 9.77
C LEU A 10 4.60 -7.95 8.88
N PRO A 11 5.01 -9.21 9.11
CA PRO A 11 6.06 -9.85 8.30
C PRO A 11 5.67 -9.94 6.82
N GLU A 12 4.39 -10.08 6.58
CA GLU A 12 3.88 -10.08 5.22
C GLU A 12 4.14 -8.74 4.57
N LEU A 13 3.91 -7.68 5.33
CA LEU A 13 4.12 -6.32 4.84
C LEU A 13 5.58 -6.08 4.49
N MET A 14 6.48 -6.52 5.38
CA MET A 14 7.91 -6.31 5.16
C MET A 14 8.41 -7.09 3.94
N ALA A 15 7.84 -8.27 3.70
CA ALA A 15 8.23 -9.07 2.56
C ALA A 15 7.77 -8.43 1.25
N GLU A 16 6.50 -7.99 1.22
CA GLU A 16 5.98 -7.30 0.06
C GLU A 16 6.71 -5.97 -0.14
N LYS A 17 6.92 -5.30 0.99
CA LYS A 17 7.65 -4.03 0.96
C LYS A 17 9.05 -4.22 0.38
N ASP A 18 9.75 -5.24 0.84
CA ASP A 18 11.12 -5.49 0.40
C ASP A 18 11.17 -5.97 -1.05
N SER A 19 10.08 -6.55 -1.53
CA SER A 19 10.05 -7.15 -2.86
C SER A 19 9.34 -6.26 -3.89
N LEU A 20 8.64 -5.24 -3.42
CA LEU A 20 7.85 -4.39 -4.30
C LEU A 20 8.75 -3.40 -5.03
N ASP A 21 8.40 -3.12 -6.28
CA ASP A 21 9.18 -2.21 -7.10
C ASP A 21 9.00 -0.77 -6.64
N PRO A 22 10.12 -0.04 -6.46
CA PRO A 22 10.11 1.33 -5.93
C PRO A 22 9.38 2.33 -6.83
N SER A 23 9.16 1.94 -8.09
CA SER A 23 8.47 2.82 -9.03
C SER A 23 7.04 3.10 -8.56
N PHE A 24 6.53 2.23 -7.70
CA PHE A 24 5.22 2.43 -7.12
C PHE A 24 5.38 3.13 -5.77
N THR A 25 5.48 4.45 -5.84
CA THR A 25 5.77 5.27 -4.68
C THR A 25 4.73 5.08 -3.57
N HIS A 26 3.47 5.25 -3.91
CA HIS A 26 2.41 5.18 -2.90
C HIS A 26 2.23 3.76 -2.39
N ALA A 27 2.32 2.78 -3.28
CA ALA A 27 2.26 1.39 -2.88
C ALA A 27 3.37 1.06 -1.89
N MET A 28 4.54 1.60 -2.18
CA MET A 28 5.69 1.42 -1.32
C MET A 28 5.53 2.21 -0.01
N GLN A 29 4.97 3.40 -0.14
CA GLN A 29 4.75 4.27 1.00
C GLN A 29 3.68 3.71 1.94
N LEU A 30 2.58 3.22 1.39
CA LEU A 30 1.51 2.68 2.21
C LEU A 30 1.97 1.40 2.93
N LEU A 31 2.81 0.62 2.26
CA LEU A 31 3.38 -0.58 2.88
C LEU A 31 4.28 -0.18 4.03
N THR A 32 5.00 0.90 3.85
CA THR A 32 5.96 1.33 4.84
C THR A 32 5.25 1.88 6.07
N ALA A 33 4.25 2.73 5.84
CA ALA A 33 3.51 3.36 6.91
C ALA A 33 2.79 2.33 7.78
N GLU A 34 2.17 1.34 7.15
CA GLU A 34 1.47 0.28 7.87
C GLU A 34 2.45 -0.50 8.75
N ILE A 35 3.65 -0.70 8.24
CA ILE A 35 4.68 -1.38 9.00
C ILE A 35 5.07 -0.55 10.22
N GLU A 36 5.18 0.77 10.03
CA GLU A 36 5.46 1.68 11.12
C GLU A 36 4.40 1.55 12.21
N LYS A 37 3.15 1.44 11.78
CA LYS A 37 2.01 1.33 12.70
C LYS A 37 2.14 0.11 13.61
N ILE A 38 2.42 -1.04 13.02
CA ILE A 38 2.53 -2.27 13.80
C ILE A 38 3.79 -2.30 14.64
N GLN A 39 4.89 -1.78 14.09
CA GLN A 39 6.17 -1.77 14.79
C GLN A 39 6.18 -0.75 15.93
N LYS A 40 5.30 0.25 15.85
CA LYS A 40 5.19 1.26 16.90
C LYS A 40 4.75 0.66 18.20
N GLY A 41 3.79 -0.24 18.13
CA GLY A 41 3.17 -0.73 19.33
C GLY A 41 3.91 -1.91 19.93
N PRO B 5 -1.42 16.14 -1.92
CA PRO B 5 -2.83 16.49 -2.13
C PRO B 5 -3.63 15.32 -2.67
N GLU B 6 -4.74 15.03 -2.01
CA GLU B 6 -5.55 13.86 -2.34
C GLU B 6 -6.09 13.88 -3.77
N ASN B 7 -6.32 15.09 -4.28
CA ASN B 7 -6.81 15.24 -5.66
C ASN B 7 -5.79 14.70 -6.67
N LYS B 8 -4.51 14.87 -6.36
CA LYS B 8 -3.43 14.33 -7.17
C LYS B 8 -3.10 12.90 -6.75
N TYR B 9 -3.16 12.68 -5.46
CA TYR B 9 -2.83 11.42 -4.83
C TYR B 9 -3.70 10.26 -5.34
N LEU B 10 -4.98 10.54 -5.59
CA LEU B 10 -5.93 9.50 -5.98
C LEU B 10 -5.58 8.85 -7.33
N PRO B 11 -5.41 9.62 -8.42
CA PRO B 11 -5.08 9.05 -9.73
C PRO B 11 -3.74 8.31 -9.70
N GLU B 12 -2.83 8.78 -8.88
CA GLU B 12 -1.57 8.10 -8.69
C GLU B 12 -1.79 6.71 -8.11
N LEU B 13 -2.70 6.65 -7.14
CA LEU B 13 -3.01 5.38 -6.48
C LEU B 13 -3.59 4.39 -7.48
N MET B 14 -4.53 4.86 -8.30
CA MET B 14 -5.19 3.98 -9.28
C MET B 14 -4.19 3.47 -10.32
N ALA B 15 -3.23 4.30 -10.69
CA ALA B 15 -2.22 3.90 -11.67
C ALA B 15 -1.29 2.84 -11.09
N GLU B 16 -0.81 3.08 -9.87
CA GLU B 16 0.04 2.11 -9.19
C GLU B 16 -0.77 0.84 -8.91
N LYS B 17 -1.99 1.05 -8.48
CA LYS B 17 -2.89 -0.07 -8.20
C LYS B 17 -3.11 -0.93 -9.46
N ASP B 18 -3.37 -0.28 -10.58
CA ASP B 18 -3.63 -0.99 -11.83
C ASP B 18 -2.36 -1.65 -12.39
N SER B 19 -1.20 -1.13 -12.00
CA SER B 19 0.06 -1.60 -12.56
C SER B 19 0.81 -2.54 -11.60
N LEU B 20 0.38 -2.58 -10.35
CA LEU B 20 1.07 -3.36 -9.34
C LEU B 20 0.74 -4.84 -9.47
N ASP B 21 1.73 -5.68 -9.21
CA ASP B 21 1.57 -7.12 -9.32
C ASP B 21 0.69 -7.65 -8.19
N PRO B 22 -0.32 -8.46 -8.53
CA PRO B 22 -1.30 -8.98 -7.57
C PRO B 22 -0.68 -9.89 -6.50
N SER B 23 0.54 -10.37 -6.75
CA SER B 23 1.22 -11.25 -5.80
C SER B 23 1.48 -10.50 -4.49
N PHE B 24 1.47 -9.19 -4.54
CA PHE B 24 1.61 -8.37 -3.35
C PHE B 24 0.23 -8.03 -2.82
N THR B 25 -0.34 -8.95 -2.07
CA THR B 25 -1.70 -8.82 -1.59
C THR B 25 -1.91 -7.56 -0.77
N HIS B 26 -1.09 -7.34 0.24
CA HIS B 26 -1.26 -6.20 1.13
C HIS B 26 -0.95 -4.89 0.42
N ALA B 27 0.07 -4.90 -0.40
CA ALA B 27 0.41 -3.72 -1.20
C ALA B 27 -0.75 -3.34 -2.10
N MET B 28 -1.37 -4.35 -2.68
CA MET B 28 -2.53 -4.18 -3.54
C MET B 28 -3.74 -3.76 -2.72
N GLN B 29 -3.88 -4.35 -1.55
CA GLN B 29 -5.00 -4.07 -0.66
C GLN B 29 -4.91 -2.66 -0.09
N LEU B 30 -3.72 -2.24 0.35
CA LEU B 30 -3.55 -0.90 0.92
C LEU B 30 -3.80 0.17 -0.15
N LEU B 31 -3.39 -0.13 -1.38
CA LEU B 31 -3.62 0.79 -2.49
C LEU B 31 -5.11 0.92 -2.74
N THR B 32 -5.80 -0.20 -2.62
CA THR B 32 -7.22 -0.23 -2.92
C THR B 32 -8.01 0.53 -1.86
N ALA B 33 -7.68 0.26 -0.60
CA ALA B 33 -8.36 0.88 0.53
C ALA B 33 -8.23 2.40 0.52
N GLU B 34 -7.01 2.88 0.26
CA GLU B 34 -6.74 4.31 0.20
C GLU B 34 -7.56 4.95 -0.91
N ILE B 35 -7.70 4.24 -2.01
CA ILE B 35 -8.52 4.74 -3.12
C ILE B 35 -9.98 4.83 -2.70
N GLU B 36 -10.45 3.83 -1.96
CA GLU B 36 -11.81 3.84 -1.42
C GLU B 36 -12.01 5.08 -0.55
N LYS B 37 -11.01 5.41 0.25
CA LYS B 37 -11.07 6.55 1.15
C LYS B 37 -11.29 7.86 0.40
N ILE B 38 -10.51 8.09 -0.64
CA ILE B 38 -10.61 9.32 -1.40
C ILE B 38 -11.87 9.35 -2.24
N GLN B 39 -12.24 8.21 -2.80
CA GLN B 39 -13.42 8.11 -3.66
C GLN B 39 -14.70 8.21 -2.84
N LYS B 40 -14.63 7.90 -1.55
CA LYS B 40 -15.79 7.98 -0.67
C LYS B 40 -16.29 9.40 -0.53
N GLY B 41 -15.35 10.33 -0.41
CA GLY B 41 -15.73 11.68 -0.10
C GLY B 41 -16.05 12.51 -1.33
N PRO A 5 -4.55 -11.54 11.69
CA PRO A 5 -3.74 -11.10 12.84
C PRO A 5 -2.54 -10.24 12.43
N GLU A 6 -2.46 -9.07 13.05
CA GLU A 6 -1.40 -8.11 12.77
C GLU A 6 -0.01 -8.69 13.05
N ASN A 7 0.05 -9.62 13.99
CA ASN A 7 1.31 -10.26 14.33
C ASN A 7 1.93 -11.00 13.15
N LYS A 8 1.09 -11.54 12.28
CA LYS A 8 1.57 -12.23 11.09
C LYS A 8 1.46 -11.32 9.87
N TYR A 9 0.57 -10.37 9.94
CA TYR A 9 0.35 -9.38 8.90
C TYR A 9 1.60 -8.50 8.70
N LEU A 10 2.36 -8.29 9.76
CA LEU A 10 3.54 -7.42 9.72
C LEU A 10 4.65 -7.99 8.83
N PRO A 11 5.11 -9.24 9.06
CA PRO A 11 6.15 -9.85 8.21
C PRO A 11 5.70 -9.98 6.76
N GLU A 12 4.40 -10.12 6.57
CA GLU A 12 3.84 -10.11 5.23
C GLU A 12 4.11 -8.77 4.55
N LEU A 13 3.89 -7.70 5.30
CA LEU A 13 4.08 -6.35 4.79
C LEU A 13 5.54 -6.11 4.41
N MET A 14 6.44 -6.52 5.29
CA MET A 14 7.87 -6.31 5.06
C MET A 14 8.35 -7.11 3.85
N ALA A 15 7.79 -8.29 3.64
CA ALA A 15 8.17 -9.11 2.49
C ALA A 15 7.70 -8.48 1.18
N GLU A 16 6.44 -8.05 1.15
CA GLU A 16 5.91 -7.36 -0.02
C GLU A 16 6.64 -6.04 -0.21
N LYS A 17 6.90 -5.40 0.92
CA LYS A 17 7.64 -4.14 0.91
C LYS A 17 8.99 -4.29 0.22
N ASP A 18 9.76 -5.26 0.65
CA ASP A 18 11.14 -5.41 0.16
C ASP A 18 11.18 -6.03 -1.24
N SER A 19 10.06 -6.56 -1.69
CA SER A 19 9.99 -7.14 -3.02
C SER A 19 9.26 -6.23 -4.02
N LEU A 20 8.61 -5.20 -3.50
CA LEU A 20 7.81 -4.32 -4.33
C LEU A 20 8.69 -3.35 -5.11
N ASP A 21 8.30 -3.05 -6.33
CA ASP A 21 9.06 -2.16 -7.19
C ASP A 21 8.95 -0.72 -6.71
N PRO A 22 10.09 -0.02 -6.58
CA PRO A 22 10.16 1.34 -6.04
C PRO A 22 9.44 2.37 -6.92
N SER A 23 9.15 2.00 -8.17
CA SER A 23 8.43 2.88 -9.06
C SER A 23 7.01 3.13 -8.54
N PHE A 24 6.52 2.24 -7.68
CA PHE A 24 5.22 2.43 -7.06
C PHE A 24 5.40 3.14 -5.74
N THR A 25 5.50 4.45 -5.80
CA THR A 25 5.81 5.26 -4.64
C THR A 25 4.75 5.11 -3.55
N HIS A 26 3.50 5.28 -3.92
CA HIS A 26 2.42 5.26 -2.94
C HIS A 26 2.20 3.86 -2.39
N ALA A 27 2.28 2.86 -3.26
CA ALA A 27 2.20 1.46 -2.84
C ALA A 27 3.29 1.14 -1.84
N MET A 28 4.47 1.66 -2.13
CA MET A 28 5.62 1.49 -1.26
C MET A 28 5.45 2.26 0.04
N GLN A 29 4.87 3.45 -0.08
CA GLN A 29 4.63 4.31 1.08
C GLN A 29 3.57 3.71 1.99
N LEU A 30 2.50 3.19 1.42
CA LEU A 30 1.43 2.61 2.21
C LEU A 30 1.91 1.37 2.95
N LEU A 31 2.79 0.61 2.30
CA LEU A 31 3.41 -0.57 2.93
C LEU A 31 4.30 -0.10 4.07
N THR A 32 5.00 1.00 3.84
CA THR A 32 5.93 1.52 4.82
C THR A 32 5.20 1.98 6.08
N ALA A 33 4.14 2.74 5.86
CA ALA A 33 3.37 3.33 6.95
C ALA A 33 2.73 2.25 7.83
N GLU A 34 2.13 1.23 7.18
CA GLU A 34 1.47 0.17 7.91
C GLU A 34 2.48 -0.62 8.75
N ILE A 35 3.67 -0.81 8.20
CA ILE A 35 4.73 -1.49 8.93
C ILE A 35 5.15 -0.66 10.13
N GLU A 36 5.26 0.65 9.93
CA GLU A 36 5.55 1.58 11.00
C GLU A 36 4.50 1.46 12.08
N LYS A 37 3.25 1.35 11.65
CA LYS A 37 2.10 1.36 12.54
C LYS A 37 2.12 0.16 13.48
N ILE A 38 2.41 -1.02 12.94
CA ILE A 38 2.48 -2.22 13.75
C ILE A 38 3.71 -2.22 14.64
N GLN A 39 4.83 -1.76 14.09
CA GLN A 39 6.09 -1.76 14.82
C GLN A 39 6.13 -0.68 15.91
N LYS A 40 5.50 0.46 15.66
CA LYS A 40 5.56 1.59 16.59
C LYS A 40 4.54 1.44 17.71
N GLY A 41 3.63 0.48 17.56
CA GLY A 41 2.63 0.25 18.59
C GLY A 41 2.31 -1.21 18.75
N PRO B 5 -1.51 16.80 -2.42
CA PRO B 5 -2.96 16.93 -2.58
C PRO B 5 -3.62 15.61 -2.97
N GLU B 6 -4.63 15.24 -2.20
CA GLU B 6 -5.36 13.99 -2.40
C GLU B 6 -6.05 13.95 -3.77
N ASN B 7 -6.37 15.13 -4.29
CA ASN B 7 -7.01 15.23 -5.59
C ASN B 7 -6.13 14.65 -6.71
N LYS B 8 -4.82 14.80 -6.56
CA LYS B 8 -3.88 14.25 -7.53
C LYS B 8 -3.30 12.93 -7.04
N TYR B 9 -3.30 12.76 -5.74
CA TYR B 9 -2.84 11.55 -5.08
C TYR B 9 -3.70 10.33 -5.48
N LEU B 10 -4.98 10.57 -5.75
CA LEU B 10 -5.91 9.50 -6.07
C LEU B 10 -5.57 8.80 -7.42
N PRO B 11 -5.44 9.55 -8.53
CA PRO B 11 -5.08 8.94 -9.83
C PRO B 11 -3.72 8.27 -9.78
N GLU B 12 -2.84 8.78 -8.93
CA GLU B 12 -1.56 8.15 -8.69
C GLU B 12 -1.76 6.75 -8.11
N LEU B 13 -2.66 6.65 -7.15
CA LEU B 13 -2.96 5.38 -6.49
C LEU B 13 -3.52 4.38 -7.48
N MET B 14 -4.47 4.82 -8.30
CA MET B 14 -5.11 3.93 -9.26
C MET B 14 -4.11 3.44 -10.31
N ALA B 15 -3.16 4.29 -10.69
CA ALA B 15 -2.16 3.90 -11.66
C ALA B 15 -1.20 2.85 -11.09
N GLU B 16 -0.72 3.10 -9.88
CA GLU B 16 0.14 2.13 -9.20
C GLU B 16 -0.66 0.86 -8.92
N LYS B 17 -1.90 1.07 -8.54
CA LYS B 17 -2.82 -0.03 -8.28
C LYS B 17 -2.93 -0.97 -9.48
N ASP B 18 -3.23 -0.40 -10.63
CA ASP B 18 -3.50 -1.20 -11.83
C ASP B 18 -2.22 -1.74 -12.46
N SER B 19 -1.08 -1.23 -12.01
CA SER B 19 0.21 -1.68 -12.53
C SER B 19 0.93 -2.60 -11.53
N LEU B 20 0.43 -2.65 -10.32
CA LEU B 20 1.09 -3.41 -9.26
C LEU B 20 0.81 -4.90 -9.41
N ASP B 21 1.80 -5.71 -9.09
CA ASP B 21 1.68 -7.15 -9.21
C ASP B 21 0.75 -7.70 -8.12
N PRO B 22 -0.22 -8.55 -8.51
CA PRO B 22 -1.23 -9.09 -7.60
C PRO B 22 -0.65 -9.99 -6.51
N SER B 23 0.58 -10.44 -6.72
CA SER B 23 1.26 -11.28 -5.72
C SER B 23 1.48 -10.51 -4.43
N PHE B 24 1.46 -9.19 -4.52
CA PHE B 24 1.59 -8.34 -3.34
C PHE B 24 0.20 -8.01 -2.83
N THR B 25 -0.37 -8.92 -2.06
CA THR B 25 -1.73 -8.80 -1.59
C THR B 25 -1.94 -7.55 -0.75
N HIS B 26 -1.10 -7.37 0.24
CA HIS B 26 -1.26 -6.26 1.18
C HIS B 26 -0.97 -4.93 0.51
N ALA B 27 0.07 -4.89 -0.32
CA ALA B 27 0.39 -3.71 -1.10
C ALA B 27 -0.77 -3.31 -2.00
N MET B 28 -1.39 -4.33 -2.58
CA MET B 28 -2.56 -4.14 -3.43
C MET B 28 -3.77 -3.72 -2.61
N GLN B 29 -3.89 -4.30 -1.42
CA GLN B 29 -5.00 -3.99 -0.53
C GLN B 29 -4.88 -2.57 0.01
N LEU B 30 -3.69 -2.16 0.39
CA LEU B 30 -3.49 -0.82 0.94
C LEU B 30 -3.76 0.23 -0.13
N LEU B 31 -3.40 -0.07 -1.37
CA LEU B 31 -3.69 0.81 -2.50
C LEU B 31 -5.19 0.87 -2.71
N THR B 32 -5.84 -0.27 -2.55
CA THR B 32 -7.27 -0.34 -2.78
C THR B 32 -8.03 0.49 -1.75
N ALA B 33 -7.65 0.30 -0.49
CA ALA B 33 -8.32 0.98 0.62
C ALA B 33 -8.19 2.49 0.52
N GLU B 34 -6.98 2.97 0.23
CA GLU B 34 -6.73 4.40 0.13
C GLU B 34 -7.53 5.02 -1.01
N ILE B 35 -7.66 4.27 -2.10
CA ILE B 35 -8.45 4.73 -3.23
C ILE B 35 -9.92 4.80 -2.83
N GLU B 36 -10.37 3.79 -2.11
CA GLU B 36 -11.72 3.78 -1.57
C GLU B 36 -11.94 5.01 -0.70
N LYS B 37 -10.93 5.32 0.10
CA LYS B 37 -11.01 6.39 1.09
C LYS B 37 -11.22 7.75 0.43
N ILE B 38 -10.46 8.01 -0.63
CA ILE B 38 -10.59 9.27 -1.33
C ILE B 38 -11.89 9.32 -2.13
N GLN B 39 -12.24 8.21 -2.75
CA GLN B 39 -13.43 8.15 -3.59
C GLN B 39 -14.72 8.15 -2.76
N LYS B 40 -14.69 7.53 -1.59
CA LYS B 40 -15.90 7.40 -0.78
C LYS B 40 -16.17 8.66 0.05
N GLY B 41 -15.18 9.55 0.10
CA GLY B 41 -15.34 10.77 0.85
C GLY B 41 -14.69 11.95 0.16
N PRO A 5 -4.14 -11.05 12.11
CA PRO A 5 -3.45 -10.53 13.29
C PRO A 5 -2.17 -9.80 12.90
N GLU A 6 -1.99 -8.62 13.49
CA GLU A 6 -0.89 -7.73 13.15
C GLU A 6 0.46 -8.40 13.35
N ASN A 7 0.49 -9.35 14.28
CA ASN A 7 1.72 -10.09 14.56
C ASN A 7 2.26 -10.80 13.33
N LYS A 8 1.35 -11.34 12.52
CA LYS A 8 1.72 -12.09 11.33
C LYS A 8 1.52 -11.26 10.08
N TYR A 9 0.61 -10.30 10.17
CA TYR A 9 0.35 -9.34 9.11
C TYR A 9 1.59 -8.47 8.85
N LEU A 10 2.39 -8.25 9.88
CA LEU A 10 3.58 -7.40 9.80
C LEU A 10 4.64 -7.96 8.86
N PRO A 11 5.12 -9.22 9.06
CA PRO A 11 6.16 -9.81 8.21
C PRO A 11 5.71 -9.91 6.76
N GLU A 12 4.42 -10.08 6.55
CA GLU A 12 3.88 -10.08 5.20
C GLU A 12 4.13 -8.74 4.54
N LEU A 13 3.89 -7.68 5.29
CA LEU A 13 4.07 -6.32 4.79
C LEU A 13 5.51 -6.07 4.41
N MET A 14 6.43 -6.47 5.29
CA MET A 14 7.85 -6.26 5.06
C MET A 14 8.34 -7.04 3.84
N ALA A 15 7.80 -8.24 3.64
CA ALA A 15 8.19 -9.05 2.49
C ALA A 15 7.69 -8.44 1.18
N GLU A 16 6.43 -8.03 1.17
CA GLU A 16 5.87 -7.37 -0.02
C GLU A 16 6.59 -6.04 -0.24
N LYS A 17 6.84 -5.37 0.87
CA LYS A 17 7.52 -4.09 0.83
C LYS A 17 8.88 -4.18 0.13
N ASP A 18 9.71 -5.11 0.59
CA ASP A 18 11.08 -5.18 0.09
C ASP A 18 11.14 -5.89 -1.26
N SER A 19 10.02 -6.46 -1.68
CA SER A 19 9.94 -7.14 -2.97
C SER A 19 9.22 -6.28 -4.01
N LEU A 20 8.64 -5.18 -3.55
CA LEU A 20 7.84 -4.31 -4.39
C LEU A 20 8.75 -3.34 -5.14
N ASP A 21 8.38 -3.03 -6.38
CA ASP A 21 9.16 -2.13 -7.21
C ASP A 21 9.02 -0.69 -6.72
N PRO A 22 10.15 0.02 -6.57
CA PRO A 22 10.18 1.39 -6.02
C PRO A 22 9.45 2.41 -6.89
N SER A 23 9.16 2.05 -8.14
CA SER A 23 8.44 2.93 -9.04
C SER A 23 7.03 3.20 -8.53
N PHE A 24 6.55 2.33 -7.66
CA PHE A 24 5.25 2.52 -7.04
C PHE A 24 5.42 3.24 -5.71
N THR A 25 5.51 4.56 -5.78
CA THR A 25 5.78 5.38 -4.61
C THR A 25 4.75 5.16 -3.51
N HIS A 26 3.47 5.32 -3.83
CA HIS A 26 2.43 5.23 -2.83
C HIS A 26 2.24 3.81 -2.33
N ALA A 27 2.33 2.85 -3.25
CA ALA A 27 2.26 1.44 -2.87
C ALA A 27 3.36 1.09 -1.90
N MET A 28 4.54 1.62 -2.17
CA MET A 28 5.69 1.44 -1.31
C MET A 28 5.53 2.20 0.00
N GLN A 29 4.94 3.38 -0.11
CA GLN A 29 4.74 4.25 1.04
C GLN A 29 3.70 3.68 1.99
N LEU A 30 2.60 3.18 1.45
CA LEU A 30 1.53 2.64 2.30
C LEU A 30 1.99 1.37 3.00
N LEU A 31 2.80 0.56 2.31
CA LEU A 31 3.40 -0.63 2.91
C LEU A 31 4.31 -0.22 4.05
N THR A 32 5.02 0.87 3.85
CA THR A 32 5.97 1.34 4.84
C THR A 32 5.23 1.85 6.08
N ALA A 33 4.20 2.65 5.84
CA ALA A 33 3.43 3.26 6.92
C ALA A 33 2.74 2.20 7.80
N GLU A 34 2.13 1.21 7.15
CA GLU A 34 1.44 0.15 7.89
C GLU A 34 2.39 -0.61 8.79
N ILE A 35 3.61 -0.80 8.28
CA ILE A 35 4.64 -1.47 9.06
C ILE A 35 4.99 -0.63 10.29
N GLU A 36 5.08 0.68 10.10
CA GLU A 36 5.33 1.60 11.19
C GLU A 36 4.25 1.48 12.25
N LYS A 37 3.01 1.34 11.80
CA LYS A 37 1.86 1.26 12.70
C LYS A 37 1.94 0.04 13.61
N ILE A 38 2.25 -1.10 13.03
CA ILE A 38 2.37 -2.33 13.80
C ILE A 38 3.59 -2.30 14.71
N GLN A 39 4.70 -1.79 14.18
CA GLN A 39 5.95 -1.73 14.93
C GLN A 39 5.84 -0.77 16.12
N LYS A 40 4.90 0.16 16.06
CA LYS A 40 4.65 1.06 17.18
C LYS A 40 4.14 0.30 18.39
N GLY A 41 3.41 -0.77 18.13
CA GLY A 41 2.71 -1.44 19.19
C GLY A 41 3.62 -2.26 20.07
N PRO B 5 -2.28 16.59 -2.36
CA PRO B 5 -3.73 16.73 -2.37
C PRO B 5 -4.40 15.48 -2.90
N GLU B 6 -5.43 15.03 -2.20
CA GLU B 6 -6.11 13.77 -2.49
C GLU B 6 -6.67 13.76 -3.91
N ASN B 7 -6.98 14.95 -4.43
CA ASN B 7 -7.52 15.08 -5.77
C ASN B 7 -6.55 14.51 -6.81
N LYS B 8 -5.26 14.71 -6.59
CA LYS B 8 -4.24 14.25 -7.53
C LYS B 8 -3.55 13.01 -7.01
N TYR B 9 -3.56 12.84 -5.70
CA TYR B 9 -3.04 11.65 -5.04
C TYR B 9 -3.85 10.41 -5.43
N LEU B 10 -5.13 10.60 -5.74
CA LEU B 10 -6.04 9.51 -6.09
C LEU B 10 -5.63 8.80 -7.40
N PRO B 11 -5.49 9.52 -8.52
CA PRO B 11 -5.13 8.90 -9.81
C PRO B 11 -3.77 8.21 -9.75
N GLU B 12 -2.88 8.73 -8.92
CA GLU B 12 -1.59 8.10 -8.71
C GLU B 12 -1.80 6.71 -8.11
N LEU B 13 -2.70 6.62 -7.14
CA LEU B 13 -2.98 5.37 -6.47
C LEU B 13 -3.54 4.34 -7.44
N MET B 14 -4.49 4.78 -8.27
CA MET B 14 -5.14 3.90 -9.23
C MET B 14 -4.14 3.39 -10.27
N ALA B 15 -3.20 4.24 -10.66
CA ALA B 15 -2.21 3.86 -11.64
C ALA B 15 -1.23 2.84 -11.07
N GLU B 16 -0.75 3.10 -9.86
CA GLU B 16 0.14 2.15 -9.17
C GLU B 16 -0.62 0.86 -8.88
N LYS B 17 -1.87 1.06 -8.47
CA LYS B 17 -2.73 -0.08 -8.15
C LYS B 17 -2.85 -1.04 -9.33
N ASP B 18 -3.24 -0.53 -10.49
CA ASP B 18 -3.52 -1.38 -11.63
C ASP B 18 -2.24 -1.83 -12.33
N SER B 19 -1.10 -1.27 -11.92
CA SER B 19 0.18 -1.65 -12.48
C SER B 19 0.96 -2.55 -11.53
N LEU B 20 0.45 -2.69 -10.32
CA LEU B 20 1.11 -3.45 -9.29
C LEU B 20 0.81 -4.94 -9.44
N ASP B 21 1.79 -5.77 -9.14
CA ASP B 21 1.64 -7.22 -9.26
C ASP B 21 0.73 -7.75 -8.14
N PRO B 22 -0.26 -8.58 -8.51
CA PRO B 22 -1.27 -9.11 -7.57
C PRO B 22 -0.68 -9.99 -6.47
N SER B 23 0.55 -10.46 -6.68
CA SER B 23 1.23 -11.29 -5.69
C SER B 23 1.44 -10.53 -4.39
N PHE B 24 1.40 -9.21 -4.46
CA PHE B 24 1.52 -8.38 -3.29
C PHE B 24 0.14 -8.05 -2.75
N THR B 25 -0.41 -8.96 -1.97
CA THR B 25 -1.77 -8.85 -1.48
C THR B 25 -1.99 -7.55 -0.71
N HIS B 26 -1.16 -7.31 0.31
CA HIS B 26 -1.34 -6.16 1.18
C HIS B 26 -1.02 -4.86 0.46
N ALA B 27 0.03 -4.89 -0.36
CA ALA B 27 0.39 -3.72 -1.17
C ALA B 27 -0.76 -3.34 -2.08
N MET B 28 -1.38 -4.36 -2.65
CA MET B 28 -2.53 -4.18 -3.51
C MET B 28 -3.75 -3.75 -2.70
N GLN B 29 -3.87 -4.32 -1.52
CA GLN B 29 -4.99 -4.03 -0.64
C GLN B 29 -4.94 -2.60 -0.10
N LEU B 30 -3.77 -2.16 0.33
CA LEU B 30 -3.63 -0.82 0.89
C LEU B 30 -3.84 0.24 -0.18
N LEU B 31 -3.41 -0.05 -1.41
CA LEU B 31 -3.64 0.84 -2.54
C LEU B 31 -5.14 0.94 -2.80
N THR B 32 -5.82 -0.19 -2.65
CA THR B 32 -7.24 -0.25 -2.91
C THR B 32 -8.00 0.55 -1.85
N ALA B 33 -7.64 0.33 -0.60
CA ALA B 33 -8.31 0.97 0.53
C ALA B 33 -8.18 2.49 0.49
N GLU B 34 -6.96 2.97 0.21
CA GLU B 34 -6.70 4.41 0.15
C GLU B 34 -7.56 5.06 -0.95
N ILE B 35 -7.71 4.35 -2.05
CA ILE B 35 -8.53 4.83 -3.14
C ILE B 35 -9.98 4.94 -2.69
N GLU B 36 -10.44 3.96 -1.93
CA GLU B 36 -11.78 3.96 -1.36
C GLU B 36 -11.97 5.20 -0.48
N LYS B 37 -10.95 5.53 0.29
CA LYS B 37 -11.00 6.64 1.23
C LYS B 37 -11.20 7.97 0.50
N ILE B 38 -10.44 8.18 -0.57
CA ILE B 38 -10.55 9.40 -1.34
C ILE B 38 -11.87 9.46 -2.10
N GLN B 39 -12.26 8.32 -2.67
CA GLN B 39 -13.49 8.23 -3.46
C GLN B 39 -14.73 8.43 -2.60
N LYS B 40 -14.60 8.21 -1.30
CA LYS B 40 -15.70 8.48 -0.36
C LYS B 40 -16.01 9.96 -0.29
N GLY B 41 -15.00 10.78 -0.47
CA GLY B 41 -15.14 12.19 -0.24
C GLY B 41 -15.93 12.88 -1.35
N PRO A 5 -3.92 -11.70 12.17
CA PRO A 5 -3.16 -11.16 13.28
C PRO A 5 -2.00 -10.30 12.80
N GLU A 6 -1.95 -9.08 13.31
CA GLU A 6 -0.93 -8.12 12.87
C GLU A 6 0.47 -8.61 13.23
N ASN A 7 0.53 -9.55 14.16
CA ASN A 7 1.78 -10.22 14.50
C ASN A 7 2.40 -10.88 13.27
N LYS A 8 1.56 -11.46 12.41
CA LYS A 8 2.03 -12.15 11.22
C LYS A 8 1.77 -11.33 9.97
N TYR A 9 0.88 -10.37 10.07
CA TYR A 9 0.63 -9.40 9.01
C TYR A 9 1.85 -8.52 8.78
N LEU A 10 2.64 -8.32 9.84
CA LEU A 10 3.82 -7.47 9.79
C LEU A 10 4.88 -8.02 8.82
N PRO A 11 5.34 -9.27 9.00
CA PRO A 11 6.34 -9.87 8.10
C PRO A 11 5.83 -9.96 6.66
N GLU A 12 4.52 -10.10 6.51
CA GLU A 12 3.90 -10.06 5.20
C GLU A 12 4.17 -8.71 4.54
N LEU A 13 3.96 -7.65 5.31
CA LEU A 13 4.16 -6.28 4.82
C LEU A 13 5.61 -6.05 4.45
N MET A 14 6.52 -6.46 5.33
CA MET A 14 7.95 -6.26 5.09
C MET A 14 8.42 -7.03 3.87
N ALA A 15 7.87 -8.22 3.65
CA ALA A 15 8.25 -9.03 2.49
C ALA A 15 7.76 -8.40 1.21
N GLU A 16 6.51 -7.97 1.18
CA GLU A 16 5.96 -7.29 0.01
C GLU A 16 6.67 -5.95 -0.17
N LYS A 17 6.93 -5.30 0.95
CA LYS A 17 7.63 -4.02 0.92
C LYS A 17 9.03 -4.17 0.31
N ASP A 18 9.75 -5.18 0.77
CA ASP A 18 11.12 -5.39 0.30
C ASP A 18 11.15 -5.86 -1.16
N SER A 19 10.10 -6.53 -1.59
CA SER A 19 10.04 -7.11 -2.92
C SER A 19 9.37 -6.18 -3.94
N LEU A 20 8.59 -5.23 -3.45
CA LEU A 20 7.82 -4.34 -4.31
C LEU A 20 8.75 -3.36 -5.01
N ASP A 21 8.43 -3.05 -6.26
CA ASP A 21 9.23 -2.14 -7.07
C ASP A 21 9.04 -0.69 -6.60
N PRO A 22 10.15 0.03 -6.37
CA PRO A 22 10.14 1.41 -5.87
C PRO A 22 9.43 2.38 -6.82
N SER A 23 9.22 1.97 -8.07
CA SER A 23 8.51 2.79 -9.04
C SER A 23 7.09 3.09 -8.56
N PHE A 24 6.58 2.24 -7.67
CA PHE A 24 5.27 2.46 -7.09
C PHE A 24 5.44 3.17 -5.77
N THR A 25 5.52 4.50 -5.82
CA THR A 25 5.81 5.30 -4.66
C THR A 25 4.77 5.10 -3.56
N HIS A 26 3.50 5.27 -3.90
CA HIS A 26 2.44 5.22 -2.92
C HIS A 26 2.23 3.81 -2.40
N ALA A 27 2.32 2.83 -3.28
CA ALA A 27 2.24 1.43 -2.89
C ALA A 27 3.34 1.10 -1.90
N MET A 28 4.53 1.63 -2.17
CA MET A 28 5.68 1.44 -1.30
C MET A 28 5.50 2.23 -0.01
N GLN A 29 4.93 3.41 -0.12
CA GLN A 29 4.69 4.28 1.03
C GLN A 29 3.64 3.69 1.97
N LEU A 30 2.54 3.19 1.41
CA LEU A 30 1.47 2.64 2.23
C LEU A 30 1.92 1.38 2.96
N LEU A 31 2.75 0.58 2.28
CA LEU A 31 3.34 -0.61 2.89
C LEU A 31 4.24 -0.21 4.04
N THR A 32 4.96 0.87 3.83
CA THR A 32 5.92 1.33 4.83
C THR A 32 5.20 1.84 6.08
N ALA A 33 4.17 2.66 5.84
CA ALA A 33 3.42 3.27 6.93
C ALA A 33 2.72 2.23 7.80
N GLU A 34 2.12 1.22 7.16
CA GLU A 34 1.43 0.17 7.89
C GLU A 34 2.40 -0.58 8.78
N ILE A 35 3.61 -0.78 8.27
CA ILE A 35 4.65 -1.45 9.06
C ILE A 35 5.02 -0.61 10.27
N GLU A 36 5.13 0.70 10.06
CA GLU A 36 5.45 1.62 11.14
C GLU A 36 4.42 1.49 12.27
N LYS A 37 3.15 1.35 11.89
CA LYS A 37 2.05 1.26 12.84
C LYS A 37 2.15 -0.01 13.68
N ILE A 38 2.44 -1.14 13.04
CA ILE A 38 2.58 -2.40 13.76
C ILE A 38 3.82 -2.39 14.64
N GLN A 39 4.91 -1.85 14.11
CA GLN A 39 6.18 -1.79 14.84
C GLN A 39 6.07 -0.93 16.08
N LYS A 40 5.37 0.20 15.97
CA LYS A 40 5.21 1.11 17.10
C LYS A 40 4.22 0.54 18.11
N GLY A 41 3.16 -0.07 17.61
CA GLY A 41 2.12 -0.58 18.48
C GLY A 41 0.98 0.40 18.63
N PRO B 5 -2.05 16.94 -2.90
CA PRO B 5 -3.51 17.00 -2.96
C PRO B 5 -4.10 15.65 -3.34
N GLU B 6 -5.03 15.18 -2.52
CA GLU B 6 -5.64 13.88 -2.72
C GLU B 6 -6.41 13.83 -4.04
N ASN B 7 -6.73 15.00 -4.56
CA ASN B 7 -7.34 15.12 -5.88
C ASN B 7 -6.45 14.48 -6.96
N LYS B 8 -5.15 14.63 -6.81
CA LYS B 8 -4.20 14.10 -7.77
C LYS B 8 -3.49 12.86 -7.23
N TYR B 9 -3.51 12.71 -5.92
CA TYR B 9 -3.01 11.51 -5.27
C TYR B 9 -3.85 10.29 -5.65
N LEU B 10 -5.13 10.52 -5.96
CA LEU B 10 -6.06 9.45 -6.30
C LEU B 10 -5.64 8.72 -7.59
N PRO B 11 -5.46 9.44 -8.72
CA PRO B 11 -5.05 8.80 -9.99
C PRO B 11 -3.68 8.15 -9.87
N GLU B 12 -2.85 8.69 -8.99
CA GLU B 12 -1.57 8.06 -8.70
C GLU B 12 -1.79 6.67 -8.11
N LEU B 13 -2.71 6.59 -7.15
CA LEU B 13 -3.02 5.33 -6.50
C LEU B 13 -3.59 4.33 -7.48
N MET B 14 -4.53 4.77 -8.31
CA MET B 14 -5.17 3.89 -9.28
C MET B 14 -4.17 3.39 -10.31
N ALA B 15 -3.22 4.23 -10.69
CA ALA B 15 -2.22 3.83 -11.67
C ALA B 15 -1.27 2.78 -11.08
N GLU B 16 -0.79 3.04 -9.86
CA GLU B 16 0.06 2.08 -9.18
C GLU B 16 -0.74 0.80 -8.87
N LYS B 17 -1.97 1.02 -8.48
CA LYS B 17 -2.86 -0.10 -8.19
C LYS B 17 -3.06 -0.99 -9.42
N ASP B 18 -3.33 -0.37 -10.56
CA ASP B 18 -3.59 -1.11 -11.79
C ASP B 18 -2.32 -1.77 -12.32
N SER B 19 -1.18 -1.18 -12.02
CA SER B 19 0.10 -1.67 -12.54
C SER B 19 0.80 -2.63 -11.58
N LEU B 20 0.43 -2.59 -10.31
CA LEU B 20 1.08 -3.39 -9.30
C LEU B 20 0.71 -4.86 -9.45
N ASP B 21 1.67 -5.73 -9.19
CA ASP B 21 1.48 -7.17 -9.32
C ASP B 21 0.61 -7.69 -8.18
N PRO B 22 -0.44 -8.47 -8.51
CA PRO B 22 -1.39 -9.01 -7.52
C PRO B 22 -0.74 -9.93 -6.49
N SER B 23 0.47 -10.40 -6.79
CA SER B 23 1.20 -11.26 -5.86
C SER B 23 1.46 -10.53 -4.55
N PHE B 24 1.41 -9.22 -4.58
CA PHE B 24 1.55 -8.42 -3.38
C PHE B 24 0.17 -8.07 -2.85
N THR B 25 -0.39 -8.99 -2.08
CA THR B 25 -1.75 -8.86 -1.59
C THR B 25 -1.96 -7.58 -0.78
N HIS B 26 -1.12 -7.37 0.23
CA HIS B 26 -1.28 -6.25 1.13
C HIS B 26 -0.97 -4.93 0.45
N ALA B 27 0.06 -4.93 -0.38
CA ALA B 27 0.41 -3.75 -1.17
C ALA B 27 -0.75 -3.36 -2.07
N MET B 28 -1.38 -4.37 -2.64
CA MET B 28 -2.54 -4.18 -3.50
C MET B 28 -3.76 -3.75 -2.69
N GLN B 29 -3.88 -4.33 -1.50
CA GLN B 29 -4.98 -4.03 -0.62
C GLN B 29 -4.89 -2.61 -0.06
N LEU B 30 -3.70 -2.19 0.35
CA LEU B 30 -3.53 -0.86 0.92
C LEU B 30 -3.76 0.22 -0.13
N LEU B 31 -3.34 -0.06 -1.37
CA LEU B 31 -3.58 0.84 -2.50
C LEU B 31 -5.08 0.95 -2.75
N THR B 32 -5.76 -0.17 -2.61
CA THR B 32 -7.17 -0.21 -2.89
C THR B 32 -7.96 0.57 -1.84
N ALA B 33 -7.61 0.34 -0.58
CA ALA B 33 -8.29 0.98 0.54
C ALA B 33 -8.15 2.49 0.50
N GLU B 34 -6.93 2.97 0.23
CA GLU B 34 -6.67 4.40 0.17
C GLU B 34 -7.51 5.05 -0.93
N ILE B 35 -7.67 4.34 -2.04
CA ILE B 35 -8.50 4.83 -3.13
C ILE B 35 -9.95 4.94 -2.69
N GLU B 36 -10.41 3.93 -1.95
CA GLU B 36 -11.78 3.92 -1.44
C GLU B 36 -12.03 5.17 -0.59
N LYS B 37 -11.03 5.53 0.21
CA LYS B 37 -11.14 6.68 1.11
C LYS B 37 -11.28 7.99 0.33
N ILE B 38 -10.48 8.15 -0.70
CA ILE B 38 -10.54 9.36 -1.53
C ILE B 38 -11.84 9.40 -2.33
N GLN B 39 -12.23 8.25 -2.87
CA GLN B 39 -13.45 8.16 -3.67
C GLN B 39 -14.69 8.47 -2.85
N LYS B 40 -14.73 7.98 -1.61
CA LYS B 40 -15.88 8.22 -0.74
C LYS B 40 -15.88 9.65 -0.23
N GLY B 41 -14.71 10.15 0.11
CA GLY B 41 -14.59 11.47 0.69
C GLY B 41 -14.54 11.41 2.19
N PRO A 5 -4.24 -11.18 10.67
CA PRO A 5 -3.75 -10.89 12.02
C PRO A 5 -2.42 -10.15 11.98
N GLU A 6 -2.35 -9.09 12.77
CA GLU A 6 -1.25 -8.13 12.72
C GLU A 6 0.11 -8.78 12.97
N ASN A 7 0.13 -9.76 13.86
CA ASN A 7 1.37 -10.47 14.17
C ASN A 7 2.00 -11.09 12.93
N LYS A 8 1.19 -11.65 12.06
CA LYS A 8 1.67 -12.29 10.85
C LYS A 8 1.62 -11.31 9.69
N TYR A 9 0.71 -10.37 9.80
CA TYR A 9 0.48 -9.34 8.80
C TYR A 9 1.71 -8.44 8.65
N LEU A 10 2.43 -8.21 9.74
CA LEU A 10 3.58 -7.33 9.77
C LEU A 10 4.71 -7.83 8.85
N PRO A 11 5.22 -9.07 9.05
CA PRO A 11 6.29 -9.62 8.21
C PRO A 11 5.84 -9.75 6.75
N GLU A 12 4.55 -9.98 6.55
CA GLU A 12 3.99 -10.05 5.21
C GLU A 12 4.12 -8.71 4.50
N LEU A 13 3.83 -7.64 5.23
CA LEU A 13 3.96 -6.28 4.71
C LEU A 13 5.40 -5.99 4.33
N MET A 14 6.30 -6.37 5.22
CA MET A 14 7.72 -6.14 5.04
C MET A 14 8.28 -6.94 3.87
N ALA A 15 7.77 -8.14 3.66
CA ALA A 15 8.21 -8.96 2.54
C ALA A 15 7.75 -8.37 1.21
N GLU A 16 6.49 -7.96 1.15
CA GLU A 16 5.97 -7.31 -0.04
C GLU A 16 6.68 -5.97 -0.22
N LYS A 17 6.90 -5.34 0.92
CA LYS A 17 7.62 -4.07 0.95
C LYS A 17 9.02 -4.21 0.33
N ASP A 18 9.75 -5.22 0.77
CA ASP A 18 11.12 -5.45 0.31
C ASP A 18 11.15 -5.92 -1.15
N SER A 19 10.06 -6.50 -1.61
CA SER A 19 10.01 -7.10 -2.94
C SER A 19 9.34 -6.18 -3.98
N LEU A 20 8.60 -5.19 -3.49
CA LEU A 20 7.83 -4.31 -4.36
C LEU A 20 8.75 -3.34 -5.09
N ASP A 21 8.44 -3.06 -6.34
CA ASP A 21 9.25 -2.17 -7.16
C ASP A 21 9.08 -0.72 -6.70
N PRO A 22 10.20 0.00 -6.54
CA PRO A 22 10.21 1.37 -6.01
C PRO A 22 9.46 2.36 -6.89
N SER A 23 9.20 1.98 -8.14
CA SER A 23 8.47 2.85 -9.07
C SER A 23 7.07 3.15 -8.53
N PHE A 24 6.57 2.27 -7.66
CA PHE A 24 5.27 2.47 -7.05
C PHE A 24 5.43 3.19 -5.73
N THR A 25 5.52 4.50 -5.80
CA THR A 25 5.79 5.33 -4.63
C THR A 25 4.72 5.13 -3.55
N HIS A 26 3.46 5.25 -3.94
CA HIS A 26 2.37 5.22 -2.99
C HIS A 26 2.20 3.83 -2.40
N ALA A 27 2.27 2.81 -3.26
CA ALA A 27 2.21 1.42 -2.81
C ALA A 27 3.32 1.12 -1.83
N MET A 28 4.50 1.65 -2.13
CA MET A 28 5.66 1.48 -1.29
C MET A 28 5.52 2.25 0.02
N GLN A 29 4.94 3.45 -0.08
CA GLN A 29 4.73 4.29 1.08
C GLN A 29 3.68 3.69 2.01
N LEU A 30 2.60 3.17 1.45
CA LEU A 30 1.53 2.60 2.26
C LEU A 30 2.01 1.34 2.97
N LEU A 31 2.86 0.57 2.29
CA LEU A 31 3.48 -0.61 2.91
C LEU A 31 4.37 -0.17 4.05
N THR A 32 5.07 0.93 3.84
CA THR A 32 5.98 1.44 4.84
C THR A 32 5.22 1.90 6.09
N ALA A 33 4.16 2.67 5.85
CA ALA A 33 3.38 3.26 6.93
C ALA A 33 2.69 2.20 7.78
N GLU A 34 2.08 1.21 7.12
CA GLU A 34 1.35 0.16 7.82
C GLU A 34 2.29 -0.63 8.74
N ILE A 35 3.51 -0.85 8.27
CA ILE A 35 4.50 -1.54 9.06
C ILE A 35 4.88 -0.70 10.28
N GLU A 36 5.01 0.61 10.04
CA GLU A 36 5.28 1.55 11.11
C GLU A 36 4.20 1.48 12.17
N LYS A 37 2.95 1.35 11.73
CA LYS A 37 1.80 1.36 12.62
C LYS A 37 1.80 0.15 13.54
N ILE A 38 2.08 -1.02 12.97
CA ILE A 38 2.13 -2.25 13.76
C ILE A 38 3.32 -2.21 14.73
N GLN A 39 4.43 -1.70 14.24
CA GLN A 39 5.66 -1.65 15.02
C GLN A 39 5.60 -0.56 16.10
N LYS A 40 4.75 0.45 15.89
CA LYS A 40 4.57 1.51 16.88
C LYS A 40 3.81 1.02 18.10
N GLY A 41 2.79 0.21 17.85
CA GLY A 41 1.91 -0.18 18.92
C GLY A 41 2.16 -1.59 19.40
N PRO B 5 -1.02 15.78 -2.56
CA PRO B 5 -2.41 16.26 -2.56
C PRO B 5 -3.38 15.20 -3.07
N GLU B 6 -4.46 15.02 -2.32
CA GLU B 6 -5.39 13.91 -2.53
C GLU B 6 -5.99 13.90 -3.93
N ASN B 7 -6.24 15.09 -4.46
CA ASN B 7 -6.82 15.22 -5.79
C ASN B 7 -5.95 14.54 -6.85
N LYS B 8 -4.64 14.68 -6.73
CA LYS B 8 -3.73 14.09 -7.68
C LYS B 8 -3.25 12.74 -7.18
N TYR B 9 -3.25 12.60 -5.86
CA TYR B 9 -2.83 11.40 -5.17
C TYR B 9 -3.73 10.21 -5.53
N LEU B 10 -5.01 10.48 -5.76
CA LEU B 10 -6.00 9.44 -6.04
C LEU B 10 -5.68 8.68 -7.35
N PRO B 11 -5.56 9.38 -8.50
CA PRO B 11 -5.24 8.73 -9.78
C PRO B 11 -3.87 8.05 -9.74
N GLU B 12 -2.96 8.62 -8.95
CA GLU B 12 -1.64 8.03 -8.77
C GLU B 12 -1.76 6.66 -8.10
N LEU B 13 -2.61 6.59 -7.09
CA LEU B 13 -2.86 5.34 -6.37
C LEU B 13 -3.43 4.30 -7.32
N MET B 14 -4.40 4.73 -8.11
CA MET B 14 -5.09 3.86 -9.04
C MET B 14 -4.16 3.37 -10.15
N ALA B 15 -3.24 4.22 -10.58
CA ALA B 15 -2.28 3.82 -11.61
C ALA B 15 -1.30 2.77 -11.07
N GLU B 16 -0.78 3.02 -9.87
CA GLU B 16 0.10 2.05 -9.22
C GLU B 16 -0.70 0.78 -8.91
N LYS B 17 -1.94 1.02 -8.50
CA LYS B 17 -2.87 -0.06 -8.22
C LYS B 17 -3.06 -0.96 -9.44
N ASP B 18 -3.33 -0.34 -10.58
CA ASP B 18 -3.60 -1.08 -11.81
C ASP B 18 -2.33 -1.75 -12.35
N SER B 19 -1.17 -1.22 -11.98
CA SER B 19 0.10 -1.69 -12.52
C SER B 19 0.82 -2.64 -11.57
N LEU B 20 0.43 -2.65 -10.31
CA LEU B 20 1.10 -3.44 -9.29
C LEU B 20 0.75 -4.92 -9.45
N ASP B 21 1.74 -5.77 -9.21
CA ASP B 21 1.56 -7.21 -9.36
C ASP B 21 0.69 -7.76 -8.23
N PRO B 22 -0.31 -8.58 -8.58
CA PRO B 22 -1.30 -9.11 -7.62
C PRO B 22 -0.68 -9.99 -6.54
N SER B 23 0.55 -10.46 -6.77
CA SER B 23 1.24 -11.29 -5.80
C SER B 23 1.44 -10.53 -4.48
N PHE B 24 1.42 -9.20 -4.56
CA PHE B 24 1.54 -8.38 -3.36
C PHE B 24 0.16 -8.04 -2.82
N THR B 25 -0.39 -8.96 -2.05
CA THR B 25 -1.74 -8.83 -1.54
C THR B 25 -1.92 -7.56 -0.72
N HIS B 26 -1.03 -7.35 0.24
CA HIS B 26 -1.18 -6.25 1.17
C HIS B 26 -0.94 -4.93 0.48
N ALA B 27 0.09 -4.87 -0.36
CA ALA B 27 0.39 -3.67 -1.14
C ALA B 27 -0.79 -3.31 -2.04
N MET B 28 -1.39 -4.34 -2.60
CA MET B 28 -2.55 -4.17 -3.47
C MET B 28 -3.77 -3.76 -2.67
N GLN B 29 -3.92 -4.33 -1.49
CA GLN B 29 -5.03 -4.02 -0.61
C GLN B 29 -4.93 -2.59 -0.07
N LEU B 30 -3.74 -2.18 0.32
CA LEU B 30 -3.55 -0.84 0.86
C LEU B 30 -3.79 0.22 -0.21
N LEU B 31 -3.40 -0.09 -1.46
CA LEU B 31 -3.67 0.79 -2.58
C LEU B 31 -5.17 0.88 -2.81
N THR B 32 -5.83 -0.25 -2.64
CA THR B 32 -7.27 -0.32 -2.85
C THR B 32 -8.00 0.52 -1.82
N ALA B 33 -7.61 0.34 -0.56
CA ALA B 33 -8.27 1.01 0.56
C ALA B 33 -8.09 2.52 0.51
N GLU B 34 -6.87 2.97 0.23
CA GLU B 34 -6.57 4.40 0.20
C GLU B 34 -7.40 5.09 -0.88
N ILE B 35 -7.58 4.42 -2.00
CA ILE B 35 -8.40 4.94 -3.08
C ILE B 35 -9.85 5.03 -2.64
N GLU B 36 -10.30 4.01 -1.92
CA GLU B 36 -11.65 3.98 -1.36
C GLU B 36 -11.85 5.18 -0.44
N LYS B 37 -10.82 5.49 0.34
CA LYS B 37 -10.89 6.56 1.33
C LYS B 37 -11.07 7.93 0.68
N ILE B 38 -10.29 8.18 -0.36
CA ILE B 38 -10.39 9.45 -1.09
C ILE B 38 -11.72 9.54 -1.81
N GLN B 39 -12.15 8.43 -2.39
CA GLN B 39 -13.39 8.38 -3.16
C GLN B 39 -14.63 8.42 -2.25
N LYS B 40 -14.47 8.01 -0.99
CA LYS B 40 -15.57 8.05 -0.03
C LYS B 40 -15.87 9.49 0.39
N GLY B 41 -14.83 10.26 0.59
CA GLY B 41 -15.00 11.58 1.16
C GLY B 41 -14.88 12.67 0.13
N PRO A 5 -4.42 -11.39 11.80
CA PRO A 5 -3.54 -11.23 12.96
C PRO A 5 -2.29 -10.44 12.61
N GLU A 6 -2.15 -9.29 13.25
CA GLU A 6 -1.07 -8.35 12.97
C GLU A 6 0.29 -9.00 13.16
N ASN A 7 0.35 -10.03 14.01
CA ASN A 7 1.59 -10.74 14.26
C ASN A 7 2.11 -11.38 12.98
N LYS A 8 1.19 -11.86 12.15
CA LYS A 8 1.56 -12.45 10.86
C LYS A 8 1.49 -11.42 9.75
N TYR A 9 0.59 -10.46 9.90
CA TYR A 9 0.38 -9.40 8.93
C TYR A 9 1.64 -8.53 8.75
N LEU A 10 2.40 -8.35 9.84
CA LEU A 10 3.58 -7.49 9.82
C LEU A 10 4.68 -8.01 8.89
N PRO A 11 5.14 -9.28 9.06
CA PRO A 11 6.18 -9.85 8.20
C PRO A 11 5.71 -9.94 6.74
N GLU A 12 4.40 -10.07 6.57
CA GLU A 12 3.80 -10.04 5.25
C GLU A 12 4.07 -8.70 4.58
N LEU A 13 3.87 -7.63 5.34
CA LEU A 13 4.06 -6.28 4.84
C LEU A 13 5.51 -6.04 4.47
N MET A 14 6.42 -6.45 5.36
CA MET A 14 7.85 -6.25 5.12
C MET A 14 8.33 -7.05 3.91
N ALA A 15 7.77 -8.23 3.71
CA ALA A 15 8.17 -9.06 2.58
C ALA A 15 7.71 -8.45 1.27
N GLU A 16 6.46 -8.02 1.21
CA GLU A 16 5.95 -7.34 0.02
C GLU A 16 6.67 -6.01 -0.16
N LYS A 17 6.89 -5.37 0.97
CA LYS A 17 7.58 -4.08 0.96
C LYS A 17 8.95 -4.17 0.28
N ASP A 18 9.78 -5.11 0.71
CA ASP A 18 11.14 -5.21 0.19
C ASP A 18 11.19 -5.91 -1.17
N SER A 19 10.08 -6.46 -1.61
CA SER A 19 10.01 -7.14 -2.89
C SER A 19 9.32 -6.29 -3.95
N LEU A 20 8.66 -5.22 -3.49
CA LEU A 20 7.88 -4.36 -4.36
C LEU A 20 8.78 -3.39 -5.10
N ASP A 21 8.41 -3.10 -6.35
CA ASP A 21 9.19 -2.18 -7.18
C ASP A 21 9.03 -0.75 -6.68
N PRO A 22 10.15 -0.03 -6.50
CA PRO A 22 10.16 1.33 -5.95
C PRO A 22 9.44 2.34 -6.83
N SER A 23 9.20 1.99 -8.09
CA SER A 23 8.49 2.87 -9.01
C SER A 23 7.07 3.13 -8.53
N PHE A 24 6.58 2.25 -7.67
CA PHE A 24 5.27 2.45 -7.08
C PHE A 24 5.44 3.16 -5.75
N THR A 25 5.56 4.47 -5.81
CA THR A 25 5.86 5.29 -4.65
C THR A 25 4.80 5.11 -3.56
N HIS A 26 3.54 5.26 -3.94
CA HIS A 26 2.45 5.22 -2.98
C HIS A 26 2.25 3.83 -2.43
N ALA A 27 2.32 2.83 -3.31
CA ALA A 27 2.25 1.43 -2.90
C ALA A 27 3.35 1.11 -1.90
N MET A 28 4.52 1.64 -2.18
CA MET A 28 5.68 1.47 -1.32
C MET A 28 5.51 2.24 -0.02
N GLN A 29 4.93 3.41 -0.14
CA GLN A 29 4.71 4.28 1.03
C GLN A 29 3.65 3.68 1.96
N LEU A 30 2.56 3.19 1.40
CA LEU A 30 1.48 2.64 2.21
C LEU A 30 1.93 1.36 2.92
N LEU A 31 2.76 0.58 2.23
CA LEU A 31 3.35 -0.61 2.84
C LEU A 31 4.24 -0.20 4.00
N THR A 32 4.96 0.89 3.80
CA THR A 32 5.90 1.35 4.81
C THR A 32 5.15 1.87 6.04
N ALA A 33 4.13 2.68 5.78
CA ALA A 33 3.34 3.30 6.85
C ALA A 33 2.64 2.26 7.71
N GLU A 34 2.04 1.26 7.08
CA GLU A 34 1.32 0.23 7.81
C GLU A 34 2.26 -0.54 8.72
N ILE A 35 3.48 -0.76 8.23
CA ILE A 35 4.49 -1.41 9.03
C ILE A 35 4.83 -0.57 10.25
N GLU A 36 4.96 0.73 10.05
CA GLU A 36 5.25 1.67 11.14
C GLU A 36 4.18 1.56 12.23
N LYS A 37 2.93 1.41 11.79
CA LYS A 37 1.80 1.30 12.69
C LYS A 37 1.90 0.05 13.56
N ILE A 38 2.30 -1.06 12.96
CA ILE A 38 2.49 -2.29 13.72
C ILE A 38 3.79 -2.23 14.53
N GLN A 39 4.84 -1.68 13.93
CA GLN A 39 6.16 -1.58 14.58
C GLN A 39 6.07 -0.81 15.88
N LYS A 40 5.28 0.26 15.89
CA LYS A 40 5.15 1.10 17.08
C LYS A 40 4.42 0.36 18.20
N GLY A 41 3.59 -0.61 17.82
CA GLY A 41 2.78 -1.31 18.79
C GLY A 41 1.45 -0.61 18.98
N PRO B 5 -1.74 16.72 -2.42
CA PRO B 5 -3.12 17.00 -2.80
C PRO B 5 -3.83 15.73 -3.28
N GLU B 6 -4.87 15.38 -2.55
CA GLU B 6 -5.61 14.14 -2.79
C GLU B 6 -6.19 14.09 -4.20
N ASN B 7 -6.40 15.26 -4.78
CA ASN B 7 -6.92 15.36 -6.14
C ASN B 7 -5.95 14.72 -7.13
N LYS B 8 -4.65 14.86 -6.86
CA LYS B 8 -3.64 14.25 -7.70
C LYS B 8 -3.21 12.90 -7.14
N TYR B 9 -3.27 12.78 -5.83
CA TYR B 9 -2.88 11.56 -5.13
C TYR B 9 -3.77 10.37 -5.52
N LEU B 10 -5.04 10.63 -5.81
CA LEU B 10 -6.00 9.57 -6.14
C LEU B 10 -5.63 8.83 -7.44
N PRO B 11 -5.46 9.55 -8.59
CA PRO B 11 -5.10 8.91 -9.85
C PRO B 11 -3.73 8.23 -9.76
N GLU B 12 -2.88 8.75 -8.90
CA GLU B 12 -1.61 8.13 -8.60
C GLU B 12 -1.82 6.74 -8.03
N LEU B 13 -2.73 6.64 -7.08
CA LEU B 13 -3.03 5.38 -6.41
C LEU B 13 -3.59 4.37 -7.40
N MET B 14 -4.54 4.82 -8.23
CA MET B 14 -5.19 3.94 -9.20
C MET B 14 -4.20 3.45 -10.24
N ALA B 15 -3.24 4.31 -10.62
CA ALA B 15 -2.25 3.92 -11.62
C ALA B 15 -1.29 2.88 -11.07
N GLU B 16 -0.80 3.11 -9.86
CA GLU B 16 0.08 2.13 -9.20
C GLU B 16 -0.73 0.86 -8.90
N LYS B 17 -1.96 1.08 -8.49
CA LYS B 17 -2.86 -0.03 -8.18
C LYS B 17 -3.01 -0.99 -9.36
N ASP B 18 -3.34 -0.46 -10.53
CA ASP B 18 -3.61 -1.32 -11.67
C ASP B 18 -2.33 -1.78 -12.37
N SER B 19 -1.20 -1.24 -11.96
CA SER B 19 0.08 -1.62 -12.54
C SER B 19 0.86 -2.55 -11.61
N LEU B 20 0.41 -2.63 -10.37
CA LEU B 20 1.10 -3.40 -9.34
C LEU B 20 0.78 -4.89 -9.48
N ASP B 21 1.77 -5.73 -9.20
CA ASP B 21 1.61 -7.18 -9.31
C ASP B 21 0.71 -7.69 -8.19
N PRO B 22 -0.30 -8.51 -8.54
CA PRO B 22 -1.30 -9.01 -7.59
C PRO B 22 -0.70 -9.92 -6.51
N SER B 23 0.52 -10.41 -6.75
CA SER B 23 1.20 -11.26 -5.77
C SER B 23 1.45 -10.51 -4.47
N PHE B 24 1.43 -9.19 -4.55
CA PHE B 24 1.56 -8.37 -3.37
C PHE B 24 0.19 -8.03 -2.83
N THR B 25 -0.38 -8.97 -2.08
CA THR B 25 -1.75 -8.84 -1.61
C THR B 25 -1.96 -7.58 -0.77
N HIS B 26 -1.09 -7.39 0.21
CA HIS B 26 -1.24 -6.28 1.13
C HIS B 26 -0.95 -4.95 0.46
N ALA B 27 0.08 -4.92 -0.37
CA ALA B 27 0.41 -3.74 -1.17
C ALA B 27 -0.75 -3.36 -2.05
N MET B 28 -1.37 -4.38 -2.63
CA MET B 28 -2.53 -4.19 -3.49
C MET B 28 -3.74 -3.77 -2.68
N GLN B 29 -3.87 -4.34 -1.50
CA GLN B 29 -4.97 -4.03 -0.61
C GLN B 29 -4.88 -2.60 -0.08
N LEU B 30 -3.70 -2.20 0.35
CA LEU B 30 -3.53 -0.86 0.91
C LEU B 30 -3.74 0.21 -0.15
N LEU B 31 -3.32 -0.09 -1.38
CA LEU B 31 -3.58 0.81 -2.50
C LEU B 31 -5.07 0.92 -2.74
N THR B 32 -5.76 -0.20 -2.59
CA THR B 32 -7.18 -0.24 -2.86
C THR B 32 -7.94 0.55 -1.78
N ALA B 33 -7.58 0.31 -0.54
CA ALA B 33 -8.24 0.94 0.60
C ALA B 33 -8.09 2.46 0.58
N GLU B 34 -6.87 2.92 0.31
CA GLU B 34 -6.61 4.37 0.28
C GLU B 34 -7.45 5.03 -0.81
N ILE B 35 -7.62 4.33 -1.93
CA ILE B 35 -8.44 4.83 -3.00
C ILE B 35 -9.89 4.95 -2.54
N GLU B 36 -10.36 3.94 -1.81
CA GLU B 36 -11.72 3.94 -1.27
C GLU B 36 -11.94 5.16 -0.39
N LYS B 37 -10.92 5.50 0.39
CA LYS B 37 -10.96 6.64 1.30
C LYS B 37 -11.14 7.95 0.52
N ILE B 38 -10.41 8.10 -0.57
CA ILE B 38 -10.55 9.28 -1.40
C ILE B 38 -11.85 9.23 -2.22
N GLN B 39 -12.18 8.04 -2.74
CA GLN B 39 -13.37 7.83 -3.56
C GLN B 39 -14.63 8.23 -2.82
N LYS B 40 -14.69 7.90 -1.54
CA LYS B 40 -15.87 8.19 -0.72
C LYS B 40 -16.03 9.69 -0.51
N GLY B 41 -14.92 10.42 -0.57
CA GLY B 41 -14.93 11.82 -0.26
C GLY B 41 -14.68 12.07 1.22
N PRO A 5 -2.38 -14.30 9.68
CA PRO A 5 -2.59 -14.24 11.11
C PRO A 5 -2.20 -12.88 11.67
N GLU A 6 -2.53 -12.67 12.93
CA GLU A 6 -2.62 -11.33 13.51
C GLU A 6 -1.28 -10.62 13.59
N ASN A 7 -0.25 -11.33 14.03
CA ASN A 7 1.09 -10.75 14.17
C ASN A 7 1.83 -10.90 12.86
N LYS A 8 1.75 -12.09 12.28
CA LYS A 8 2.39 -12.39 11.01
C LYS A 8 1.96 -11.45 9.89
N TYR A 9 0.95 -10.64 10.14
CA TYR A 9 0.54 -9.59 9.22
C TYR A 9 1.70 -8.61 8.97
N LEU A 10 2.51 -8.42 10.00
CA LEU A 10 3.65 -7.51 9.94
C LEU A 10 4.74 -7.99 8.96
N PRO A 11 5.28 -9.22 9.14
CA PRO A 11 6.31 -9.76 8.24
C PRO A 11 5.83 -9.89 6.80
N GLU A 12 4.52 -10.08 6.62
CA GLU A 12 3.95 -10.13 5.29
C GLU A 12 4.15 -8.78 4.60
N LEU A 13 3.89 -7.72 5.34
CA LEU A 13 4.03 -6.36 4.83
C LEU A 13 5.49 -6.07 4.49
N MET A 14 6.39 -6.44 5.39
CA MET A 14 7.82 -6.20 5.19
C MET A 14 8.36 -6.98 3.99
N ALA A 15 7.84 -8.17 3.77
CA ALA A 15 8.28 -8.99 2.65
C ALA A 15 7.84 -8.39 1.32
N GLU A 16 6.57 -7.97 1.25
CA GLU A 16 6.07 -7.32 0.04
C GLU A 16 6.77 -5.97 -0.13
N LYS A 17 6.97 -5.31 0.99
CA LYS A 17 7.67 -4.03 0.98
C LYS A 17 9.08 -4.18 0.39
N ASP A 18 9.80 -5.20 0.82
CA ASP A 18 11.14 -5.46 0.33
C ASP A 18 11.14 -5.89 -1.14
N SER A 19 10.08 -6.56 -1.56
CA SER A 19 10.03 -7.17 -2.89
C SER A 19 9.35 -6.27 -3.92
N LEU A 20 8.64 -5.25 -3.45
CA LEU A 20 7.85 -4.39 -4.33
C LEU A 20 8.76 -3.44 -5.10
N ASP A 21 8.38 -3.16 -6.34
CA ASP A 21 9.14 -2.29 -7.22
C ASP A 21 9.02 -0.83 -6.74
N PRO A 22 10.16 -0.14 -6.62
CA PRO A 22 10.22 1.24 -6.11
C PRO A 22 9.50 2.27 -7.00
N SER A 23 9.22 1.87 -8.24
CA SER A 23 8.50 2.76 -9.16
C SER A 23 7.09 3.06 -8.63
N PHE A 24 6.60 2.21 -7.74
CA PHE A 24 5.29 2.41 -7.13
C PHE A 24 5.45 3.13 -5.80
N THR A 25 5.53 4.44 -5.86
CA THR A 25 5.75 5.26 -4.67
C THR A 25 4.66 5.05 -3.63
N HIS A 26 3.42 5.13 -4.06
CA HIS A 26 2.29 5.06 -3.14
C HIS A 26 2.14 3.66 -2.56
N ALA A 27 2.26 2.65 -3.41
CA ALA A 27 2.20 1.27 -2.95
C ALA A 27 3.29 1.00 -1.93
N MET A 28 4.46 1.57 -2.19
CA MET A 28 5.59 1.45 -1.31
C MET A 28 5.39 2.22 -0.01
N GLN A 29 4.78 3.40 -0.13
CA GLN A 29 4.56 4.25 1.05
C GLN A 29 3.52 3.62 1.97
N LEU A 30 2.45 3.11 1.40
CA LEU A 30 1.36 2.57 2.17
C LEU A 30 1.78 1.28 2.88
N LEU A 31 2.62 0.48 2.22
CA LEU A 31 3.20 -0.70 2.83
C LEU A 31 4.05 -0.28 4.03
N THR A 32 4.74 0.82 3.86
CA THR A 32 5.64 1.30 4.89
C THR A 32 4.85 1.82 6.09
N ALA A 33 3.80 2.58 5.81
CA ALA A 33 2.97 3.18 6.84
C ALA A 33 2.29 2.14 7.70
N GLU A 34 1.72 1.11 7.08
CA GLU A 34 1.04 0.05 7.82
C GLU A 34 2.00 -0.69 8.73
N ILE A 35 3.22 -0.88 8.23
CA ILE A 35 4.26 -1.50 9.03
C ILE A 35 4.55 -0.66 10.26
N GLU A 36 4.62 0.65 10.05
CA GLU A 36 4.81 1.59 11.16
C GLU A 36 3.70 1.42 12.18
N LYS A 37 2.46 1.30 11.69
CA LYS A 37 1.29 1.22 12.56
C LYS A 37 1.40 0.03 13.51
N ILE A 38 1.78 -1.12 12.97
CA ILE A 38 1.97 -2.32 13.78
C ILE A 38 3.16 -2.14 14.74
N GLN A 39 4.26 -1.64 14.21
CA GLN A 39 5.50 -1.50 14.97
C GLN A 39 5.39 -0.47 16.09
N LYS A 40 4.61 0.59 15.88
CA LYS A 40 4.45 1.64 16.89
C LYS A 40 3.75 1.10 18.13
N GLY A 41 2.93 0.10 17.91
CA GLY A 41 2.08 -0.41 18.95
C GLY A 41 2.86 -1.19 20.00
N PRO B 5 -0.01 16.32 -6.15
CA PRO B 5 -0.99 17.30 -5.75
C PRO B 5 -2.19 16.64 -5.08
N GLU B 6 -3.05 17.46 -4.51
CA GLU B 6 -4.00 17.02 -3.50
C GLU B 6 -5.06 16.07 -4.02
N ASN B 7 -5.61 16.35 -5.19
CA ASN B 7 -6.63 15.51 -5.80
C ASN B 7 -5.97 14.43 -6.64
N LYS B 8 -4.99 14.85 -7.43
CA LYS B 8 -4.24 13.95 -8.30
C LYS B 8 -3.57 12.81 -7.51
N TYR B 9 -3.59 12.89 -6.19
CA TYR B 9 -3.13 11.81 -5.34
C TYR B 9 -3.94 10.54 -5.60
N LEU B 10 -5.21 10.73 -5.94
CA LEU B 10 -6.13 9.63 -6.20
C LEU B 10 -5.75 8.83 -7.47
N PRO B 11 -5.65 9.49 -8.65
CA PRO B 11 -5.27 8.81 -9.89
C PRO B 11 -3.88 8.18 -9.82
N GLU B 12 -3.01 8.74 -9.00
CA GLU B 12 -1.70 8.15 -8.78
C GLU B 12 -1.85 6.76 -8.16
N LEU B 13 -2.72 6.68 -7.16
CA LEU B 13 -2.98 5.43 -6.47
C LEU B 13 -3.60 4.40 -7.41
N MET B 14 -4.58 4.84 -8.20
CA MET B 14 -5.26 3.95 -9.14
C MET B 14 -4.30 3.43 -10.21
N ALA B 15 -3.36 4.27 -10.64
CA ALA B 15 -2.39 3.87 -11.66
C ALA B 15 -1.43 2.82 -11.12
N GLU B 16 -0.91 3.05 -9.92
CA GLU B 16 -0.03 2.07 -9.28
C GLU B 16 -0.83 0.81 -8.96
N LYS B 17 -2.05 1.03 -8.52
CA LYS B 17 -2.95 -0.09 -8.21
C LYS B 17 -3.16 -0.97 -9.44
N ASP B 18 -3.40 -0.36 -10.59
CA ASP B 18 -3.62 -1.09 -11.83
C ASP B 18 -2.34 -1.77 -12.32
N SER B 19 -1.19 -1.16 -12.01
CA SER B 19 0.08 -1.61 -12.56
C SER B 19 0.83 -2.55 -11.61
N LEU B 20 0.41 -2.59 -10.36
CA LEU B 20 1.10 -3.36 -9.34
C LEU B 20 0.81 -4.85 -9.50
N ASP B 21 1.82 -5.66 -9.22
CA ASP B 21 1.71 -7.11 -9.34
C ASP B 21 0.82 -7.68 -8.25
N PRO B 22 -0.16 -8.53 -8.62
CA PRO B 22 -1.16 -9.09 -7.69
C PRO B 22 -0.56 -9.99 -6.62
N SER B 23 0.68 -10.44 -6.84
CA SER B 23 1.36 -11.29 -5.86
C SER B 23 1.55 -10.53 -4.54
N PHE B 24 1.51 -9.21 -4.60
CA PHE B 24 1.62 -8.39 -3.41
C PHE B 24 0.25 -8.04 -2.87
N THR B 25 -0.32 -8.94 -2.08
CA THR B 25 -1.65 -8.79 -1.55
C THR B 25 -1.80 -7.51 -0.72
N HIS B 26 -0.87 -7.31 0.20
CA HIS B 26 -0.94 -6.19 1.12
C HIS B 26 -0.72 -4.87 0.40
N ALA B 27 0.28 -4.83 -0.45
CA ALA B 27 0.56 -3.64 -1.24
C ALA B 27 -0.66 -3.28 -2.09
N MET B 28 -1.29 -4.31 -2.62
CA MET B 28 -2.48 -4.13 -3.43
C MET B 28 -3.67 -3.70 -2.57
N GLN B 29 -3.78 -4.25 -1.38
CA GLN B 29 -4.91 -3.94 -0.50
C GLN B 29 -4.81 -2.50 -0.02
N LEU B 30 -3.61 -2.09 0.38
CA LEU B 30 -3.40 -0.79 0.95
C LEU B 30 -3.60 0.32 -0.09
N LEU B 31 -3.20 0.02 -1.33
CA LEU B 31 -3.47 0.92 -2.45
C LEU B 31 -4.96 1.06 -2.64
N THR B 32 -5.66 -0.04 -2.46
CA THR B 32 -7.10 -0.05 -2.67
C THR B 32 -7.80 0.74 -1.58
N ALA B 33 -7.38 0.51 -0.33
CA ALA B 33 -7.98 1.15 0.82
C ALA B 33 -7.84 2.68 0.76
N GLU B 34 -6.64 3.16 0.44
CA GLU B 34 -6.40 4.60 0.36
C GLU B 34 -7.27 5.24 -0.71
N ILE B 35 -7.44 4.52 -1.82
CA ILE B 35 -8.29 4.99 -2.89
C ILE B 35 -9.72 5.12 -2.38
N GLU B 36 -10.16 4.13 -1.61
CA GLU B 36 -11.48 4.17 -0.99
C GLU B 36 -11.61 5.41 -0.12
N LYS B 37 -10.57 5.70 0.65
CA LYS B 37 -10.59 6.82 1.60
C LYS B 37 -10.86 8.13 0.89
N ILE B 38 -10.16 8.35 -0.21
CA ILE B 38 -10.36 9.55 -1.02
C ILE B 38 -11.75 9.55 -1.66
N GLN B 39 -12.13 8.41 -2.24
CA GLN B 39 -13.38 8.29 -2.97
C GLN B 39 -14.61 8.42 -2.05
N LYS B 40 -14.51 7.93 -0.82
CA LYS B 40 -15.63 8.00 0.13
C LYS B 40 -15.95 9.44 0.48
N GLY B 41 -14.94 10.29 0.41
CA GLY B 41 -15.10 11.65 0.86
C GLY B 41 -15.94 12.47 -0.09
N PRO A 5 -3.45 -14.03 8.84
CA PRO A 5 -3.02 -13.97 10.24
C PRO A 5 -2.80 -12.55 10.72
N GLU A 6 -3.03 -12.35 12.00
CA GLU A 6 -3.03 -11.02 12.58
C GLU A 6 -1.62 -10.50 12.83
N ASN A 7 -0.72 -11.34 13.31
CA ASN A 7 0.66 -10.92 13.60
C ASN A 7 1.54 -11.09 12.38
N LYS A 8 1.49 -12.28 11.79
CA LYS A 8 2.25 -12.61 10.59
C LYS A 8 1.93 -11.64 9.44
N TYR A 9 0.94 -10.79 9.62
CA TYR A 9 0.61 -9.73 8.69
C TYR A 9 1.78 -8.75 8.56
N LEU A 10 2.54 -8.61 9.65
CA LEU A 10 3.69 -7.70 9.70
C LEU A 10 4.82 -8.16 8.76
N PRO A 11 5.34 -9.41 8.92
CA PRO A 11 6.38 -9.96 8.03
C PRO A 11 5.88 -10.05 6.59
N GLU A 12 4.58 -10.19 6.42
CA GLU A 12 3.97 -10.16 5.11
C GLU A 12 4.21 -8.80 4.45
N LEU A 13 3.98 -7.75 5.22
CA LEU A 13 4.16 -6.40 4.76
C LEU A 13 5.62 -6.12 4.44
N MET A 14 6.51 -6.56 5.33
CA MET A 14 7.95 -6.36 5.14
C MET A 14 8.44 -7.11 3.91
N ALA A 15 7.87 -8.29 3.65
CA ALA A 15 8.27 -9.08 2.49
C ALA A 15 7.82 -8.43 1.19
N GLU A 16 6.57 -7.99 1.14
CA GLU A 16 6.06 -7.30 -0.04
C GLU A 16 6.76 -5.96 -0.20
N LYS A 17 6.94 -5.31 0.94
CA LYS A 17 7.62 -4.01 0.95
C LYS A 17 9.01 -4.10 0.31
N ASP A 18 9.81 -5.05 0.76
CA ASP A 18 11.19 -5.15 0.30
C ASP A 18 11.28 -5.83 -1.07
N SER A 19 10.17 -6.35 -1.56
CA SER A 19 10.15 -6.99 -2.87
C SER A 19 9.48 -6.10 -3.92
N LEU A 20 8.65 -5.17 -3.45
CA LEU A 20 7.88 -4.30 -4.33
C LEU A 20 8.80 -3.32 -5.03
N ASP A 21 8.48 -3.02 -6.28
CA ASP A 21 9.28 -2.12 -7.09
C ASP A 21 9.08 -0.66 -6.66
N PRO A 22 10.18 0.08 -6.48
CA PRO A 22 10.16 1.46 -5.95
C PRO A 22 9.41 2.44 -6.85
N SER A 23 9.18 2.07 -8.11
CA SER A 23 8.48 2.93 -9.04
C SER A 23 7.05 3.17 -8.56
N PHE A 24 6.54 2.26 -7.73
CA PHE A 24 5.24 2.44 -7.13
C PHE A 24 5.41 3.13 -5.77
N THR A 25 5.56 4.44 -5.82
CA THR A 25 5.86 5.22 -4.64
C THR A 25 4.78 5.10 -3.57
N HIS A 26 3.54 5.23 -4.00
CA HIS A 26 2.42 5.25 -3.06
C HIS A 26 2.22 3.86 -2.46
N ALA A 27 2.29 2.84 -3.31
CA ALA A 27 2.20 1.45 -2.86
C ALA A 27 3.30 1.14 -1.85
N MET A 28 4.48 1.67 -2.14
CA MET A 28 5.64 1.48 -1.29
C MET A 28 5.48 2.24 0.02
N GLN A 29 4.94 3.44 -0.06
CA GLN A 29 4.73 4.25 1.12
C GLN A 29 3.65 3.65 2.03
N LEU A 30 2.57 3.17 1.44
CA LEU A 30 1.48 2.59 2.23
C LEU A 30 1.94 1.33 2.94
N LEU A 31 2.82 0.56 2.28
CA LEU A 31 3.40 -0.62 2.89
C LEU A 31 4.28 -0.21 4.06
N THR A 32 4.99 0.88 3.88
CA THR A 32 5.87 1.39 4.92
C THR A 32 5.08 1.76 6.17
N ALA A 33 4.00 2.51 5.95
CA ALA A 33 3.18 3.02 7.02
C ALA A 33 2.49 1.91 7.81
N GLU A 34 1.89 0.95 7.09
CA GLU A 34 1.13 -0.12 7.75
C GLU A 34 2.01 -0.92 8.68
N ILE A 35 3.25 -1.13 8.25
CA ILE A 35 4.22 -1.83 9.07
C ILE A 35 4.43 -1.07 10.38
N GLU A 36 4.50 0.25 10.27
CA GLU A 36 4.65 1.11 11.42
C GLU A 36 3.52 0.88 12.43
N LYS A 37 2.27 0.75 11.95
CA LYS A 37 1.12 0.56 12.83
C LYS A 37 1.34 -0.67 13.71
N ILE A 38 1.70 -1.77 13.09
CA ILE A 38 1.90 -3.02 13.79
C ILE A 38 3.11 -2.94 14.72
N GLN A 39 4.11 -2.18 14.30
CA GLN A 39 5.33 -2.02 15.08
C GLN A 39 5.11 -1.11 16.30
N LYS A 40 4.29 -0.08 16.12
CA LYS A 40 4.02 0.87 17.21
C LYS A 40 3.09 0.25 18.24
N GLY A 41 2.18 -0.58 17.78
CA GLY A 41 1.15 -1.11 18.64
C GLY A 41 1.63 -2.25 19.50
N PRO B 5 1.11 16.06 -5.28
CA PRO B 5 -0.18 16.75 -5.38
C PRO B 5 -1.26 16.07 -4.53
N GLU B 6 -2.19 16.87 -4.06
CA GLU B 6 -3.19 16.41 -3.12
C GLU B 6 -4.32 15.64 -3.78
N ASN B 7 -4.77 16.10 -4.94
CA ASN B 7 -5.87 15.44 -5.65
C ASN B 7 -5.35 14.37 -6.60
N LYS B 8 -4.36 14.77 -7.41
CA LYS B 8 -3.73 13.86 -8.36
C LYS B 8 -3.10 12.65 -7.66
N TYR B 9 -3.10 12.66 -6.34
CA TYR B 9 -2.68 11.52 -5.53
C TYR B 9 -3.59 10.33 -5.80
N LEU B 10 -4.86 10.61 -6.12
CA LEU B 10 -5.87 9.58 -6.38
C LEU B 10 -5.54 8.80 -7.66
N PRO B 11 -5.40 9.45 -8.83
CA PRO B 11 -5.03 8.78 -10.08
C PRO B 11 -3.67 8.11 -9.99
N GLU B 12 -2.81 8.65 -9.12
CA GLU B 12 -1.53 8.04 -8.84
C GLU B 12 -1.74 6.65 -8.24
N LEU B 13 -2.65 6.59 -7.27
CA LEU B 13 -2.97 5.35 -6.59
C LEU B 13 -3.58 4.36 -7.56
N MET B 14 -4.53 4.83 -8.37
CA MET B 14 -5.20 3.97 -9.33
C MET B 14 -4.21 3.43 -10.37
N ALA B 15 -3.23 4.26 -10.75
CA ALA B 15 -2.23 3.84 -11.73
C ALA B 15 -1.31 2.77 -11.15
N GLU B 16 -0.81 3.00 -9.95
CA GLU B 16 0.04 2.01 -9.28
C GLU B 16 -0.77 0.76 -8.96
N LYS B 17 -1.99 1.00 -8.51
CA LYS B 17 -2.90 -0.09 -8.17
C LYS B 17 -3.09 -1.04 -9.36
N ASP B 18 -3.42 -0.49 -10.51
CA ASP B 18 -3.74 -1.32 -11.67
C ASP B 18 -2.48 -1.82 -12.37
N SER B 19 -1.33 -1.33 -11.96
CA SER B 19 -0.06 -1.76 -12.54
C SER B 19 0.69 -2.71 -11.60
N LEU B 20 0.36 -2.65 -10.33
CA LEU B 20 1.05 -3.43 -9.30
C LEU B 20 0.68 -4.91 -9.45
N ASP B 21 1.66 -5.77 -9.20
CA ASP B 21 1.47 -7.22 -9.33
C ASP B 21 0.63 -7.76 -8.17
N PRO B 22 -0.38 -8.58 -8.48
CA PRO B 22 -1.35 -9.09 -7.50
C PRO B 22 -0.72 -9.99 -6.44
N SER B 23 0.50 -10.46 -6.68
CA SER B 23 1.20 -11.32 -5.73
C SER B 23 1.46 -10.56 -4.43
N PHE B 24 1.50 -9.23 -4.53
CA PHE B 24 1.63 -8.39 -3.35
C PHE B 24 0.25 -8.02 -2.84
N THR B 25 -0.35 -8.94 -2.12
CA THR B 25 -1.73 -8.80 -1.68
C THR B 25 -1.92 -7.57 -0.78
N HIS B 26 -1.02 -7.40 0.17
CA HIS B 26 -1.16 -6.33 1.15
C HIS B 26 -0.92 -4.98 0.49
N ALA B 27 0.11 -4.91 -0.35
CA ALA B 27 0.40 -3.71 -1.12
C ALA B 27 -0.77 -3.33 -2.01
N MET B 28 -1.39 -4.35 -2.58
CA MET B 28 -2.54 -4.17 -3.46
C MET B 28 -3.76 -3.73 -2.66
N GLN B 29 -3.92 -4.31 -1.48
CA GLN B 29 -5.04 -3.97 -0.62
C GLN B 29 -4.92 -2.54 -0.08
N LEU B 30 -3.72 -2.16 0.33
CA LEU B 30 -3.52 -0.83 0.89
C LEU B 30 -3.74 0.24 -0.18
N LEU B 31 -3.37 -0.07 -1.42
CA LEU B 31 -3.63 0.82 -2.55
C LEU B 31 -5.12 0.95 -2.76
N THR B 32 -5.82 -0.16 -2.60
CA THR B 32 -7.26 -0.18 -2.79
C THR B 32 -7.95 0.72 -1.78
N ALA B 33 -7.55 0.57 -0.52
CA ALA B 33 -8.15 1.29 0.57
C ALA B 33 -7.91 2.79 0.48
N GLU B 34 -6.67 3.20 0.21
CA GLU B 34 -6.31 4.62 0.18
C GLU B 34 -7.13 5.36 -0.88
N ILE B 35 -7.34 4.69 -1.99
CA ILE B 35 -8.15 5.24 -3.06
C ILE B 35 -9.56 5.52 -2.53
N GLU B 36 -10.07 4.59 -1.75
CA GLU B 36 -11.37 4.73 -1.14
C GLU B 36 -11.45 6.00 -0.30
N LYS B 37 -10.41 6.29 0.48
CA LYS B 37 -10.40 7.49 1.34
C LYS B 37 -10.65 8.74 0.51
N ILE B 38 -9.89 8.88 -0.57
CA ILE B 38 -9.99 10.04 -1.43
C ILE B 38 -11.34 10.08 -2.14
N GLN B 39 -11.86 8.91 -2.46
CA GLN B 39 -13.15 8.79 -3.16
C GLN B 39 -14.32 9.10 -2.22
N LYS B 40 -14.21 8.68 -0.97
CA LYS B 40 -15.28 8.90 0.00
C LYS B 40 -15.32 10.35 0.44
N GLY B 41 -14.16 10.97 0.52
CA GLY B 41 -14.05 12.30 1.07
C GLY B 41 -14.47 13.37 0.08
#